data_7QR6
#
_entry.id   7QR6
#
_cell.length_a   178.471
_cell.length_b   187.984
_cell.length_c   105.867
_cell.angle_alpha   90.000
_cell.angle_beta   90.000
_cell.angle_gamma   90.000
#
_symmetry.space_group_name_H-M   'C 2 2 2'
#
loop_
_entity.id
_entity.type
_entity.pdbx_description
1 polymer Dioxygenase
2 non-polymer 'FE (III) ION'
3 non-polymer 'OXYGEN MOLECULE'
4 water water
#
_entity_poly.entity_id   1
_entity_poly.type   'polypeptide(L)'
_entity_poly.pdbx_seq_one_letter_code
;MAQFPNTPSFTGFNTPSRIEADIADLAHEGTIPQGLNGAFYRVQPDPQFPPRLDDDIAFNGDGMITRFHIHDGQVDFRQR
WAKTDKWKLENAAGKALFGAYRNPLTDDEAVKGEIRSTANTNAFVFGGKLWAMKEDSPALVMDPATMETFGFEKFGGKMT
GQTFTAHPKVDPKTGNMVAIGYAASGLCTDDVTYMEVSPEGELVREVWFKVPYYCMMHDFGITEDYLVLHIVPSIGSWER
LEQGKPHFGFDTTMPVHLGIIPRRDGVRQEDIRWFTRDNCFAFHVLNAWQEGTKIHFVTCEAKNNMFPFFPDVHGAPFNG
MEAMSHPTDWVVDMASNGEDFAGIVKLSDTAAEFPRIDDRFTGQKTRHGWFLEMDMKRPVELRGGSAGGLLMNCLFHKDF
ETGREQHWWCGPVSSLQEPCFVPRAKDAPEGDGWIVQVCNRLEEQRSDLLIFDALDIEKGPVATVNIPIRLRFGLHGNWA
NADEIGLAEKVLAA
;
_entity_poly.pdbx_strand_id   A,B,C
#
loop_
_chem_comp.id
_chem_comp.type
_chem_comp.name
_chem_comp.formula
FE non-polymer 'FE (III) ION' 'Fe 3'
OXY non-polymer 'OXYGEN MOLECULE' O2
#
# COMPACT_ATOMS: atom_id res chain seq x y z
N PHE A 10 -2.59 -11.27 34.58
CA PHE A 10 -3.70 -12.17 35.02
C PHE A 10 -4.96 -11.89 34.18
N THR A 11 -4.83 -11.32 32.98
CA THR A 11 -5.97 -10.93 32.10
C THR A 11 -5.56 -10.97 30.61
N GLY A 12 -6.51 -11.32 29.74
CA GLY A 12 -6.38 -11.31 28.27
C GLY A 12 -6.15 -12.71 27.72
N PHE A 13 -5.10 -12.88 26.91
CA PHE A 13 -4.48 -14.18 26.55
C PHE A 13 -4.19 -14.97 27.84
N ASN A 14 -3.70 -14.29 28.88
CA ASN A 14 -3.12 -14.87 30.12
C ASN A 14 -4.13 -14.83 31.27
N THR A 15 -5.40 -15.08 31.01
CA THR A 15 -6.40 -15.43 32.06
C THR A 15 -5.98 -16.76 32.71
N PRO A 16 -5.95 -16.86 34.05
CA PRO A 16 -5.73 -18.15 34.70
C PRO A 16 -6.65 -19.24 34.12
N SER A 17 -6.21 -20.50 34.19
CA SER A 17 -6.93 -21.66 33.58
C SER A 17 -7.26 -22.67 34.67
N ARG A 18 -6.25 -23.28 35.28
CA ARG A 18 -6.38 -24.20 36.45
C ARG A 18 -7.24 -25.40 36.06
N ILE A 19 -7.45 -25.62 34.76
CA ILE A 19 -8.24 -26.76 34.23
C ILE A 19 -7.30 -27.95 34.09
N GLU A 20 -7.47 -28.99 34.91
CA GLU A 20 -7.04 -30.38 34.60
C GLU A 20 -8.12 -30.93 33.67
N ALA A 21 -7.76 -31.78 32.71
CA ALA A 21 -8.73 -32.29 31.70
C ALA A 21 -8.20 -33.51 30.94
N ASP A 22 -9.12 -34.19 30.26
CA ASP A 22 -8.84 -35.21 29.22
C ASP A 22 -9.83 -35.03 28.07
N ILE A 23 -9.38 -35.27 26.85
CA ILE A 23 -10.18 -35.22 25.59
C ILE A 23 -9.49 -36.19 24.64
N ALA A 24 -10.23 -37.14 24.07
CA ALA A 24 -9.68 -38.08 23.07
C ALA A 24 -9.94 -37.51 21.68
N ASP A 25 -9.09 -37.82 20.72
CA ASP A 25 -9.30 -37.54 19.28
C ASP A 25 -9.73 -36.09 19.02
N LEU A 26 -8.84 -35.13 19.24
CA LEU A 26 -9.06 -33.69 18.94
C LEU A 26 -9.32 -33.51 17.44
N ALA A 27 -10.21 -32.57 17.11
CA ALA A 27 -10.54 -32.13 15.74
C ALA A 27 -9.28 -31.51 15.12
N HIS A 28 -9.11 -31.63 13.80
CA HIS A 28 -7.93 -31.08 13.09
C HIS A 28 -8.22 -30.75 11.63
N GLU A 29 -7.47 -29.79 11.07
CA GLU A 29 -7.55 -29.33 9.66
C GLU A 29 -6.26 -29.76 8.94
N GLY A 30 -6.28 -30.91 8.26
CA GLY A 30 -5.13 -31.55 7.59
C GLY A 30 -5.07 -33.02 7.97
N THR A 31 -3.94 -33.70 7.75
CA THR A 31 -3.73 -35.10 8.21
C THR A 31 -2.55 -35.18 9.17
N ILE A 32 -2.79 -35.83 10.31
CA ILE A 32 -1.78 -36.12 11.35
C ILE A 32 -0.89 -37.25 10.86
N PRO A 33 0.43 -36.98 10.71
CA PRO A 33 1.38 -38.00 10.29
C PRO A 33 1.25 -39.33 11.04
N GLN A 34 1.10 -40.43 10.29
CA GLN A 34 0.93 -41.78 10.88
C GLN A 34 2.21 -42.17 11.63
N GLY A 35 3.36 -41.67 11.17
CA GLY A 35 4.68 -41.91 11.81
C GLY A 35 4.65 -41.59 13.29
N LEU A 36 3.98 -40.50 13.68
CA LEU A 36 3.96 -40.00 15.08
C LEU A 36 3.30 -41.04 15.99
N ASN A 37 4.09 -41.55 16.95
CA ASN A 37 3.62 -42.39 18.06
C ASN A 37 4.47 -42.04 19.28
N GLY A 38 3.96 -41.13 20.12
CA GLY A 38 4.62 -40.68 21.36
C GLY A 38 3.85 -39.53 21.96
N ALA A 39 4.53 -38.62 22.64
CA ALA A 39 3.86 -37.50 23.35
C ALA A 39 4.76 -36.25 23.41
N PHE A 40 4.18 -35.12 23.04
CA PHE A 40 4.71 -33.76 23.31
C PHE A 40 4.22 -33.32 24.69
N TYR A 41 5.13 -33.13 25.63
CA TYR A 41 4.84 -32.57 26.97
C TYR A 41 5.27 -31.10 26.99
N ARG A 42 4.40 -30.18 27.37
CA ARG A 42 4.78 -28.76 27.56
C ARG A 42 4.22 -28.28 28.89
N VAL A 43 4.77 -27.21 29.44
CA VAL A 43 4.38 -26.70 30.77
C VAL A 43 3.92 -25.25 30.64
N GLN A 44 2.93 -24.86 31.42
CA GLN A 44 2.50 -23.45 31.53
C GLN A 44 2.48 -23.04 33.01
N PRO A 45 3.11 -21.91 33.36
CA PRO A 45 2.85 -21.27 34.65
C PRO A 45 1.34 -20.97 34.73
N ASP A 46 0.71 -21.29 35.85
CA ASP A 46 -0.75 -21.17 36.04
C ASP A 46 -1.02 -21.15 37.55
N PRO A 47 -1.31 -19.99 38.15
CA PRO A 47 -1.44 -19.90 39.61
C PRO A 47 -2.71 -20.59 40.12
N GLN A 48 -2.57 -21.43 41.16
CA GLN A 48 -3.69 -22.18 41.80
C GLN A 48 -4.56 -21.22 42.63
N PHE A 49 -3.95 -20.19 43.23
CA PHE A 49 -4.64 -19.17 44.05
C PHE A 49 -4.25 -17.77 43.57
N PRO A 50 -5.05 -16.74 43.92
CA PRO A 50 -4.64 -15.36 43.65
C PRO A 50 -3.31 -15.07 44.35
N PRO A 51 -2.46 -14.22 43.71
CA PRO A 51 -1.11 -13.96 44.20
C PRO A 51 -1.09 -13.34 45.61
N ARG A 52 -0.13 -13.74 46.44
CA ARG A 52 0.06 -13.21 47.82
C ARG A 52 0.46 -11.72 47.75
N LEU A 53 1.40 -11.38 46.86
CA LEU A 53 1.87 -9.97 46.68
C LEU A 53 0.96 -9.25 45.66
N ASP A 54 1.42 -8.17 45.04
CA ASP A 54 0.58 -7.29 44.18
C ASP A 54 0.65 -7.76 42.72
N ASP A 55 1.63 -7.25 41.98
CA ASP A 55 1.83 -7.54 40.54
C ASP A 55 2.85 -8.68 40.43
N ASP A 56 2.44 -9.95 40.54
CA ASP A 56 3.38 -11.08 40.33
C ASP A 56 3.57 -11.34 38.83
N ILE A 57 4.69 -11.95 38.48
CA ILE A 57 5.10 -12.20 37.07
C ILE A 57 4.34 -13.43 36.58
N ALA A 58 4.14 -13.56 35.27
CA ALA A 58 3.58 -14.78 34.61
C ALA A 58 4.56 -15.93 34.84
N PHE A 59 5.85 -15.66 34.64
CA PHE A 59 7.00 -16.57 34.90
C PHE A 59 6.87 -17.24 36.26
N ASN A 60 5.96 -16.80 37.15
CA ASN A 60 5.95 -17.20 38.58
C ASN A 60 4.75 -18.08 38.94
N GLY A 61 3.80 -18.35 38.04
CA GLY A 61 2.64 -19.20 38.36
C GLY A 61 3.01 -20.67 38.57
N ASP A 62 2.17 -21.40 39.31
CA ASP A 62 2.29 -22.86 39.56
C ASP A 62 2.32 -23.64 38.24
N GLY A 63 3.09 -24.72 38.18
CA GLY A 63 3.27 -25.50 36.96
C GLY A 63 2.07 -26.38 36.63
N MET A 64 1.47 -26.18 35.46
CA MET A 64 0.44 -27.06 34.89
C MET A 64 1.01 -27.72 33.62
N ILE A 65 1.04 -29.07 33.60
CA ILE A 65 1.75 -29.89 32.57
C ILE A 65 0.77 -30.40 31.50
N THR A 66 0.81 -29.83 30.29
CA THR A 66 0.00 -30.35 29.16
C THR A 66 0.74 -31.50 28.48
N ARG A 67 0.04 -32.55 28.07
CA ARG A 67 0.61 -33.66 27.24
C ARG A 67 -0.28 -33.97 26.03
N PHE A 68 0.28 -33.88 24.83
CA PHE A 68 -0.40 -34.25 23.56
C PHE A 68 0.10 -35.62 23.09
N HIS A 69 -0.61 -36.70 23.48
CA HIS A 69 -0.34 -38.09 23.04
C HIS A 69 -0.81 -38.27 21.59
N ILE A 70 0.14 -38.40 20.66
CA ILE A 70 -0.13 -38.50 19.20
C ILE A 70 0.15 -39.94 18.78
N HIS A 71 -0.82 -40.60 18.13
CA HIS A 71 -0.76 -42.05 17.76
C HIS A 71 -1.92 -42.39 16.83
N ASP A 72 -1.67 -43.31 15.89
CA ASP A 72 -2.66 -43.84 14.93
C ASP A 72 -3.33 -42.67 14.20
N GLY A 73 -2.64 -41.54 14.06
CA GLY A 73 -3.16 -40.39 13.29
C GLY A 73 -4.22 -39.61 14.04
N GLN A 74 -4.24 -39.67 15.38
CA GLN A 74 -5.12 -38.83 16.22
C GLN A 74 -4.28 -38.15 17.31
N VAL A 75 -4.86 -37.13 17.95
CA VAL A 75 -4.26 -36.43 19.12
C VAL A 75 -5.23 -36.54 20.30
N ASP A 76 -4.68 -36.90 21.47
CA ASP A 76 -5.37 -36.95 22.79
C ASP A 76 -4.76 -35.86 23.65
N PHE A 77 -5.56 -35.23 24.48
CA PHE A 77 -5.12 -34.16 25.41
C PHE A 77 -5.16 -34.71 26.84
N ARG A 78 -4.22 -34.26 27.65
CA ARG A 78 -4.23 -34.47 29.11
C ARG A 78 -3.45 -33.32 29.74
N GLN A 79 -4.02 -32.69 30.76
CA GLN A 79 -3.38 -31.59 31.50
C GLN A 79 -3.56 -31.89 32.97
N ARG A 80 -2.47 -31.82 33.74
CA ARG A 80 -2.45 -32.14 35.19
C ARG A 80 -1.58 -31.09 35.88
N TRP A 81 -1.96 -30.71 37.09
CA TRP A 81 -1.07 -30.01 38.04
C TRP A 81 0.21 -30.82 38.22
N ALA A 82 1.36 -30.14 38.21
CA ALA A 82 2.59 -30.59 38.87
C ALA A 82 2.45 -30.25 40.36
N LYS A 83 2.28 -31.29 41.20
CA LYS A 83 1.92 -31.18 42.64
C LYS A 83 3.21 -31.04 43.46
N THR A 84 3.79 -29.84 43.35
CA THR A 84 4.92 -29.35 44.18
C THR A 84 4.49 -29.36 45.66
N ASP A 85 5.44 -29.54 46.56
CA ASP A 85 5.25 -29.18 47.99
C ASP A 85 4.45 -27.87 48.06
N LYS A 86 4.88 -26.83 47.31
CA LYS A 86 4.22 -25.50 47.35
C LYS A 86 2.73 -25.67 47.01
N TRP A 87 2.42 -26.35 45.93
CA TRP A 87 1.01 -26.54 45.45
C TRP A 87 0.21 -27.21 46.56
N LYS A 88 0.78 -28.22 47.21
CA LYS A 88 0.10 -29.06 48.25
C LYS A 88 -0.19 -28.20 49.48
N LEU A 89 0.85 -27.59 50.07
CA LEU A 89 0.72 -26.77 51.30
C LEU A 89 -0.36 -25.70 51.05
N GLU A 90 -0.24 -24.99 49.92
CA GLU A 90 -1.20 -23.94 49.49
C GLU A 90 -2.59 -24.54 49.30
N ASN A 91 -2.67 -25.73 48.73
CA ASN A 91 -3.96 -26.40 48.44
C ASN A 91 -4.67 -26.64 49.77
N ALA A 92 -3.96 -27.24 50.72
CA ALA A 92 -4.48 -27.61 52.05
C ALA A 92 -4.92 -26.33 52.76
N ALA A 93 -4.00 -25.37 52.84
CA ALA A 93 -4.18 -24.05 53.49
C ALA A 93 -5.27 -23.23 52.78
N GLY A 94 -5.57 -23.55 51.51
CA GLY A 94 -6.58 -22.88 50.67
C GLY A 94 -6.27 -21.42 50.42
N LYS A 95 -5.01 -21.08 50.17
CA LYS A 95 -4.52 -19.67 50.00
C LYS A 95 -3.03 -19.67 49.66
N ALA A 96 -2.57 -18.61 49.00
CA ALA A 96 -1.15 -18.31 48.70
C ALA A 96 -0.36 -18.21 50.02
N LEU A 97 0.74 -18.96 50.14
CA LEU A 97 1.65 -18.98 51.32
C LEU A 97 3.04 -18.46 50.93
N PHE A 98 3.41 -18.56 49.65
CA PHE A 98 4.71 -18.12 49.09
C PHE A 98 4.55 -16.78 48.35
N GLY A 99 5.63 -15.99 48.26
CA GLY A 99 5.61 -14.62 47.71
C GLY A 99 6.16 -14.54 46.30
N ALA A 100 7.06 -13.57 46.05
CA ALA A 100 7.61 -13.19 44.74
C ALA A 100 8.56 -14.26 44.19
N TYR A 101 8.84 -14.20 42.88
CA TYR A 101 9.84 -15.02 42.14
C TYR A 101 11.17 -14.97 42.90
N ARG A 102 11.65 -16.15 43.31
CA ARG A 102 12.98 -16.33 43.93
C ARG A 102 13.19 -15.25 45.01
N ASN A 103 12.26 -15.15 45.96
CA ASN A 103 12.37 -14.22 47.11
C ASN A 103 11.75 -14.89 48.34
N PRO A 104 12.49 -15.80 49.00
CA PRO A 104 11.99 -16.43 50.21
C PRO A 104 11.57 -15.43 51.30
N LEU A 105 12.15 -14.21 51.30
CA LEU A 105 11.90 -13.21 52.36
C LEU A 105 10.42 -12.84 52.42
N THR A 106 9.67 -12.91 51.32
CA THR A 106 8.23 -12.49 51.28
C THR A 106 7.28 -13.67 51.54
N ASP A 107 7.79 -14.84 51.95
CA ASP A 107 6.92 -16.02 52.25
C ASP A 107 6.28 -15.87 53.63
N ASP A 108 5.08 -16.43 53.82
CA ASP A 108 4.52 -16.70 55.17
C ASP A 108 5.61 -17.41 55.99
N GLU A 109 5.72 -17.11 57.30
CA GLU A 109 6.64 -17.83 58.22
C GLU A 109 6.24 -19.31 58.27
N ALA A 110 4.97 -19.65 58.03
CA ALA A 110 4.43 -21.03 58.06
C ALA A 110 5.13 -21.96 57.05
N VAL A 111 5.72 -21.41 55.98
CA VAL A 111 6.34 -22.21 54.88
C VAL A 111 7.86 -21.96 54.80
N LYS A 112 8.46 -21.32 55.81
CA LYS A 112 9.93 -21.14 55.94
C LYS A 112 10.63 -22.51 55.78
N GLY A 113 11.67 -22.56 54.95
CA GLY A 113 12.52 -23.75 54.77
C GLY A 113 11.91 -24.78 53.83
N GLU A 114 10.75 -24.49 53.24
CA GLU A 114 10.06 -25.39 52.29
C GLU A 114 10.70 -25.25 50.91
N ILE A 115 10.51 -26.25 50.03
CA ILE A 115 10.98 -26.20 48.63
C ILE A 115 9.99 -25.36 47.85
N ARG A 116 10.44 -24.20 47.35
CA ARG A 116 9.52 -23.15 46.82
C ARG A 116 9.09 -23.47 45.38
N SER A 117 9.63 -24.54 44.78
CA SER A 117 9.46 -24.84 43.34
C SER A 117 7.99 -24.79 42.94
N THR A 118 7.72 -24.14 41.81
CA THR A 118 6.43 -24.13 41.07
C THR A 118 6.52 -25.15 39.92
N ALA A 119 7.69 -25.77 39.73
CA ALA A 119 7.98 -26.77 38.68
C ALA A 119 7.33 -26.36 37.36
N ASN A 120 7.52 -25.10 36.97
CA ASN A 120 6.72 -24.43 35.91
C ASN A 120 7.54 -24.13 34.64
N THR A 121 8.82 -24.53 34.52
CA THR A 121 9.72 -23.99 33.48
C THR A 121 9.96 -25.00 32.36
N ASN A 122 10.15 -26.28 32.67
CA ASN A 122 10.29 -27.32 31.62
C ASN A 122 9.64 -28.63 32.05
N ALA A 123 9.18 -29.40 31.07
CA ALA A 123 8.57 -30.75 31.24
C ALA A 123 9.32 -31.71 30.32
N PHE A 124 9.97 -32.70 30.92
CA PHE A 124 11.07 -33.47 30.31
C PHE A 124 10.86 -34.94 30.71
N VAL A 125 10.92 -35.84 29.74
CA VAL A 125 10.85 -37.32 29.96
C VAL A 125 12.27 -37.88 29.93
N PHE A 126 12.66 -38.68 30.93
CA PHE A 126 13.99 -39.32 30.99
C PHE A 126 13.97 -40.45 32.01
N GLY A 127 14.59 -41.60 31.67
CA GLY A 127 14.58 -42.81 32.52
C GLY A 127 13.19 -43.15 33.03
N GLY A 128 12.19 -43.15 32.14
CA GLY A 128 10.80 -43.56 32.45
C GLY A 128 10.19 -42.76 33.60
N LYS A 129 10.49 -41.47 33.68
CA LYS A 129 9.85 -40.50 34.60
C LYS A 129 9.63 -39.18 33.84
N LEU A 130 8.69 -38.35 34.28
CA LEU A 130 8.45 -36.99 33.75
C LEU A 130 9.04 -36.00 34.76
N TRP A 131 9.89 -35.10 34.28
CA TRP A 131 10.64 -34.13 35.11
C TRP A 131 10.03 -32.75 34.90
N ALA A 132 9.46 -32.19 35.96
CA ALA A 132 8.86 -30.84 36.00
C ALA A 132 9.81 -29.95 36.78
N MET A 133 10.38 -28.94 36.11
CA MET A 133 11.69 -28.38 36.52
C MET A 133 11.57 -26.88 36.77
N LYS A 134 12.21 -26.47 37.86
CA LYS A 134 12.42 -25.07 38.26
C LYS A 134 13.84 -25.02 38.83
N GLU A 135 14.71 -24.24 38.19
CA GLU A 135 16.19 -24.33 38.34
C GLU A 135 16.63 -23.91 39.75
N ASP A 136 15.70 -23.47 40.58
CA ASP A 136 15.97 -23.05 41.98
C ASP A 136 15.75 -24.22 42.94
N SER A 137 15.45 -25.43 42.45
CA SER A 137 14.91 -26.54 43.28
C SER A 137 15.26 -27.90 42.71
N PRO A 138 15.06 -29.00 43.48
CA PRO A 138 15.15 -30.34 42.91
C PRO A 138 14.04 -30.46 41.84
N ALA A 139 14.29 -31.23 40.80
CA ALA A 139 13.27 -31.53 39.78
C ALA A 139 12.09 -32.16 40.51
N LEU A 140 10.84 -31.87 40.10
CA LEU A 140 9.69 -32.70 40.51
C LEU A 140 9.55 -33.84 39.49
N VAL A 141 9.48 -35.09 39.96
CA VAL A 141 9.23 -36.24 39.07
C VAL A 141 7.74 -36.60 39.13
N MET A 142 7.22 -37.08 38.00
CA MET A 142 5.79 -37.44 37.78
C MET A 142 5.77 -38.69 36.91
N ASP A 143 4.64 -39.42 36.89
CA ASP A 143 4.47 -40.62 36.04
C ASP A 143 4.18 -40.12 34.63
N PRO A 144 4.97 -40.52 33.61
CA PRO A 144 4.77 -40.01 32.26
C PRO A 144 3.39 -40.35 31.67
N ALA A 145 2.85 -41.51 32.03
CA ALA A 145 1.58 -42.06 31.51
C ALA A 145 0.39 -41.48 32.30
N THR A 146 0.37 -41.70 33.63
CA THR A 146 -0.77 -41.28 34.49
C THR A 146 -0.67 -39.78 34.80
N MET A 147 0.56 -39.25 34.80
CA MET A 147 0.88 -37.81 35.05
C MET A 147 0.47 -37.43 36.49
N GLU A 148 0.40 -38.44 37.36
CA GLU A 148 0.47 -38.33 38.83
C GLU A 148 1.87 -37.85 39.23
N THR A 149 1.94 -37.06 40.29
CA THR A 149 3.19 -36.60 40.92
C THR A 149 3.69 -37.68 41.91
N PHE A 150 4.98 -37.99 41.90
CA PHE A 150 5.63 -38.85 42.94
C PHE A 150 6.12 -37.95 44.07
N GLY A 151 6.74 -36.82 43.71
CA GLY A 151 7.46 -35.92 44.63
C GLY A 151 8.78 -35.49 44.03
N PHE A 152 9.50 -34.59 44.69
CA PHE A 152 10.82 -34.05 44.27
C PHE A 152 11.87 -35.17 44.23
N GLU A 153 12.82 -35.04 43.31
CA GLU A 153 13.93 -36.00 43.09
C GLU A 153 15.20 -35.47 43.77
N LYS A 154 15.52 -36.06 44.92
CA LYS A 154 16.78 -35.86 45.68
C LYS A 154 17.62 -37.15 45.60
N PHE A 155 17.27 -38.09 44.73
CA PHE A 155 18.04 -39.33 44.46
C PHE A 155 18.43 -40.00 45.79
N GLY A 156 17.47 -40.17 46.67
CA GLY A 156 17.65 -40.92 47.94
C GLY A 156 18.57 -40.22 48.91
N GLY A 157 18.49 -38.89 48.98
CA GLY A 157 19.39 -38.05 49.80
C GLY A 157 20.83 -38.05 49.32
N LYS A 158 21.12 -38.60 48.13
CA LYS A 158 22.47 -38.61 47.51
C LYS A 158 22.75 -37.25 46.88
N MET A 159 21.73 -36.55 46.36
CA MET A 159 21.90 -35.12 45.96
C MET A 159 22.27 -34.35 47.24
N THR A 160 23.30 -33.51 47.16
CA THR A 160 23.75 -32.63 48.27
C THR A 160 23.40 -31.17 47.92
N GLY A 161 23.52 -30.80 46.64
CA GLY A 161 23.11 -29.50 46.09
C GLY A 161 21.62 -29.27 46.31
N GLN A 162 21.21 -28.02 46.56
CA GLN A 162 19.81 -27.67 46.86
C GLN A 162 19.04 -27.38 45.55
N THR A 163 19.67 -27.45 44.38
CA THR A 163 19.04 -27.05 43.10
C THR A 163 19.29 -28.08 42.00
N PHE A 164 18.56 -27.92 40.90
CA PHE A 164 18.66 -28.73 39.66
C PHE A 164 18.15 -27.87 38.49
N THR A 165 18.92 -27.83 37.41
CA THR A 165 18.66 -27.06 36.17
C THR A 165 17.24 -27.32 35.63
N ALA A 166 16.69 -26.35 34.90
CA ALA A 166 15.47 -26.52 34.07
C ALA A 166 15.85 -26.82 32.61
N HIS A 167 17.16 -26.83 32.30
CA HIS A 167 17.66 -26.98 30.91
C HIS A 167 18.67 -28.13 30.92
N PRO A 168 18.27 -29.35 31.31
CA PRO A 168 19.15 -30.51 31.28
C PRO A 168 19.49 -30.87 29.83
N LYS A 169 20.53 -31.69 29.62
CA LYS A 169 20.96 -32.17 28.28
C LYS A 169 21.19 -33.67 28.38
N VAL A 170 20.89 -34.41 27.29
CA VAL A 170 21.16 -35.87 27.19
C VAL A 170 22.38 -36.09 26.29
N ASP A 171 23.43 -36.66 26.87
CA ASP A 171 24.63 -37.16 26.16
C ASP A 171 24.20 -38.33 25.28
N PRO A 172 24.20 -38.21 23.93
CA PRO A 172 23.87 -39.33 23.06
C PRO A 172 24.78 -40.57 23.23
N LYS A 173 26.08 -40.38 23.49
CA LYS A 173 27.08 -41.48 23.67
C LYS A 173 26.67 -42.36 24.86
N THR A 174 26.59 -41.79 26.06
CA THR A 174 26.38 -42.52 27.34
C THR A 174 24.87 -42.76 27.54
N GLY A 175 24.03 -41.87 27.01
CA GLY A 175 22.58 -41.86 27.28
C GLY A 175 22.29 -41.13 28.59
N ASN A 176 23.33 -40.67 29.28
CA ASN A 176 23.21 -39.97 30.58
C ASN A 176 22.53 -38.61 30.38
N MET A 177 21.88 -38.12 31.43
CA MET A 177 21.35 -36.73 31.50
C MET A 177 22.45 -35.91 32.14
N VAL A 178 22.86 -34.80 31.53
CA VAL A 178 23.83 -33.83 32.12
C VAL A 178 23.02 -32.68 32.72
N ALA A 179 23.39 -32.24 33.92
CA ALA A 179 22.68 -31.19 34.68
C ALA A 179 23.65 -30.38 35.50
N ILE A 180 23.31 -29.10 35.74
CA ILE A 180 23.93 -28.25 36.78
C ILE A 180 22.86 -27.98 37.83
N GLY A 181 23.28 -27.45 38.98
CA GLY A 181 22.43 -26.76 39.97
C GLY A 181 23.21 -25.60 40.56
N TYR A 182 22.80 -24.36 40.29
CA TYR A 182 23.44 -23.11 40.79
C TYR A 182 22.67 -22.61 42.02
N ALA A 183 23.27 -21.66 42.75
CA ALA A 183 22.91 -21.32 44.15
C ALA A 183 22.77 -22.63 44.95
N ALA A 184 23.78 -23.50 44.84
CA ALA A 184 23.69 -24.93 45.23
C ALA A 184 23.73 -25.06 46.75
N SER A 185 24.40 -24.13 47.43
CA SER A 185 24.61 -24.16 48.90
C SER A 185 23.65 -23.19 49.59
N GLY A 186 22.75 -22.57 48.83
CA GLY A 186 21.80 -21.57 49.35
C GLY A 186 21.65 -20.43 48.37
N LEU A 187 20.70 -19.53 48.63
CA LEU A 187 20.27 -18.50 47.65
C LEU A 187 21.39 -17.46 47.48
N CYS A 188 21.74 -17.19 46.24
CA CYS A 188 22.76 -16.21 45.79
C CYS A 188 24.17 -16.68 46.10
N THR A 189 24.39 -17.98 46.34
CA THR A 189 25.75 -18.54 46.62
C THR A 189 26.50 -18.74 45.30
N ASP A 190 27.84 -18.75 45.35
CA ASP A 190 28.70 -18.84 44.13
C ASP A 190 29.13 -20.28 43.92
N ASP A 191 28.47 -21.23 44.58
CA ASP A 191 28.61 -22.69 44.35
C ASP A 191 27.69 -23.13 43.21
N VAL A 192 28.09 -24.23 42.56
CA VAL A 192 27.39 -24.86 41.40
C VAL A 192 27.75 -26.35 41.41
N THR A 193 26.76 -27.24 41.33
CA THR A 193 26.92 -28.70 41.19
C THR A 193 26.81 -29.09 39.71
N TYR A 194 27.76 -29.89 39.21
CA TYR A 194 27.72 -30.58 37.91
C TYR A 194 27.23 -32.01 38.16
N MET A 195 26.03 -32.38 37.69
CA MET A 195 25.47 -33.73 37.93
C MET A 195 25.34 -34.48 36.61
N GLU A 196 25.41 -35.81 36.69
CA GLU A 196 25.02 -36.73 35.60
C GLU A 196 24.13 -37.81 36.18
N VAL A 197 23.10 -38.21 35.42
CA VAL A 197 22.11 -39.26 35.79
C VAL A 197 22.14 -40.34 34.70
N SER A 198 22.20 -41.61 35.10
CA SER A 198 22.19 -42.79 34.20
C SER A 198 20.82 -42.94 33.59
N PRO A 199 20.68 -43.67 32.46
CA PRO A 199 19.37 -44.00 31.90
C PRO A 199 18.42 -44.63 32.93
N GLU A 200 18.98 -45.37 33.89
CA GLU A 200 18.18 -46.10 34.92
C GLU A 200 17.63 -45.10 35.94
N GLY A 201 18.27 -43.94 36.11
CA GLY A 201 17.78 -42.85 36.97
C GLY A 201 18.65 -42.63 38.20
N GLU A 202 19.61 -43.52 38.47
CA GLU A 202 20.61 -43.35 39.58
C GLU A 202 21.48 -42.11 39.30
N LEU A 203 21.76 -41.30 40.32
CA LEU A 203 22.69 -40.13 40.24
C LEU A 203 24.12 -40.67 40.27
N VAL A 204 24.86 -40.54 39.17
CA VAL A 204 26.17 -41.26 39.01
C VAL A 204 27.34 -40.30 39.28
N ARG A 205 27.13 -38.98 39.24
CA ARG A 205 28.21 -37.98 39.47
C ARG A 205 27.65 -36.65 39.94
N GLU A 206 28.17 -36.09 41.04
CA GLU A 206 27.80 -34.72 41.50
C GLU A 206 29.03 -33.93 42.00
N VAL A 207 29.61 -33.10 41.13
CA VAL A 207 30.85 -32.31 41.35
C VAL A 207 30.50 -30.89 41.77
N TRP A 208 31.00 -30.42 42.91
CA TRP A 208 30.86 -28.99 43.33
C TRP A 208 32.00 -28.17 42.74
N PHE A 209 31.79 -26.86 42.56
CA PHE A 209 32.80 -25.91 42.02
C PHE A 209 32.23 -24.50 42.13
N LYS A 210 33.10 -23.50 42.11
CA LYS A 210 32.70 -22.08 42.19
C LYS A 210 32.71 -21.48 40.79
N VAL A 211 32.01 -20.36 40.60
CA VAL A 211 31.97 -19.59 39.33
C VAL A 211 32.39 -18.16 39.64
N PRO A 212 32.93 -17.41 38.66
CA PRO A 212 33.45 -16.06 38.92
C PRO A 212 32.54 -15.17 39.77
N TYR A 213 31.22 -15.31 39.59
CA TYR A 213 30.20 -14.58 40.38
C TYR A 213 28.86 -15.30 40.27
N TYR A 214 27.99 -15.05 41.26
CA TYR A 214 26.57 -15.48 41.23
C TYR A 214 25.82 -14.66 40.19
N CYS A 215 25.08 -15.35 39.35
CA CYS A 215 24.26 -14.79 38.25
C CYS A 215 23.21 -15.82 37.84
N MET A 216 22.34 -15.47 36.89
CA MET A 216 21.38 -16.44 36.31
C MET A 216 22.13 -17.36 35.33
N MET A 217 22.46 -18.57 35.76
CA MET A 217 22.93 -19.69 34.92
C MET A 217 21.74 -20.60 34.60
N HIS A 218 20.87 -20.14 33.70
CA HIS A 218 19.58 -20.79 33.34
C HIS A 218 19.86 -21.96 32.39
N ASP A 219 21.06 -22.06 31.82
CA ASP A 219 21.33 -22.96 30.68
C ASP A 219 22.83 -23.17 30.54
N PHE A 220 23.23 -24.01 29.59
CA PHE A 220 24.62 -24.44 29.34
C PHE A 220 24.63 -25.32 28.09
N GLY A 221 25.82 -25.64 27.61
CA GLY A 221 26.05 -26.62 26.55
C GLY A 221 26.76 -27.85 27.07
N ILE A 222 26.73 -28.92 26.29
CA ILE A 222 27.66 -30.08 26.45
C ILE A 222 28.28 -30.40 25.09
N THR A 223 29.51 -30.91 25.15
CA THR A 223 30.25 -31.48 24.01
C THR A 223 30.56 -32.92 24.38
N GLU A 224 31.36 -33.63 23.58
CA GLU A 224 31.62 -35.07 23.83
C GLU A 224 32.41 -35.23 25.13
N ASP A 225 33.18 -34.23 25.53
CA ASP A 225 34.07 -34.33 26.72
C ASP A 225 33.72 -33.28 27.80
N TYR A 226 33.02 -32.20 27.46
CA TYR A 226 32.91 -31.02 28.36
C TYR A 226 31.46 -30.62 28.65
N LEU A 227 31.30 -29.99 29.81
CA LEU A 227 30.18 -29.07 30.13
C LEU A 227 30.68 -27.65 29.85
N VAL A 228 30.00 -26.95 28.94
CA VAL A 228 30.26 -25.52 28.59
C VAL A 228 29.23 -24.67 29.34
N LEU A 229 29.68 -23.80 30.23
CA LEU A 229 28.80 -22.97 31.08
C LEU A 229 29.10 -21.49 30.84
N HIS A 230 28.11 -20.76 30.32
CA HIS A 230 28.22 -19.30 30.07
C HIS A 230 27.72 -18.54 31.30
N ILE A 231 28.55 -17.59 31.75
CA ILE A 231 28.31 -16.74 32.95
C ILE A 231 28.00 -15.33 32.44
N VAL A 232 26.73 -14.94 32.51
CA VAL A 232 26.23 -13.64 31.96
C VAL A 232 25.73 -12.84 33.14
N PRO A 233 26.14 -11.55 33.28
CA PRO A 233 25.90 -10.80 34.51
C PRO A 233 24.47 -10.32 34.77
N SER A 234 23.47 -11.19 34.63
CA SER A 234 22.16 -11.05 35.30
C SER A 234 22.37 -11.51 36.73
N ILE A 235 22.75 -10.59 37.62
CA ILE A 235 23.32 -10.87 38.99
C ILE A 235 22.22 -10.69 40.03
N GLY A 236 22.46 -11.23 41.24
CA GLY A 236 21.53 -11.15 42.39
C GLY A 236 22.29 -11.05 43.70
N SER A 237 21.57 -10.94 44.83
CA SER A 237 22.13 -10.79 46.19
C SER A 237 20.99 -10.77 47.21
N TRP A 238 21.30 -11.01 48.48
CA TRP A 238 20.32 -10.80 49.57
C TRP A 238 19.99 -9.30 49.62
N GLU A 239 20.98 -8.41 49.46
CA GLU A 239 20.82 -6.93 49.46
C GLU A 239 19.57 -6.57 48.61
N ARG A 240 19.59 -6.99 47.35
CA ARG A 240 18.49 -6.82 46.35
C ARG A 240 17.16 -7.21 47.00
N LEU A 241 17.09 -8.38 47.63
CA LEU A 241 15.84 -8.95 48.17
C LEU A 241 15.36 -8.14 49.37
N GLU A 242 16.29 -7.70 50.23
CA GLU A 242 16.00 -6.88 51.43
C GLU A 242 15.27 -5.60 50.99
N GLN A 243 15.71 -4.98 49.89
CA GLN A 243 15.10 -3.73 49.34
C GLN A 243 13.90 -4.06 48.45
N GLY A 244 13.57 -5.35 48.33
CA GLY A 244 12.41 -5.86 47.57
C GLY A 244 12.55 -5.58 46.10
N LYS A 245 13.77 -5.64 45.55
CA LYS A 245 14.05 -5.50 44.10
C LYS A 245 13.80 -6.86 43.43
N PRO A 246 13.72 -6.95 42.09
CA PRO A 246 13.69 -8.26 41.44
C PRO A 246 14.98 -9.02 41.79
N HIS A 247 14.86 -10.34 41.99
CA HIS A 247 15.99 -11.24 42.37
C HIS A 247 17.23 -10.95 41.52
N PHE A 248 17.04 -10.72 40.21
CA PHE A 248 18.15 -10.50 39.25
C PHE A 248 18.05 -9.11 38.61
N GLY A 249 19.21 -8.53 38.33
CA GLY A 249 19.35 -7.30 37.52
C GLY A 249 20.57 -7.45 36.63
N PHE A 250 20.61 -6.75 35.49
CA PHE A 250 21.72 -6.84 34.52
C PHE A 250 22.69 -5.67 34.72
N ASP A 251 23.98 -6.01 34.72
CA ASP A 251 25.12 -5.06 34.85
C ASP A 251 25.94 -5.10 33.56
N THR A 252 25.83 -4.03 32.75
CA THR A 252 26.43 -3.93 31.39
C THR A 252 27.94 -3.73 31.52
N THR A 253 28.45 -3.48 32.74
CA THR A 253 29.86 -3.09 33.00
C THR A 253 30.72 -4.32 33.33
N MET A 254 30.12 -5.50 33.44
CA MET A 254 30.84 -6.71 33.87
C MET A 254 31.16 -7.60 32.67
N PRO A 255 32.29 -8.34 32.75
CA PRO A 255 32.67 -9.25 31.68
C PRO A 255 31.80 -10.51 31.64
N VAL A 256 31.82 -11.18 30.49
CA VAL A 256 31.11 -12.45 30.26
C VAL A 256 32.17 -13.55 30.21
N HIS A 257 31.93 -14.65 30.91
CA HIS A 257 32.86 -15.80 30.99
C HIS A 257 32.19 -17.01 30.35
N LEU A 258 33.02 -17.98 29.97
CA LEU A 258 32.61 -19.32 29.53
C LEU A 258 33.55 -20.31 30.22
N GLY A 259 33.02 -21.12 31.13
CA GLY A 259 33.77 -22.15 31.86
C GLY A 259 33.71 -23.48 31.13
N ILE A 260 34.84 -24.18 31.06
CA ILE A 260 34.91 -25.51 30.39
C ILE A 260 35.22 -26.55 31.44
N ILE A 261 34.25 -27.39 31.76
CA ILE A 261 34.31 -28.40 32.86
C ILE A 261 34.46 -29.76 32.20
N PRO A 262 35.59 -30.48 32.40
CA PRO A 262 35.71 -31.83 31.86
C PRO A 262 34.67 -32.74 32.52
N ARG A 263 33.97 -33.51 31.71
CA ARG A 263 32.88 -34.41 32.17
C ARG A 263 33.46 -35.77 32.51
N ARG A 264 34.22 -35.80 33.59
CA ARG A 264 34.91 -37.02 34.11
C ARG A 264 34.79 -37.00 35.64
N ASP A 265 35.04 -38.15 36.27
CA ASP A 265 34.79 -38.34 37.72
C ASP A 265 35.88 -37.63 38.50
N GLY A 266 35.50 -36.90 39.55
CA GLY A 266 36.40 -36.28 40.53
C GLY A 266 37.18 -35.11 39.95
N VAL A 267 36.48 -34.24 39.23
CA VAL A 267 37.05 -32.97 38.69
C VAL A 267 37.22 -32.01 39.89
N ARG A 268 38.20 -31.12 39.79
CA ARG A 268 38.43 -30.05 40.80
C ARG A 268 38.35 -28.70 40.09
N GLN A 269 38.16 -27.62 40.85
CA GLN A 269 38.13 -26.22 40.35
C GLN A 269 39.30 -25.99 39.37
N GLU A 270 40.49 -26.49 39.70
CA GLU A 270 41.74 -26.28 38.91
C GLU A 270 41.63 -26.90 37.52
N ASP A 271 40.76 -27.88 37.29
CA ASP A 271 40.64 -28.52 35.95
C ASP A 271 39.76 -27.67 35.04
N ILE A 272 39.11 -26.63 35.58
CA ILE A 272 38.08 -25.87 34.84
C ILE A 272 38.74 -24.66 34.17
N ARG A 273 38.64 -24.62 32.85
CA ARG A 273 39.26 -23.59 31.99
C ARG A 273 38.24 -22.45 31.78
N TRP A 274 38.66 -21.22 32.05
CA TRP A 274 37.81 -20.01 32.08
C TRP A 274 38.22 -19.10 30.94
N PHE A 275 37.30 -18.82 30.02
CA PHE A 275 37.50 -17.80 28.97
C PHE A 275 36.65 -16.59 29.31
N THR A 276 37.08 -15.40 28.89
CA THR A 276 36.40 -14.11 29.16
C THR A 276 36.28 -13.30 27.86
N ARG A 277 35.17 -12.60 27.71
CA ARG A 277 34.87 -11.71 26.55
C ARG A 277 34.25 -10.41 27.08
N ASP A 278 33.82 -9.51 26.18
CA ASP A 278 33.17 -8.24 26.55
C ASP A 278 31.71 -8.50 26.97
N ASN A 279 31.12 -7.56 27.67
CA ASN A 279 29.71 -7.64 28.14
C ASN A 279 28.78 -7.81 26.93
N CYS A 280 27.85 -8.74 27.08
CA CYS A 280 26.70 -9.00 26.19
C CYS A 280 25.65 -9.73 27.04
N PHE A 281 24.45 -9.94 26.52
CA PHE A 281 23.45 -10.88 27.09
C PHE A 281 23.33 -12.08 26.15
N ALA A 282 23.56 -13.29 26.68
CA ALA A 282 23.31 -14.59 26.01
C ALA A 282 22.35 -15.37 26.91
N PHE A 283 21.50 -16.23 26.36
CA PHE A 283 20.44 -16.90 27.17
C PHE A 283 20.41 -18.39 26.86
N HIS A 284 19.61 -18.79 25.87
CA HIS A 284 19.38 -20.23 25.57
C HIS A 284 20.50 -20.71 24.63
N VAL A 285 20.91 -21.96 24.82
CA VAL A 285 22.02 -22.60 24.07
C VAL A 285 21.42 -23.49 22.99
N LEU A 286 21.73 -23.24 21.72
CA LEU A 286 21.31 -24.13 20.61
C LEU A 286 22.03 -25.47 20.77
N ASN A 287 23.36 -25.45 20.81
CA ASN A 287 24.23 -26.66 20.85
C ASN A 287 25.71 -26.21 20.90
N ALA A 288 26.60 -27.12 21.28
CA ALA A 288 28.06 -26.95 21.26
C ALA A 288 28.71 -28.24 20.77
N TRP A 289 29.92 -28.14 20.20
CA TRP A 289 30.73 -29.30 19.77
C TRP A 289 32.22 -28.94 19.80
N GLN A 290 33.10 -29.94 19.90
CA GLN A 290 34.57 -29.77 19.82
C GLN A 290 35.01 -29.90 18.35
N GLU A 291 35.94 -29.06 17.94
CA GLU A 291 36.61 -29.04 16.60
C GLU A 291 38.12 -29.05 16.86
N GLY A 292 38.70 -30.25 16.95
CA GLY A 292 40.05 -30.45 17.50
C GLY A 292 40.14 -29.82 18.87
N THR A 293 40.96 -28.77 19.02
CA THR A 293 41.21 -28.08 20.31
C THR A 293 40.22 -26.94 20.53
N LYS A 294 39.41 -26.60 19.52
CA LYS A 294 38.42 -25.51 19.59
C LYS A 294 37.09 -26.07 20.12
N ILE A 295 36.36 -25.25 20.88
CA ILE A 295 34.94 -25.52 21.27
C ILE A 295 34.04 -24.45 20.65
N HIS A 296 33.06 -24.92 19.88
CA HIS A 296 32.01 -24.08 19.24
C HIS A 296 30.77 -24.13 20.14
N PHE A 297 30.25 -22.96 20.52
CA PHE A 297 29.15 -22.78 21.51
C PHE A 297 28.13 -21.82 20.91
N VAL A 298 27.03 -22.34 20.37
CA VAL A 298 26.01 -21.50 19.69
C VAL A 298 24.92 -21.15 20.69
N THR A 299 24.79 -19.86 20.99
CA THR A 299 23.80 -19.29 21.92
C THR A 299 23.11 -18.13 21.22
N CYS A 300 22.01 -17.68 21.81
CA CYS A 300 21.22 -16.55 21.27
C CYS A 300 21.63 -15.30 22.05
N GLU A 301 22.51 -14.51 21.43
CA GLU A 301 23.21 -13.36 22.05
C GLU A 301 22.48 -12.08 21.68
N ALA A 302 22.17 -11.26 22.68
CA ALA A 302 21.68 -9.88 22.52
C ALA A 302 22.80 -8.91 22.95
N LYS A 303 22.79 -7.70 22.40
CA LYS A 303 23.74 -6.62 22.79
C LYS A 303 23.62 -6.33 24.29
N ASN A 304 22.41 -6.36 24.84
CA ASN A 304 22.09 -5.89 26.21
C ASN A 304 21.05 -6.83 26.82
N ASN A 305 20.62 -6.52 28.05
CA ASN A 305 19.59 -7.25 28.84
C ASN A 305 18.38 -7.61 27.98
N MET A 306 17.86 -8.83 28.17
CA MET A 306 16.69 -9.36 27.43
C MET A 306 15.42 -9.13 28.26
N PHE A 307 15.52 -8.99 29.58
CA PHE A 307 14.38 -9.06 30.53
C PHE A 307 14.15 -7.69 31.20
N PRO A 308 13.11 -6.95 30.77
CA PRO A 308 12.73 -5.70 31.45
C PRO A 308 12.54 -5.84 32.97
N PHE A 309 11.93 -6.96 33.38
CA PHE A 309 11.51 -7.30 34.77
C PHE A 309 12.74 -7.61 35.65
N PHE A 310 13.92 -7.86 35.05
CA PHE A 310 15.21 -8.01 35.76
C PHE A 310 16.12 -6.86 35.36
N PRO A 311 15.85 -5.63 35.84
CA PRO A 311 16.34 -4.43 35.17
C PRO A 311 17.85 -4.16 35.26
N ASP A 312 18.31 -3.19 34.45
CA ASP A 312 19.69 -2.63 34.50
C ASP A 312 19.96 -2.09 35.92
N VAL A 313 20.98 -2.62 36.60
CA VAL A 313 21.22 -2.40 38.06
C VAL A 313 21.49 -0.92 38.33
N HIS A 314 21.83 -0.15 37.29
CA HIS A 314 22.20 1.30 37.39
C HIS A 314 20.98 2.17 37.08
N GLY A 315 19.78 1.59 37.04
CA GLY A 315 18.52 2.33 36.82
C GLY A 315 18.32 2.80 35.38
N ALA A 316 19.19 2.39 34.43
CA ALA A 316 19.07 2.71 32.99
C ALA A 316 17.86 1.97 32.42
N PRO A 317 16.99 2.63 31.62
CA PRO A 317 15.71 2.05 31.22
C PRO A 317 15.90 1.02 30.10
N PHE A 318 15.00 0.03 30.01
CA PHE A 318 15.10 -1.11 29.06
C PHE A 318 15.26 -0.58 27.63
N ASN A 319 16.16 -1.19 26.86
CA ASN A 319 16.42 -0.84 25.44
C ASN A 319 15.98 -2.02 24.58
N GLY A 320 14.73 -1.99 24.13
CA GLY A 320 14.11 -3.03 23.28
C GLY A 320 14.99 -3.44 22.11
N MET A 321 15.53 -2.48 21.35
CA MET A 321 16.43 -2.70 20.20
C MET A 321 17.56 -3.64 20.64
N GLU A 322 18.17 -3.36 21.81
CA GLU A 322 19.42 -4.03 22.26
C GLU A 322 19.10 -5.43 22.80
N ALA A 323 17.81 -5.77 22.95
CA ALA A 323 17.37 -7.09 23.47
C ALA A 323 17.17 -8.08 22.31
N MET A 324 17.21 -7.63 21.04
CA MET A 324 17.15 -8.53 19.86
C MET A 324 18.34 -9.49 19.93
N SER A 325 18.04 -10.78 19.97
CA SER A 325 19.02 -11.89 20.07
C SER A 325 19.18 -12.55 18.68
N HIS A 326 20.42 -12.98 18.37
CA HIS A 326 20.74 -13.71 17.11
C HIS A 326 21.60 -14.93 17.45
N PRO A 327 21.36 -16.07 16.77
CA PRO A 327 22.22 -17.25 16.93
C PRO A 327 23.64 -16.77 16.69
N THR A 328 24.58 -17.14 17.57
CA THR A 328 25.97 -16.66 17.53
C THR A 328 26.89 -17.80 17.93
N ASP A 329 27.98 -17.99 17.20
CA ASP A 329 29.02 -18.98 17.57
C ASP A 329 30.06 -18.31 18.46
N TRP A 330 30.17 -18.76 19.71
CA TRP A 330 31.26 -18.42 20.64
C TRP A 330 32.34 -19.49 20.48
N VAL A 331 33.51 -19.12 19.94
CA VAL A 331 34.62 -20.10 19.75
C VAL A 331 35.72 -19.78 20.76
N VAL A 332 36.35 -20.83 21.27
CA VAL A 332 37.44 -20.79 22.27
C VAL A 332 38.36 -21.97 21.96
N ASP A 333 39.68 -21.75 22.07
CA ASP A 333 40.70 -22.82 21.83
C ASP A 333 41.19 -23.29 23.21
N MET A 334 41.06 -24.58 23.49
CA MET A 334 41.44 -25.20 24.78
C MET A 334 42.96 -25.23 24.88
N ALA A 335 43.64 -25.34 23.73
CA ALA A 335 45.10 -25.57 23.62
C ALA A 335 45.87 -24.26 23.85
N SER A 336 45.20 -23.11 23.82
CA SER A 336 45.85 -21.79 23.99
C SER A 336 46.10 -21.50 25.49
N ASN A 337 46.66 -20.32 25.80
CA ASN A 337 46.80 -19.72 27.16
C ASN A 337 45.96 -18.44 27.17
N GLY A 338 45.69 -17.88 28.35
CA GLY A 338 44.99 -16.59 28.47
C GLY A 338 43.49 -16.72 28.22
N GLU A 339 42.74 -15.64 28.46
CA GLU A 339 41.28 -15.65 28.69
C GLU A 339 40.51 -15.35 27.40
N ASP A 340 41.16 -14.86 26.35
CA ASP A 340 40.47 -14.32 25.14
C ASP A 340 39.75 -15.45 24.41
N PHE A 341 38.62 -15.11 23.77
CA PHE A 341 37.90 -16.00 22.84
C PHE A 341 38.63 -15.97 21.49
N ALA A 342 38.86 -17.16 20.92
CA ALA A 342 39.27 -17.37 19.52
C ALA A 342 38.42 -16.50 18.59
N GLY A 343 37.12 -16.36 18.85
CA GLY A 343 36.27 -15.44 18.09
C GLY A 343 34.78 -15.63 18.36
N ILE A 344 34.01 -14.77 17.70
CA ILE A 344 32.54 -14.60 17.89
C ILE A 344 31.95 -14.41 16.50
N VAL A 345 31.08 -15.34 16.07
CA VAL A 345 30.51 -15.35 14.70
C VAL A 345 28.98 -15.35 14.80
N LYS A 346 28.36 -14.31 14.22
CA LYS A 346 26.89 -14.17 14.08
C LYS A 346 26.45 -15.07 12.92
N LEU A 347 25.52 -16.00 13.18
CA LEU A 347 25.14 -17.08 12.23
C LEU A 347 23.93 -16.70 11.37
N SER A 348 23.26 -15.57 11.64
CA SER A 348 22.00 -15.14 10.97
C SER A 348 21.59 -13.75 11.50
N ASP A 349 21.00 -12.91 10.63
CA ASP A 349 20.49 -11.56 10.98
C ASP A 349 19.07 -11.71 11.55
N THR A 350 18.44 -12.87 11.35
CA THR A 350 17.13 -13.24 11.94
C THR A 350 17.19 -13.12 13.48
N ALA A 351 16.23 -12.40 14.06
CA ALA A 351 16.05 -12.24 15.50
C ALA A 351 15.35 -13.51 16.01
N ALA A 352 15.99 -14.26 16.90
CA ALA A 352 15.60 -15.65 17.23
C ALA A 352 15.86 -15.99 18.70
N GLU A 353 15.16 -17.00 19.20
CA GLU A 353 15.35 -17.58 20.55
C GLU A 353 14.61 -18.92 20.60
N PHE A 354 14.46 -19.49 21.80
CA PHE A 354 13.89 -20.82 22.02
C PHE A 354 14.45 -21.77 20.97
N PRO A 355 15.79 -21.89 20.89
CA PRO A 355 16.42 -22.70 19.85
C PRO A 355 16.19 -24.19 20.07
N ARG A 356 16.05 -24.99 19.02
CA ARG A 356 16.06 -26.47 19.18
C ARG A 356 17.00 -27.10 18.15
N ILE A 357 17.53 -28.24 18.54
CA ILE A 357 18.26 -29.17 17.64
C ILE A 357 17.53 -30.50 17.62
N ASP A 358 17.98 -31.39 16.75
CA ASP A 358 17.63 -32.82 16.84
C ASP A 358 18.43 -33.41 18.02
N ASP A 359 17.82 -33.54 19.21
CA ASP A 359 18.46 -34.00 20.49
C ASP A 359 19.43 -35.16 20.31
N ARG A 360 19.20 -36.06 19.33
CA ARG A 360 20.02 -37.27 19.11
C ARG A 360 21.47 -36.89 18.76
N PHE A 361 21.72 -35.64 18.41
CA PHE A 361 23.04 -35.16 17.93
C PHE A 361 23.57 -34.07 18.88
N THR A 362 23.03 -33.97 20.08
CA THR A 362 23.53 -33.05 21.14
C THR A 362 25.03 -33.31 21.33
N GLY A 363 25.88 -32.29 21.18
CA GLY A 363 27.33 -32.38 21.40
C GLY A 363 28.11 -32.55 20.11
N GLN A 364 27.50 -33.10 19.07
CA GLN A 364 28.07 -33.13 17.69
C GLN A 364 27.63 -31.85 16.97
N LYS A 365 28.40 -31.37 16.00
CA LYS A 365 28.01 -30.22 15.13
C LYS A 365 26.77 -30.61 14.34
N THR A 366 25.67 -29.90 14.57
CA THR A 366 24.35 -30.18 13.94
C THR A 366 24.18 -29.21 12.78
N ARG A 367 23.59 -29.74 11.72
CA ARG A 367 23.34 -29.04 10.44
C ARG A 367 22.11 -28.16 10.56
N HIS A 368 21.14 -28.61 11.36
CA HIS A 368 19.81 -27.98 11.47
C HIS A 368 19.63 -27.39 12.87
N GLY A 369 18.98 -26.23 12.90
CA GLY A 369 18.38 -25.62 14.09
C GLY A 369 17.00 -25.05 13.78
N TRP A 370 16.11 -25.03 14.78
CA TRP A 370 14.78 -24.37 14.73
C TRP A 370 14.71 -23.36 15.88
N PHE A 371 13.97 -22.27 15.68
CA PHE A 371 13.83 -21.17 16.67
C PHE A 371 12.43 -20.54 16.53
N LEU A 372 12.01 -19.86 17.60
CA LEU A 372 10.96 -18.82 17.53
C LEU A 372 11.61 -17.51 17.11
N GLU A 373 11.02 -16.84 16.11
CA GLU A 373 11.56 -15.60 15.47
C GLU A 373 10.65 -14.42 15.74
N MET A 374 11.24 -13.24 15.99
CA MET A 374 10.47 -11.97 16.13
C MET A 374 10.73 -11.12 14.89
N ASP A 375 9.79 -11.10 13.95
CA ASP A 375 9.91 -10.40 12.66
C ASP A 375 9.07 -9.14 12.73
N MET A 376 9.66 -7.97 13.01
CA MET A 376 8.85 -6.73 13.21
C MET A 376 8.31 -6.25 11.86
N LYS A 377 8.67 -6.88 10.74
CA LYS A 377 8.20 -6.52 9.38
C LYS A 377 6.82 -7.11 9.11
N ARG A 378 6.34 -8.03 9.95
CA ARG A 378 5.01 -8.66 9.81
C ARG A 378 3.94 -7.77 10.42
N PRO A 379 2.78 -7.60 9.76
CA PRO A 379 1.58 -7.00 10.36
C PRO A 379 1.16 -7.69 11.67
N VAL A 380 0.69 -6.89 12.63
CA VAL A 380 -0.04 -7.41 13.83
C VAL A 380 -1.33 -6.60 13.99
N GLU A 381 -2.47 -7.26 13.88
CA GLU A 381 -3.79 -6.57 13.70
C GLU A 381 -4.64 -6.80 14.97
N LEU A 382 -4.17 -6.32 16.13
CA LEU A 382 -4.95 -6.19 17.39
C LEU A 382 -4.17 -5.31 18.34
N LEU A 391 6.54 -9.90 20.32
CA LEU A 391 5.59 -11.03 20.10
C LEU A 391 6.18 -12.01 19.06
N MET A 392 6.31 -13.29 19.43
CA MET A 392 7.02 -14.32 18.63
C MET A 392 6.08 -14.87 17.56
N ASN A 393 6.28 -14.47 16.31
CA ASN A 393 5.25 -14.57 15.23
C ASN A 393 5.75 -15.44 14.07
N CYS A 394 6.94 -16.02 14.16
CA CYS A 394 7.45 -16.92 13.10
C CYS A 394 8.15 -18.15 13.71
N LEU A 395 7.96 -19.29 13.07
CA LEU A 395 8.86 -20.47 13.20
C LEU A 395 10.00 -20.25 12.22
N PHE A 396 11.22 -20.55 12.64
CA PHE A 396 12.45 -20.27 11.86
C PHE A 396 13.34 -21.52 11.82
N HIS A 397 13.65 -21.98 10.60
CA HIS A 397 14.55 -23.14 10.38
C HIS A 397 15.80 -22.68 9.63
N LYS A 398 16.99 -23.03 10.13
CA LYS A 398 18.25 -22.73 9.44
C LYS A 398 18.90 -24.07 9.03
N ASP A 399 19.28 -24.15 7.77
CA ASP A 399 20.20 -25.19 7.26
C ASP A 399 21.59 -24.56 7.32
N PHE A 400 22.40 -24.94 8.30
CA PHE A 400 23.75 -24.36 8.55
C PHE A 400 24.71 -24.76 7.43
N GLU A 401 24.55 -25.96 6.84
CA GLU A 401 25.36 -26.42 5.67
C GLU A 401 25.10 -25.55 4.45
N THR A 402 23.83 -25.46 4.03
CA THR A 402 23.44 -24.78 2.76
C THR A 402 23.25 -23.28 3.00
N GLY A 403 23.25 -22.87 4.26
CA GLY A 403 22.99 -21.48 4.68
C GLY A 403 21.53 -21.11 4.54
N ARG A 404 20.71 -22.03 4.03
CA ARG A 404 19.32 -21.73 3.60
C ARG A 404 18.43 -21.58 4.85
N GLU A 405 17.72 -20.46 4.94
CA GLU A 405 16.77 -20.10 6.02
C GLU A 405 15.32 -20.21 5.52
N GLN A 406 14.49 -21.00 6.20
CA GLN A 406 13.01 -21.02 6.03
C GLN A 406 12.36 -20.23 7.16
N HIS A 407 11.27 -19.50 6.86
CA HIS A 407 10.37 -18.86 7.85
C HIS A 407 8.93 -19.29 7.61
N TRP A 408 8.16 -19.56 8.67
CA TRP A 408 6.68 -19.64 8.62
C TRP A 408 6.07 -18.63 9.60
N TRP A 409 5.12 -17.84 9.11
CA TRP A 409 4.38 -16.79 9.85
C TRP A 409 3.00 -17.30 10.22
N CYS A 410 2.60 -17.13 11.48
CA CYS A 410 1.31 -17.58 12.04
C CYS A 410 0.21 -16.56 11.70
N GLY A 411 0.54 -15.50 10.97
CA GLY A 411 -0.46 -14.49 10.56
C GLY A 411 -0.70 -13.45 11.65
N PRO A 412 -1.50 -12.42 11.34
CA PRO A 412 -1.46 -11.18 12.10
C PRO A 412 -2.13 -11.18 13.47
N VAL A 413 -2.85 -12.24 13.85
CA VAL A 413 -3.66 -12.27 15.11
C VAL A 413 -3.23 -13.44 15.99
N SER A 414 -2.04 -13.95 15.74
CA SER A 414 -1.54 -15.17 16.42
C SER A 414 -0.07 -14.97 16.81
N SER A 415 0.43 -15.85 17.67
CA SER A 415 1.84 -15.88 18.15
C SER A 415 2.20 -17.34 18.42
N LEU A 416 3.49 -17.67 18.53
CA LEU A 416 3.91 -19.10 18.64
C LEU A 416 4.67 -19.37 19.95
N GLN A 417 4.58 -20.62 20.42
CA GLN A 417 5.29 -21.16 21.59
C GLN A 417 6.44 -22.04 21.10
N GLU A 418 7.31 -22.46 22.02
CA GLU A 418 8.55 -23.21 21.73
C GLU A 418 8.23 -24.35 20.78
N PRO A 419 8.98 -24.47 19.65
CA PRO A 419 8.91 -25.65 18.79
C PRO A 419 9.63 -26.84 19.44
N CYS A 420 9.22 -28.04 19.07
CA CYS A 420 9.77 -29.32 19.58
C CYS A 420 9.98 -30.27 18.40
N PHE A 421 11.24 -30.54 18.05
CA PHE A 421 11.61 -31.49 16.98
C PHE A 421 11.23 -32.91 17.39
N VAL A 422 10.74 -33.69 16.44
CA VAL A 422 10.40 -35.13 16.57
C VAL A 422 11.04 -35.87 15.40
N PRO A 423 11.81 -36.96 15.65
CA PRO A 423 12.35 -37.78 14.56
C PRO A 423 11.25 -38.53 13.78
N ARG A 424 11.43 -38.71 12.46
CA ARG A 424 10.54 -39.54 11.61
CA ARG A 424 10.56 -39.54 11.59
C ARG A 424 10.65 -41.01 12.04
N ALA A 425 11.83 -41.43 12.47
CA ALA A 425 12.06 -42.80 12.97
C ALA A 425 13.25 -42.78 13.91
N LYS A 426 13.37 -43.81 14.72
CA LYS A 426 14.46 -44.01 15.72
C LYS A 426 15.84 -43.97 15.03
N ASP A 427 15.89 -44.03 13.69
CA ASP A 427 17.12 -44.23 12.89
C ASP A 427 17.16 -43.24 11.71
N ALA A 428 16.31 -42.19 11.69
CA ALA A 428 16.26 -41.23 10.57
C ALA A 428 17.42 -40.24 10.69
N PRO A 429 17.94 -39.69 9.57
CA PRO A 429 18.99 -38.67 9.63
C PRO A 429 18.61 -37.46 10.52
N GLU A 430 19.61 -36.72 11.00
CA GLU A 430 19.42 -35.40 11.63
C GLU A 430 18.39 -34.59 10.84
N GLY A 431 17.33 -34.16 11.52
CA GLY A 431 16.35 -33.18 11.00
C GLY A 431 15.27 -33.85 10.18
N ASP A 432 15.35 -35.15 9.93
CA ASP A 432 14.28 -35.90 9.22
C ASP A 432 13.21 -36.22 10.26
N GLY A 433 12.13 -35.44 10.23
CA GLY A 433 11.01 -35.58 11.16
C GLY A 433 10.05 -34.41 11.07
N TRP A 434 9.49 -34.01 12.21
CA TRP A 434 8.45 -32.96 12.29
C TRP A 434 8.80 -31.93 13.36
N ILE A 435 8.14 -30.79 13.27
CA ILE A 435 8.06 -29.80 14.38
C ILE A 435 6.60 -29.77 14.85
N VAL A 436 6.40 -29.99 16.16
CA VAL A 436 5.12 -29.74 16.90
C VAL A 436 5.30 -28.46 17.73
N GLN A 437 4.28 -27.61 17.75
CA GLN A 437 4.31 -26.39 18.59
C GLN A 437 2.87 -25.89 18.79
N VAL A 438 2.56 -25.46 20.01
CA VAL A 438 1.33 -24.71 20.37
C VAL A 438 1.42 -23.33 19.69
N CYS A 439 0.30 -22.90 19.10
CA CYS A 439 0.11 -21.57 18.48
C CYS A 439 -1.01 -20.85 19.23
N ASN A 440 -0.79 -19.59 19.63
CA ASN A 440 -1.79 -18.78 20.36
C ASN A 440 -2.65 -18.06 19.33
N ARG A 441 -3.90 -18.51 19.14
CA ARG A 441 -4.92 -17.73 18.37
C ARG A 441 -5.42 -16.61 19.27
N LEU A 442 -4.71 -15.48 19.28
CA LEU A 442 -4.84 -14.41 20.30
C LEU A 442 -6.19 -13.71 20.18
N GLU A 443 -6.60 -13.37 18.96
CA GLU A 443 -7.85 -12.63 18.66
C GLU A 443 -9.04 -13.55 18.90
N GLU A 444 -8.88 -14.87 18.77
CA GLU A 444 -9.99 -15.86 18.98
C GLU A 444 -9.91 -16.43 20.39
N GLN A 445 -8.92 -16.03 21.20
CA GLN A 445 -8.73 -16.52 22.60
C GLN A 445 -8.81 -18.06 22.66
N ARG A 446 -8.21 -18.77 21.69
CA ARG A 446 -8.12 -20.25 21.67
C ARG A 446 -6.70 -20.64 21.22
N SER A 447 -6.42 -21.94 21.18
CA SER A 447 -5.08 -22.53 20.98
C SER A 447 -5.10 -23.58 19.88
N ASP A 448 -4.04 -23.68 19.09
CA ASP A 448 -3.84 -24.79 18.11
C ASP A 448 -2.54 -25.50 18.46
N LEU A 449 -2.46 -26.80 18.15
CA LEU A 449 -1.18 -27.54 18.01
C LEU A 449 -0.88 -27.64 16.51
N LEU A 450 0.23 -27.06 16.07
CA LEU A 450 0.68 -27.12 14.66
C LEU A 450 1.69 -28.26 14.52
N ILE A 451 1.61 -29.02 13.43
CA ILE A 451 2.56 -30.10 13.05
C ILE A 451 3.07 -29.81 11.64
N PHE A 452 4.39 -29.60 11.51
CA PHE A 452 5.06 -29.23 10.24
C PHE A 452 5.96 -30.36 9.76
N ASP A 453 6.33 -30.35 8.48
CA ASP A 453 7.56 -31.04 8.01
C ASP A 453 8.74 -30.20 8.49
N ALA A 454 9.57 -30.75 9.39
CA ALA A 454 10.73 -30.04 9.98
C ALA A 454 11.61 -29.43 8.87
N LEU A 455 11.78 -30.12 7.74
CA LEU A 455 12.72 -29.68 6.69
C LEU A 455 11.99 -28.90 5.60
N ASP A 456 10.67 -28.70 5.67
CA ASP A 456 9.95 -27.82 4.70
C ASP A 456 8.91 -27.02 5.47
N ILE A 457 9.30 -26.25 6.48
CA ILE A 457 8.31 -25.54 7.35
C ILE A 457 7.59 -24.44 6.57
N GLU A 458 8.15 -23.88 5.49
CA GLU A 458 7.55 -22.63 4.90
C GLU A 458 6.27 -22.97 4.12
N LYS A 459 6.08 -24.22 3.71
CA LYS A 459 4.81 -24.64 3.04
C LYS A 459 3.66 -24.64 4.05
N GLY A 460 3.94 -24.45 5.33
CA GLY A 460 2.93 -24.40 6.40
C GLY A 460 2.81 -25.75 7.09
N PRO A 461 2.05 -25.82 8.21
CA PRO A 461 1.83 -27.07 8.93
C PRO A 461 1.06 -28.07 8.08
N VAL A 462 1.42 -29.34 8.19
CA VAL A 462 0.69 -30.47 7.57
C VAL A 462 -0.66 -30.63 8.30
N ALA A 463 -0.70 -30.34 9.59
CA ALA A 463 -1.88 -30.51 10.46
C ALA A 463 -1.98 -29.31 11.40
N THR A 464 -3.16 -28.69 11.45
CA THR A 464 -3.57 -27.70 12.47
C THR A 464 -4.60 -28.38 13.39
N VAL A 465 -4.23 -28.67 14.64
CA VAL A 465 -5.08 -29.39 15.64
C VAL A 465 -5.70 -28.40 16.63
N ASN A 466 -7.03 -28.33 16.65
CA ASN A 466 -7.81 -27.46 17.58
C ASN A 466 -7.71 -28.04 19.00
N ILE A 467 -7.27 -27.23 19.96
CA ILE A 467 -7.16 -27.61 21.40
C ILE A 467 -8.37 -27.01 22.09
N PRO A 468 -9.27 -27.86 22.63
CA PRO A 468 -10.59 -27.41 23.06
C PRO A 468 -10.56 -26.64 24.39
N ILE A 469 -9.37 -26.51 24.98
CA ILE A 469 -9.08 -25.66 26.17
C ILE A 469 -8.07 -24.58 25.75
N ARG A 470 -8.32 -23.31 26.05
CA ARG A 470 -7.30 -22.23 25.90
C ARG A 470 -6.13 -22.56 26.83
N LEU A 471 -4.94 -22.66 26.26
CA LEU A 471 -3.68 -22.81 27.02
C LEU A 471 -3.10 -21.42 27.25
N ARG A 472 -2.25 -21.29 28.28
CA ARG A 472 -1.58 -20.02 28.63
C ARG A 472 -0.22 -19.98 27.92
N PHE A 473 0.41 -18.81 27.92
CA PHE A 473 1.84 -18.62 27.58
C PHE A 473 2.59 -19.78 28.25
N GLY A 474 3.15 -20.69 27.45
CA GLY A 474 3.98 -21.81 27.92
C GLY A 474 5.45 -21.46 27.90
N LEU A 475 6.30 -22.34 28.42
CA LEU A 475 7.78 -22.19 28.40
C LEU A 475 8.38 -23.36 27.61
N HIS A 476 8.94 -24.38 28.27
CA HIS A 476 9.77 -25.40 27.55
C HIS A 476 8.98 -26.70 27.44
N GLY A 477 9.26 -27.48 26.41
CA GLY A 477 8.51 -28.71 26.10
C GLY A 477 9.35 -29.69 25.30
N ASN A 478 9.11 -30.99 25.46
CA ASN A 478 9.98 -32.05 24.90
C ASN A 478 9.09 -33.17 24.38
N TRP A 479 9.65 -33.98 23.47
CA TRP A 479 8.98 -35.17 22.86
C TRP A 479 9.56 -36.42 23.49
N ALA A 480 8.76 -37.49 23.57
CA ALA A 480 9.22 -38.84 23.92
C ALA A 480 8.44 -39.84 23.08
N ASN A 481 9.00 -41.02 22.82
CA ASN A 481 8.31 -42.08 22.04
C ASN A 481 7.28 -42.72 22.94
N ALA A 482 6.34 -43.46 22.35
CA ALA A 482 5.44 -44.37 23.09
C ALA A 482 6.27 -45.25 24.04
N ASP A 483 7.47 -45.67 23.62
CA ASP A 483 8.25 -46.71 24.38
C ASP A 483 8.96 -46.08 25.59
N GLU A 484 9.15 -44.76 25.61
CA GLU A 484 9.87 -44.06 26.71
C GLU A 484 8.91 -43.66 27.84
N ILE A 485 7.59 -43.67 27.59
CA ILE A 485 6.57 -43.06 28.50
C ILE A 485 5.55 -44.11 28.95
N GLY A 486 5.63 -45.35 28.45
CA GLY A 486 4.79 -46.49 28.87
C GLY A 486 3.40 -46.46 28.23
N LEU A 487 3.31 -46.15 26.92
CA LEU A 487 2.06 -46.11 26.13
C LEU A 487 2.24 -46.94 24.84
N ALA A 488 3.01 -48.03 24.92
CA ALA A 488 3.47 -48.85 23.77
C ALA A 488 2.29 -49.63 23.17
N PRO B 5 5.86 28.86 31.70
CA PRO B 5 7.23 29.42 31.87
C PRO B 5 7.34 30.84 31.28
N ASN B 6 8.24 31.66 31.82
CA ASN B 6 8.53 33.04 31.37
C ASN B 6 9.84 33.02 30.58
N THR B 7 9.86 32.30 29.46
CA THR B 7 11.06 32.03 28.59
C THR B 7 10.83 32.65 27.21
N PRO B 8 11.82 32.64 26.28
CA PRO B 8 11.56 33.05 24.89
C PRO B 8 10.65 32.09 24.10
N SER B 9 10.14 31.02 24.73
CA SER B 9 9.37 29.92 24.09
C SER B 9 7.86 30.04 24.40
N PHE B 10 7.47 30.84 25.40
CA PHE B 10 6.05 30.99 25.84
C PHE B 10 5.70 32.47 26.08
N THR B 11 6.59 33.41 25.70
CA THR B 11 6.39 34.88 25.84
C THR B 11 6.67 35.57 24.48
N GLY B 12 6.14 36.78 24.27
CA GLY B 12 6.14 37.49 22.98
C GLY B 12 5.14 36.90 22.02
N PHE B 13 5.43 36.97 20.72
CA PHE B 13 4.59 36.46 19.60
C PHE B 13 4.15 35.01 19.89
N ASN B 14 4.89 34.25 20.71
CA ASN B 14 4.58 32.82 21.00
C ASN B 14 3.84 32.65 22.33
N THR B 15 2.97 33.59 22.66
CA THR B 15 1.99 33.46 23.78
C THR B 15 1.05 32.30 23.49
N PRO B 16 0.87 31.31 24.40
CA PRO B 16 -0.11 30.25 24.17
C PRO B 16 -1.46 30.81 23.73
N SER B 17 -2.19 30.09 22.88
CA SER B 17 -3.51 30.52 22.32
C SER B 17 -4.59 29.53 22.78
N ARG B 18 -4.50 28.29 22.33
CA ARG B 18 -5.36 27.15 22.76
C ARG B 18 -6.83 27.47 22.43
N ILE B 19 -7.07 28.46 21.57
CA ILE B 19 -8.44 28.94 21.22
C ILE B 19 -8.96 28.11 20.04
N GLU B 20 -9.92 27.21 20.27
CA GLU B 20 -10.72 26.59 19.19
C GLU B 20 -11.81 27.60 18.86
N ALA B 21 -12.25 27.73 17.60
CA ALA B 21 -13.19 28.81 17.18
C ALA B 21 -13.79 28.57 15.80
N ASP B 22 -14.85 29.32 15.50
CA ASP B 22 -15.59 29.29 14.21
C ASP B 22 -16.08 30.71 13.92
N ILE B 23 -15.61 31.33 12.83
CA ILE B 23 -16.07 32.65 12.33
C ILE B 23 -16.25 32.54 10.82
N ALA B 24 -17.30 33.15 10.30
CA ALA B 24 -17.66 33.13 8.85
C ALA B 24 -17.31 34.48 8.25
N ASP B 25 -17.03 34.52 6.95
CA ASP B 25 -16.88 35.75 6.14
C ASP B 25 -15.92 36.73 6.82
N LEU B 26 -14.64 36.41 6.96
CA LEU B 26 -13.66 37.33 7.60
C LEU B 26 -13.59 38.63 6.80
N ALA B 27 -13.37 39.74 7.51
CA ALA B 27 -13.10 41.09 6.94
C ALA B 27 -11.79 41.04 6.17
N HIS B 28 -11.64 41.87 5.12
CA HIS B 28 -10.43 41.89 4.28
C HIS B 28 -10.34 43.19 3.48
N GLU B 29 -9.11 43.63 3.20
CA GLU B 29 -8.82 44.62 2.13
C GLU B 29 -8.69 43.88 0.78
N GLY B 30 -8.94 44.60 -0.31
CA GLY B 30 -8.89 44.08 -1.70
C GLY B 30 -9.99 43.07 -1.98
N THR B 31 -9.74 42.16 -2.92
CA THR B 31 -10.73 41.23 -3.50
C THR B 31 -10.26 39.79 -3.31
N ILE B 32 -11.13 38.94 -2.78
CA ILE B 32 -10.85 37.48 -2.69
C ILE B 32 -11.21 36.85 -4.03
N PRO B 33 -10.24 36.28 -4.75
CA PRO B 33 -10.49 35.57 -6.02
C PRO B 33 -11.69 34.64 -6.00
N GLN B 34 -12.65 34.85 -6.89
CA GLN B 34 -13.91 34.08 -6.90
C GLN B 34 -13.63 32.67 -7.41
N GLY B 35 -12.52 32.44 -8.12
CA GLY B 35 -12.09 31.10 -8.56
C GLY B 35 -11.84 30.17 -7.39
N LEU B 36 -11.32 30.69 -6.27
CA LEU B 36 -10.96 29.88 -5.08
C LEU B 36 -12.20 29.17 -4.52
N ASN B 37 -12.19 27.83 -4.52
CA ASN B 37 -13.19 27.00 -3.79
C ASN B 37 -12.50 25.78 -3.17
N GLY B 38 -12.00 25.93 -1.95
CA GLY B 38 -11.38 24.86 -1.15
C GLY B 38 -10.98 25.42 0.20
N ALA B 39 -9.91 24.91 0.81
CA ALA B 39 -9.50 25.32 2.17
C ALA B 39 -7.99 25.22 2.33
N PHE B 40 -7.37 26.26 2.89
CA PHE B 40 -5.97 26.24 3.37
C PHE B 40 -5.91 25.64 4.76
N TYR B 41 -5.25 24.49 4.94
CA TYR B 41 -5.03 23.89 6.30
C TYR B 41 -3.57 24.15 6.70
N ARG B 42 -3.39 24.80 7.85
CA ARG B 42 -2.04 24.99 8.45
C ARG B 42 -2.13 24.54 9.90
N VAL B 43 -0.97 24.26 10.49
CA VAL B 43 -0.88 23.70 11.86
C VAL B 43 0.09 24.57 12.63
N GLN B 44 -0.23 24.86 13.89
CA GLN B 44 0.64 25.59 14.84
C GLN B 44 0.86 24.70 16.06
N PRO B 45 2.12 24.54 16.52
CA PRO B 45 2.37 24.04 17.86
C PRO B 45 1.71 24.98 18.89
N ASP B 46 0.94 24.42 19.81
CA ASP B 46 0.20 25.20 20.82
C ASP B 46 0.00 24.33 22.06
N PRO B 47 0.80 24.55 23.13
CA PRO B 47 0.80 23.63 24.27
C PRO B 47 -0.51 23.75 25.08
N GLN B 48 -1.18 22.63 25.33
CA GLN B 48 -2.42 22.55 26.14
C GLN B 48 -2.11 22.81 27.62
N PHE B 49 -0.94 22.36 28.09
CA PHE B 49 -0.46 22.53 29.49
C PHE B 49 0.97 23.06 29.50
N PRO B 50 1.44 23.62 30.64
CA PRO B 50 2.86 23.94 30.79
C PRO B 50 3.70 22.68 30.61
N PRO B 51 4.93 22.85 30.07
CA PRO B 51 5.82 21.71 29.81
C PRO B 51 6.23 20.95 31.07
N ARG B 52 6.46 19.64 30.99
CA ARG B 52 7.02 18.83 32.10
C ARG B 52 8.44 19.31 32.44
N LEU B 53 9.11 20.03 31.54
CA LEU B 53 10.46 20.60 31.80
C LEU B 53 10.42 22.14 31.78
N ASP B 54 11.57 22.78 31.64
CA ASP B 54 11.68 24.25 31.49
C ASP B 54 12.30 24.64 30.14
N ASP B 55 13.32 23.91 29.70
CA ASP B 55 13.99 24.03 28.37
C ASP B 55 13.16 23.40 27.22
N ASP B 56 11.88 23.78 27.06
CA ASP B 56 11.03 23.23 25.98
C ASP B 56 11.13 24.14 24.75
N ILE B 57 11.18 23.56 23.55
CA ILE B 57 11.10 24.35 22.29
C ILE B 57 9.63 24.50 21.93
N ALA B 58 9.29 25.57 21.21
CA ALA B 58 7.94 25.81 20.63
C ALA B 58 7.64 24.70 19.61
N PHE B 59 8.65 24.31 18.80
CA PHE B 59 8.65 23.11 17.92
C PHE B 59 7.93 21.93 18.58
N ASN B 60 7.88 21.88 19.92
CA ASN B 60 7.31 20.76 20.69
C ASN B 60 6.09 21.23 21.47
N GLY B 61 5.10 21.81 20.79
CA GLY B 61 3.78 22.12 21.36
C GLY B 61 2.71 21.30 20.69
N ASP B 62 1.55 21.10 21.33
CA ASP B 62 0.42 20.29 20.81
C ASP B 62 -0.11 20.88 19.49
N GLY B 63 -0.55 20.01 18.58
CA GLY B 63 -0.96 20.43 17.22
C GLY B 63 -2.33 21.07 17.23
N MET B 64 -2.41 22.35 16.85
CA MET B 64 -3.68 23.09 16.65
C MET B 64 -3.83 23.41 15.16
N ILE B 65 -4.91 22.92 14.54
CA ILE B 65 -5.11 22.95 13.05
C ILE B 65 -6.04 24.11 12.70
N THR B 66 -5.52 25.23 12.21
CA THR B 66 -6.30 26.32 11.57
C THR B 66 -6.74 25.88 10.16
N ARG B 67 -7.98 26.19 9.77
CA ARG B 67 -8.48 25.93 8.40
C ARG B 67 -9.21 27.16 7.85
N PHE B 68 -8.72 27.71 6.74
CA PHE B 68 -9.38 28.83 6.02
C PHE B 68 -10.10 28.30 4.79
N HIS B 69 -11.38 27.94 4.91
CA HIS B 69 -12.31 27.62 3.79
C HIS B 69 -12.59 28.89 2.97
N ILE B 70 -12.09 28.94 1.73
CA ILE B 70 -12.32 30.06 0.78
C ILE B 70 -13.32 29.58 -0.27
N HIS B 71 -14.34 30.37 -0.55
CA HIS B 71 -15.48 30.03 -1.44
C HIS B 71 -16.33 31.28 -1.67
N ASP B 72 -16.88 31.41 -2.88
CA ASP B 72 -17.84 32.49 -3.22
C ASP B 72 -17.21 33.85 -2.88
N GLY B 73 -15.89 33.94 -2.74
CA GLY B 73 -15.20 35.22 -2.48
C GLY B 73 -15.26 35.62 -1.02
N GLN B 74 -15.46 34.69 -0.09
CA GLN B 74 -15.31 34.94 1.37
C GLN B 74 -14.37 33.88 1.97
N VAL B 75 -13.71 34.20 3.08
CA VAL B 75 -12.87 33.25 3.87
C VAL B 75 -13.59 32.92 5.19
N ASP B 76 -13.63 31.64 5.54
CA ASP B 76 -14.22 31.12 6.80
C ASP B 76 -13.14 30.47 7.66
N PHE B 77 -13.04 30.91 8.91
CA PHE B 77 -12.05 30.40 9.89
C PHE B 77 -12.68 29.24 10.67
N ARG B 78 -11.83 28.29 11.01
CA ARG B 78 -12.13 27.16 11.92
C ARG B 78 -10.79 26.64 12.45
N GLN B 79 -10.68 26.45 13.76
CA GLN B 79 -9.46 25.96 14.43
C GLN B 79 -9.86 24.87 15.39
N ARG B 80 -9.13 23.75 15.38
CA ARG B 80 -9.42 22.59 16.24
C ARG B 80 -8.10 21.95 16.68
N TRP B 81 -8.06 21.50 17.91
CA TRP B 81 -7.05 20.54 18.43
C TRP B 81 -7.01 19.33 17.50
N ALA B 82 -5.80 18.88 17.18
CA ALA B 82 -5.51 17.49 16.80
C ALA B 82 -5.47 16.69 18.10
N LYS B 83 -6.43 15.77 18.26
CA LYS B 83 -6.67 15.00 19.51
C LYS B 83 -5.79 13.75 19.49
N THR B 84 -4.48 13.96 19.62
CA THR B 84 -3.46 12.90 19.82
C THR B 84 -3.77 12.16 21.12
N ASP B 85 -3.47 10.87 21.19
CA ASP B 85 -3.47 10.09 22.45
C ASP B 85 -2.81 10.94 23.54
N LYS B 86 -1.67 11.57 23.24
CA LYS B 86 -0.93 12.44 24.20
C LYS B 86 -1.89 13.50 24.75
N TRP B 87 -2.57 14.21 23.85
CA TRP B 87 -3.49 15.32 24.20
C TRP B 87 -4.60 14.79 25.11
N LYS B 88 -5.16 13.61 24.77
CA LYS B 88 -6.26 12.97 25.52
C LYS B 88 -5.80 12.61 26.94
N LEU B 89 -4.70 11.86 27.06
CA LEU B 89 -4.18 11.40 28.39
C LEU B 89 -3.90 12.64 29.24
N GLU B 90 -3.16 13.60 28.68
CA GLU B 90 -2.78 14.87 29.36
C GLU B 90 -4.04 15.65 29.75
N ASN B 91 -5.07 15.61 28.92
CA ASN B 91 -6.38 16.23 29.20
C ASN B 91 -7.03 15.55 30.41
N ALA B 92 -7.33 14.25 30.28
CA ALA B 92 -7.99 13.46 31.34
C ALA B 92 -7.22 13.63 32.66
N ALA B 93 -5.89 13.77 32.60
CA ALA B 93 -4.98 13.81 33.77
C ALA B 93 -4.69 15.25 34.21
N GLY B 94 -5.07 16.26 33.43
CA GLY B 94 -4.96 17.70 33.76
C GLY B 94 -3.52 18.23 33.94
N LYS B 95 -2.51 17.54 33.43
CA LYS B 95 -1.10 18.04 33.46
C LYS B 95 -0.26 17.37 32.37
N ALA B 96 0.88 17.95 32.05
CA ALA B 96 1.89 17.38 31.13
C ALA B 96 2.40 16.05 31.70
N LEU B 97 2.34 14.96 30.92
CA LEU B 97 2.88 13.63 31.27
C LEU B 97 4.12 13.35 30.41
N PHE B 98 4.16 13.88 29.18
CA PHE B 98 5.27 13.70 28.21
C PHE B 98 6.33 14.79 28.42
N GLY B 99 7.57 14.51 28.01
CA GLY B 99 8.73 15.41 28.23
C GLY B 99 9.22 16.06 26.95
N ALA B 100 10.54 16.04 26.71
CA ALA B 100 11.28 16.85 25.71
C ALA B 100 10.97 16.40 24.27
N TYR B 101 11.22 17.27 23.28
CA TYR B 101 11.18 16.93 21.81
C TYR B 101 11.94 15.62 21.64
N ARG B 102 11.16 14.57 21.41
CA ARG B 102 11.67 13.22 21.09
C ARG B 102 12.74 12.82 22.13
N ASN B 103 12.31 12.66 23.38
CA ASN B 103 13.12 11.98 24.42
C ASN B 103 12.22 11.18 25.36
N PRO B 104 11.76 10.00 24.92
CA PRO B 104 10.78 9.23 25.67
C PRO B 104 11.25 8.80 27.06
N LEU B 105 12.57 8.78 27.30
CA LEU B 105 13.14 8.46 28.64
C LEU B 105 12.66 9.48 29.67
N THR B 106 12.39 10.72 29.23
CA THR B 106 11.95 11.85 30.10
C THR B 106 10.42 11.94 30.13
N ASP B 107 9.69 10.87 29.81
CA ASP B 107 8.21 10.80 29.98
C ASP B 107 7.86 10.22 31.36
N ASP B 108 6.63 10.47 31.82
CA ASP B 108 6.08 9.97 33.10
C ASP B 108 5.70 8.50 32.93
N GLU B 109 6.02 7.67 33.91
CA GLU B 109 5.79 6.19 33.95
C GLU B 109 4.37 5.85 33.46
N ALA B 110 3.40 6.75 33.65
CA ALA B 110 1.96 6.51 33.39
C ALA B 110 1.71 6.26 31.89
N VAL B 111 2.57 6.79 31.02
CA VAL B 111 2.31 6.89 29.55
C VAL B 111 3.36 6.08 28.78
N LYS B 112 4.24 5.32 29.45
CA LYS B 112 5.32 4.57 28.75
C LYS B 112 4.67 3.62 27.72
N GLY B 113 5.19 3.62 26.49
CA GLY B 113 4.66 2.80 25.37
C GLY B 113 3.55 3.52 24.61
N GLU B 114 3.20 4.75 24.98
CA GLU B 114 2.17 5.54 24.27
C GLU B 114 2.82 6.26 23.10
N ILE B 115 2.02 6.56 22.07
CA ILE B 115 2.41 7.41 20.92
C ILE B 115 2.51 8.86 21.39
N ARG B 116 3.71 9.43 21.30
CA ARG B 116 4.04 10.77 21.86
C ARG B 116 3.69 11.87 20.87
N SER B 117 3.23 11.55 19.67
CA SER B 117 2.94 12.55 18.59
C SER B 117 2.06 13.65 19.16
N THR B 118 2.41 14.89 18.84
CA THR B 118 1.63 16.14 19.05
C THR B 118 0.94 16.53 17.74
N ALA B 119 1.17 15.75 16.67
CA ALA B 119 0.62 15.94 15.31
C ALA B 119 0.73 17.41 14.92
N ASN B 120 1.90 18.01 15.15
CA ASN B 120 2.08 19.49 15.19
C ASN B 120 2.91 20.01 14.01
N THR B 121 3.33 19.17 13.05
CA THR B 121 4.33 19.58 12.01
C THR B 121 3.64 19.82 10.68
N ASN B 122 2.72 18.94 10.27
CA ASN B 122 2.05 19.12 8.97
C ASN B 122 0.57 18.73 9.06
N ALA B 123 -0.23 19.44 8.26
CA ALA B 123 -1.68 19.22 8.07
C ALA B 123 -1.91 19.06 6.57
N PHE B 124 -2.38 17.89 6.16
CA PHE B 124 -2.34 17.41 4.77
C PHE B 124 -3.67 16.74 4.49
N VAL B 125 -4.33 17.09 3.38
CA VAL B 125 -5.56 16.40 2.92
C VAL B 125 -5.19 15.35 1.86
N PHE B 126 -5.66 14.11 2.01
CA PHE B 126 -5.44 13.03 1.03
C PHE B 126 -6.45 11.90 1.27
N GLY B 127 -7.06 11.38 0.20
CA GLY B 127 -8.02 10.26 0.30
C GLY B 127 -9.14 10.53 1.28
N GLY B 128 -9.76 11.71 1.21
CA GLY B 128 -10.98 12.06 1.99
C GLY B 128 -10.69 12.32 3.46
N LYS B 129 -9.42 12.35 3.88
CA LYS B 129 -9.01 12.46 5.30
C LYS B 129 -8.05 13.65 5.46
N LEU B 130 -8.02 14.20 6.67
CA LEU B 130 -7.05 15.24 7.08
C LEU B 130 -5.97 14.54 7.92
N TRP B 131 -4.71 14.71 7.55
CA TRP B 131 -3.58 14.02 8.18
C TRP B 131 -2.78 15.06 8.96
N ALA B 132 -2.71 14.87 10.28
CA ALA B 132 -1.84 15.66 11.19
C ALA B 132 -0.63 14.79 11.54
N MET B 133 0.56 15.28 11.23
CA MET B 133 1.75 14.43 11.03
C MET B 133 2.89 14.94 11.91
N LYS B 134 3.69 13.99 12.41
CA LYS B 134 4.84 14.21 13.34
C LYS B 134 5.73 12.98 13.21
N GLU B 135 6.94 13.16 12.67
CA GLU B 135 7.69 12.10 11.92
C GLU B 135 8.19 11.00 12.86
N ASP B 136 8.01 11.19 14.18
CA ASP B 136 8.43 10.23 15.23
C ASP B 136 7.33 9.18 15.47
N SER B 137 6.14 9.37 14.89
CA SER B 137 4.94 8.52 15.12
C SER B 137 4.06 8.48 13.88
N PRO B 138 3.03 7.59 13.84
CA PRO B 138 2.09 7.57 12.74
C PRO B 138 1.34 8.90 12.68
N ALA B 139 0.79 9.16 11.50
CA ALA B 139 -0.07 10.33 11.23
C ALA B 139 -1.44 10.13 11.91
N LEU B 140 -1.96 11.21 12.48
CA LEU B 140 -3.34 11.27 13.02
C LEU B 140 -4.28 11.67 11.89
N VAL B 141 -5.40 10.97 11.76
CA VAL B 141 -6.42 11.25 10.72
C VAL B 141 -7.61 11.95 11.39
N MET B 142 -8.18 12.92 10.68
CA MET B 142 -9.32 13.73 11.13
C MET B 142 -10.27 13.91 9.96
N ASP B 143 -11.55 14.23 10.23
CA ASP B 143 -12.53 14.55 9.15
C ASP B 143 -12.16 15.92 8.61
N PRO B 144 -11.91 16.05 7.29
CA PRO B 144 -11.46 17.33 6.75
C PRO B 144 -12.55 18.42 6.86
N ALA B 145 -13.83 18.04 6.95
CA ALA B 145 -14.99 18.96 7.03
C ALA B 145 -15.27 19.32 8.51
N THR B 146 -15.51 18.33 9.36
CA THR B 146 -15.87 18.52 10.79
C THR B 146 -14.61 18.89 11.59
N MET B 147 -13.44 18.43 11.12
CA MET B 147 -12.12 18.59 11.78
C MET B 147 -12.13 17.93 13.17
N GLU B 148 -13.03 16.96 13.36
CA GLU B 148 -13.02 15.99 14.48
C GLU B 148 -11.85 15.04 14.26
N THR B 149 -11.24 14.58 15.35
CA THR B 149 -10.15 13.57 15.37
C THR B 149 -10.74 12.15 15.27
N PHE B 150 -10.18 11.33 14.39
CA PHE B 150 -10.47 9.87 14.26
C PHE B 150 -9.52 9.09 15.17
N GLY B 151 -8.24 9.48 15.17
CA GLY B 151 -7.15 8.78 15.85
C GLY B 151 -6.02 8.45 14.89
N PHE B 152 -5.02 7.71 15.36
CA PHE B 152 -3.82 7.38 14.55
C PHE B 152 -4.20 6.36 13.47
N GLU B 153 -3.51 6.50 12.33
CA GLU B 153 -3.65 5.64 11.14
C GLU B 153 -2.50 4.64 11.14
N LYS B 154 -2.79 3.39 11.52
CA LYS B 154 -1.84 2.25 11.43
C LYS B 154 -2.36 1.28 10.36
N PHE B 155 -3.27 1.70 9.50
CA PHE B 155 -3.85 0.87 8.42
C PHE B 155 -4.26 -0.49 8.98
N GLY B 156 -4.97 -0.46 10.11
CA GLY B 156 -5.47 -1.66 10.79
C GLY B 156 -4.36 -2.59 11.23
N GLY B 157 -3.12 -2.09 11.41
CA GLY B 157 -1.96 -2.91 11.76
C GLY B 157 -1.16 -3.40 10.57
N LYS B 158 -1.63 -3.20 9.34
CA LYS B 158 -0.84 -3.48 8.11
C LYS B 158 0.49 -2.69 8.18
N MET B 159 0.50 -1.49 8.76
CA MET B 159 1.75 -0.69 8.98
C MET B 159 2.58 -1.33 10.10
N THR B 160 3.86 -1.56 9.85
CA THR B 160 4.80 -2.30 10.74
C THR B 160 5.85 -1.36 11.29
N GLY B 161 6.28 -0.36 10.50
CA GLY B 161 7.11 0.77 10.97
C GLY B 161 6.42 1.55 12.10
N GLN B 162 7.18 2.05 13.05
CA GLN B 162 6.66 2.83 14.20
C GLN B 162 6.51 4.32 13.85
N THR B 163 6.83 4.73 12.62
CA THR B 163 6.82 6.16 12.22
C THR B 163 6.21 6.34 10.84
N PHE B 164 5.92 7.60 10.53
CA PHE B 164 5.36 8.11 9.27
C PHE B 164 5.81 9.57 9.14
N THR B 165 6.31 9.91 7.94
CA THR B 165 6.90 11.25 7.66
C THR B 165 5.84 12.33 7.88
N ALA B 166 6.26 13.57 8.16
CA ALA B 166 5.38 14.76 8.12
C ALA B 166 5.57 15.50 6.78
N HIS B 167 6.35 14.95 5.85
CA HIS B 167 6.62 15.57 4.53
C HIS B 167 6.25 14.58 3.43
N PRO B 168 4.99 14.08 3.40
CA PRO B 168 4.58 13.11 2.38
C PRO B 168 4.52 13.79 1.03
N LYS B 169 4.51 13.02 -0.05
CA LYS B 169 4.49 13.49 -1.46
C LYS B 169 3.40 12.73 -2.19
N VAL B 170 2.77 13.37 -3.18
CA VAL B 170 1.70 12.73 -3.99
C VAL B 170 2.21 12.57 -5.41
N ASP B 171 2.44 11.32 -5.82
CA ASP B 171 2.71 10.90 -7.21
C ASP B 171 1.54 11.36 -8.08
N PRO B 172 1.73 12.33 -9.01
CA PRO B 172 0.67 12.68 -9.95
C PRO B 172 0.26 11.51 -10.86
N LYS B 173 1.17 10.59 -11.18
CA LYS B 173 0.93 9.46 -12.11
C LYS B 173 -0.08 8.48 -11.47
N THR B 174 0.27 7.87 -10.35
CA THR B 174 -0.56 6.84 -9.65
C THR B 174 -1.65 7.51 -8.81
N GLY B 175 -1.44 8.76 -8.37
CA GLY B 175 -2.32 9.45 -7.41
C GLY B 175 -1.99 9.04 -5.98
N ASN B 176 -0.99 8.17 -5.85
CA ASN B 176 -0.58 7.58 -4.54
C ASN B 176 0.10 8.66 -3.70
N MET B 177 -0.03 8.54 -2.39
CA MET B 177 0.78 9.29 -1.41
C MET B 177 2.05 8.48 -1.19
N VAL B 178 3.22 9.13 -1.29
CA VAL B 178 4.53 8.46 -1.06
C VAL B 178 5.05 8.95 0.29
N ALA B 179 5.43 8.03 1.17
CA ALA B 179 5.91 8.33 2.53
C ALA B 179 7.13 7.47 2.85
N ILE B 180 8.02 8.02 3.67
CA ILE B 180 9.01 7.24 4.46
C ILE B 180 8.56 7.29 5.93
N GLY B 181 9.24 6.50 6.75
CA GLY B 181 9.25 6.63 8.22
C GLY B 181 10.56 6.10 8.76
N TYR B 182 11.36 6.94 9.42
CA TYR B 182 12.70 6.56 9.94
C TYR B 182 12.60 6.20 11.42
N ALA B 183 13.67 5.62 11.97
CA ALA B 183 13.67 4.98 13.31
C ALA B 183 12.46 4.04 13.40
N ALA B 184 12.20 3.28 12.34
CA ALA B 184 10.95 2.52 12.13
C ALA B 184 10.91 1.32 13.08
N SER B 185 12.08 0.83 13.51
CA SER B 185 12.20 -0.39 14.35
C SER B 185 12.45 -0.02 15.82
N GLY B 186 12.49 1.26 16.14
CA GLY B 186 12.76 1.78 17.49
C GLY B 186 13.54 3.07 17.42
N LEU B 187 13.61 3.78 18.53
CA LEU B 187 14.27 5.10 18.65
C LEU B 187 15.77 4.98 18.29
N CYS B 188 16.23 5.85 17.39
CA CYS B 188 17.63 5.99 16.95
C CYS B 188 18.15 4.76 16.17
N THR B 189 17.26 3.93 15.61
CA THR B 189 17.63 2.77 14.77
C THR B 189 17.92 3.25 13.33
N ASP B 190 18.61 2.42 12.54
CA ASP B 190 19.01 2.74 11.16
C ASP B 190 17.98 2.20 10.15
N ASP B 191 16.83 1.71 10.65
CA ASP B 191 15.78 1.13 9.77
C ASP B 191 14.83 2.24 9.36
N VAL B 192 14.45 2.23 8.08
CA VAL B 192 13.54 3.21 7.42
C VAL B 192 12.54 2.43 6.57
N THR B 193 11.25 2.83 6.60
CA THR B 193 10.22 2.21 5.74
C THR B 193 9.87 3.17 4.62
N TYR B 194 9.85 2.66 3.38
CA TYR B 194 9.29 3.32 2.19
C TYR B 194 7.85 2.84 2.00
N MET B 195 6.86 3.73 2.07
CA MET B 195 5.43 3.33 1.98
C MET B 195 4.76 4.09 0.84
N GLU B 196 3.75 3.46 0.22
CA GLU B 196 2.80 4.16 -0.69
C GLU B 196 1.39 3.81 -0.28
N VAL B 197 0.51 4.80 -0.33
CA VAL B 197 -0.93 4.67 0.06
C VAL B 197 -1.77 5.02 -1.16
N SER B 198 -2.78 4.22 -1.48
CA SER B 198 -3.68 4.42 -2.63
C SER B 198 -4.58 5.62 -2.36
N PRO B 199 -5.18 6.26 -3.39
CA PRO B 199 -6.15 7.34 -3.17
C PRO B 199 -7.31 6.90 -2.27
N GLU B 200 -7.58 5.60 -2.22
CA GLU B 200 -8.70 4.96 -1.46
C GLU B 200 -8.32 4.85 0.02
N GLY B 201 -7.05 5.00 0.38
CA GLY B 201 -6.57 5.07 1.77
C GLY B 201 -5.95 3.78 2.26
N GLU B 202 -5.86 2.77 1.37
CA GLU B 202 -5.28 1.44 1.67
C GLU B 202 -3.76 1.51 1.45
N LEU B 203 -2.98 0.87 2.31
CA LEU B 203 -1.49 0.82 2.24
C LEU B 203 -1.10 -0.22 1.19
N VAL B 204 -0.54 0.19 0.05
CA VAL B 204 -0.37 -0.70 -1.14
C VAL B 204 1.09 -1.14 -1.28
N ARG B 205 2.03 -0.49 -0.61
CA ARG B 205 3.46 -0.91 -0.58
C ARG B 205 4.09 -0.50 0.76
N GLU B 206 4.77 -1.44 1.42
CA GLU B 206 5.62 -1.13 2.60
C GLU B 206 6.91 -1.93 2.46
N VAL B 207 8.03 -1.22 2.30
CA VAL B 207 9.40 -1.76 2.10
C VAL B 207 10.28 -1.31 3.26
N TRP B 208 10.95 -2.25 3.93
CA TRP B 208 11.96 -1.89 4.97
C TRP B 208 13.31 -1.80 4.31
N PHE B 209 14.15 -0.85 4.73
CA PHE B 209 15.55 -0.74 4.28
C PHE B 209 16.38 -0.03 5.33
N LYS B 210 17.70 -0.07 5.20
CA LYS B 210 18.62 0.58 6.16
C LYS B 210 19.32 1.73 5.47
N VAL B 211 19.72 2.72 6.25
CA VAL B 211 20.46 3.92 5.76
C VAL B 211 21.85 3.89 6.37
N PRO B 212 22.84 4.59 5.78
CA PRO B 212 24.21 4.56 6.29
C PRO B 212 24.34 4.87 7.80
N TYR B 213 23.49 5.76 8.32
CA TYR B 213 23.48 6.12 9.76
C TYR B 213 22.13 6.73 10.14
N TYR B 214 21.79 6.66 11.42
CA TYR B 214 20.60 7.35 11.98
C TYR B 214 20.85 8.84 12.02
N CYS B 215 19.87 9.59 11.55
CA CYS B 215 19.88 11.07 11.42
C CYS B 215 18.43 11.52 11.16
N MET B 216 18.19 12.81 11.31
CA MET B 216 16.90 13.47 10.99
C MET B 216 16.72 13.42 9.47
N MET B 217 15.80 12.58 9.02
CA MET B 217 15.41 12.46 7.59
C MET B 217 14.04 13.11 7.44
N HIS B 218 13.98 14.44 7.60
CA HIS B 218 12.74 15.25 7.77
C HIS B 218 11.92 15.15 6.49
N ASP B 219 12.64 15.15 5.37
CA ASP B 219 12.10 15.33 3.98
C ASP B 219 12.81 14.40 2.99
N PHE B 220 12.39 14.46 1.73
CA PHE B 220 12.89 13.62 0.61
C PHE B 220 12.22 14.08 -0.68
N GLY B 221 12.66 13.53 -1.82
CA GLY B 221 12.07 13.79 -3.13
C GLY B 221 11.51 12.52 -3.73
N ILE B 222 10.63 12.65 -4.72
CA ILE B 222 10.27 11.53 -5.64
C ILE B 222 10.45 11.98 -7.09
N THR B 223 10.79 11.01 -7.94
CA THR B 223 10.88 11.17 -9.41
C THR B 223 9.86 10.21 -10.00
N GLU B 224 9.79 10.13 -11.32
CA GLU B 224 8.88 9.20 -12.04
C GLU B 224 9.16 7.76 -11.62
N ASP B 225 10.41 7.41 -11.23
CA ASP B 225 10.73 6.00 -10.92
C ASP B 225 11.19 5.82 -9.47
N TYR B 226 11.71 6.88 -8.83
CA TYR B 226 12.53 6.73 -7.61
C TYR B 226 12.00 7.54 -6.41
N LEU B 227 12.44 7.11 -5.23
CA LEU B 227 12.47 7.90 -3.99
C LEU B 227 13.92 8.33 -3.77
N VAL B 228 14.14 9.64 -3.76
CA VAL B 228 15.46 10.28 -3.51
C VAL B 228 15.47 10.73 -2.05
N LEU B 229 16.41 10.22 -1.26
CA LEU B 229 16.47 10.44 0.20
C LEU B 229 17.84 11.01 0.56
N HIS B 230 17.88 12.22 1.12
CA HIS B 230 19.14 12.86 1.58
C HIS B 230 19.41 12.49 3.05
N ILE B 231 20.65 12.07 3.30
CA ILE B 231 21.16 11.62 4.63
C ILE B 231 22.18 12.65 5.09
N VAL B 232 21.73 13.64 5.87
CA VAL B 232 22.52 14.81 6.36
C VAL B 232 22.79 14.59 7.84
N PRO B 233 24.07 14.71 8.29
CA PRO B 233 24.45 14.23 9.61
C PRO B 233 24.02 15.12 10.80
N SER B 234 22.75 15.51 10.88
CA SER B 234 22.09 15.85 12.16
C SER B 234 21.72 14.52 12.80
N ILE B 235 22.63 14.00 13.65
CA ILE B 235 22.61 12.59 14.15
C ILE B 235 22.04 12.56 15.58
N GLY B 236 21.78 11.37 16.09
CA GLY B 236 21.35 11.12 17.48
C GLY B 236 21.59 9.68 17.86
N SER B 237 21.50 9.35 19.16
CA SER B 237 21.74 8.01 19.74
C SER B 237 20.98 7.87 21.04
N TRP B 238 20.77 6.63 21.49
CA TRP B 238 20.19 6.34 22.82
C TRP B 238 21.07 7.00 23.90
N GLU B 239 22.40 6.93 23.70
CA GLU B 239 23.42 7.56 24.59
C GLU B 239 23.00 9.01 24.86
N ARG B 240 22.76 9.79 23.80
CA ARG B 240 22.47 11.24 23.90
C ARG B 240 21.22 11.44 24.77
N LEU B 241 20.21 10.61 24.61
CA LEU B 241 18.91 10.75 25.33
C LEU B 241 19.14 10.39 26.80
N GLU B 242 19.90 9.32 27.04
CA GLU B 242 20.33 8.89 28.40
C GLU B 242 21.10 10.03 29.05
N GLN B 243 21.90 10.78 28.29
CA GLN B 243 22.74 11.88 28.80
C GLN B 243 21.93 13.18 28.90
N GLY B 244 20.66 13.15 28.49
CA GLY B 244 19.79 14.35 28.42
C GLY B 244 20.39 15.44 27.54
N LYS B 245 20.88 15.05 26.36
CA LYS B 245 21.32 15.99 25.30
C LYS B 245 20.10 16.27 24.44
N PRO B 246 20.10 17.31 23.58
CA PRO B 246 19.09 17.41 22.52
C PRO B 246 19.18 16.14 21.65
N HIS B 247 18.02 15.61 21.25
CA HIS B 247 17.92 14.34 20.47
C HIS B 247 18.97 14.34 19.34
N PHE B 248 19.08 15.46 18.64
CA PHE B 248 19.95 15.60 17.45
C PHE B 248 21.07 16.62 17.69
N GLY B 249 22.22 16.32 17.11
CA GLY B 249 23.34 17.26 17.03
C GLY B 249 23.97 17.15 15.67
N PHE B 250 24.65 18.21 15.21
CA PHE B 250 25.28 18.23 13.88
C PHE B 250 26.78 17.90 13.99
N ASP B 251 27.24 16.98 13.13
CA ASP B 251 28.65 16.55 13.03
C ASP B 251 29.16 16.97 11.65
N THR B 252 29.98 18.02 11.62
CA THR B 252 30.55 18.65 10.39
C THR B 252 31.59 17.71 9.76
N THR B 253 31.90 16.60 10.42
CA THR B 253 33.01 15.65 10.13
C THR B 253 32.51 14.46 9.31
N MET B 254 31.20 14.36 9.10
CA MET B 254 30.58 13.15 8.49
C MET B 254 30.16 13.49 7.07
N PRO B 255 30.15 12.49 6.17
CA PRO B 255 29.74 12.70 4.79
C PRO B 255 28.23 12.85 4.67
N VAL B 256 27.80 13.44 3.55
CA VAL B 256 26.37 13.54 3.17
C VAL B 256 26.11 12.50 2.10
N HIS B 257 25.04 11.72 2.24
CA HIS B 257 24.66 10.72 1.20
C HIS B 257 23.35 11.16 0.55
N LEU B 258 23.14 10.68 -0.67
CA LEU B 258 21.84 10.70 -1.37
C LEU B 258 21.54 9.27 -1.84
N GLY B 259 20.47 8.68 -1.32
CA GLY B 259 20.04 7.31 -1.62
C GLY B 259 18.95 7.30 -2.66
N ILE B 260 19.05 6.39 -3.62
CA ILE B 260 18.03 6.25 -4.70
C ILE B 260 17.36 4.91 -4.54
N ILE B 261 16.07 4.92 -4.16
CA ILE B 261 15.22 3.71 -3.96
C ILE B 261 14.26 3.60 -5.13
N PRO B 262 14.31 2.55 -5.96
CA PRO B 262 13.30 2.34 -6.99
C PRO B 262 11.92 2.13 -6.37
N ARG B 263 10.89 2.76 -6.93
CA ARG B 263 9.51 2.72 -6.41
C ARG B 263 8.79 1.61 -7.13
N ARG B 264 8.96 0.37 -6.69
CA ARG B 264 8.24 -0.79 -7.29
C ARG B 264 8.16 -1.88 -6.23
N ASP B 265 7.32 -2.89 -6.47
CA ASP B 265 7.10 -4.03 -5.54
C ASP B 265 8.41 -4.82 -5.41
N GLY B 266 8.75 -5.22 -4.19
CA GLY B 266 9.84 -6.16 -3.90
C GLY B 266 11.23 -5.57 -4.08
N VAL B 267 11.40 -4.25 -3.99
CA VAL B 267 12.75 -3.61 -3.82
C VAL B 267 13.43 -4.27 -2.62
N ARG B 268 14.74 -4.51 -2.73
CA ARG B 268 15.60 -5.08 -1.67
C ARG B 268 16.70 -4.04 -1.39
N GLN B 269 17.44 -4.19 -0.28
CA GLN B 269 18.57 -3.29 0.09
C GLN B 269 19.51 -3.14 -1.12
N GLU B 270 19.80 -4.23 -1.82
CA GLU B 270 20.76 -4.26 -2.96
C GLU B 270 20.26 -3.38 -4.12
N ASP B 271 18.96 -3.11 -4.24
CA ASP B 271 18.41 -2.29 -5.37
C ASP B 271 18.64 -0.80 -5.11
N ILE B 272 19.14 -0.45 -3.92
CA ILE B 272 19.29 0.96 -3.47
C ILE B 272 20.71 1.42 -3.78
N ARG B 273 20.84 2.55 -4.47
CA ARG B 273 22.13 3.15 -4.91
C ARG B 273 22.46 4.28 -3.94
N TRP B 274 23.68 4.32 -3.40
CA TRP B 274 24.10 5.35 -2.41
C TRP B 274 25.18 6.25 -3.01
N PHE B 275 24.87 7.52 -3.26
CA PHE B 275 25.85 8.56 -3.66
C PHE B 275 26.34 9.29 -2.41
N THR B 276 27.57 9.79 -2.44
CA THR B 276 28.24 10.47 -1.28
C THR B 276 28.89 11.77 -1.74
N ARG B 277 28.82 12.80 -0.89
CA ARG B 277 29.43 14.13 -1.11
C ARG B 277 30.04 14.64 0.20
N ASP B 278 30.52 15.89 0.21
CA ASP B 278 31.15 16.53 1.39
C ASP B 278 30.05 17.02 2.35
N ASN B 279 30.43 17.18 3.62
CA ASN B 279 29.53 17.68 4.69
C ASN B 279 28.92 19.02 4.30
N CYS B 280 27.62 19.13 4.52
CA CYS B 280 26.79 20.36 4.34
C CYS B 280 25.49 20.12 5.11
N PHE B 281 24.66 21.15 5.25
CA PHE B 281 23.25 21.01 5.71
C PHE B 281 22.32 21.30 4.54
N ALA B 282 21.48 20.34 4.17
CA ALA B 282 20.25 20.55 3.34
C ALA B 282 19.07 20.03 4.14
N PHE B 283 17.88 20.59 3.97
CA PHE B 283 16.73 20.32 4.85
C PHE B 283 15.50 20.00 4.01
N HIS B 284 14.79 21.03 3.54
CA HIS B 284 13.52 20.85 2.78
C HIS B 284 13.87 20.65 1.30
N VAL B 285 13.13 19.78 0.65
CA VAL B 285 13.29 19.45 -0.79
C VAL B 285 12.22 20.19 -1.58
N LEU B 286 12.61 21.03 -2.52
CA LEU B 286 11.67 21.68 -3.47
C LEU B 286 11.06 20.59 -4.37
N ASN B 287 11.88 19.80 -5.05
CA ASN B 287 11.45 18.89 -6.15
C ASN B 287 12.66 18.10 -6.64
N ALA B 288 12.39 16.91 -7.16
CA ALA B 288 13.37 16.08 -7.90
C ALA B 288 12.77 15.63 -9.24
N TRP B 289 13.61 15.43 -10.25
CA TRP B 289 13.17 14.85 -11.54
C TRP B 289 14.33 14.07 -12.18
N GLN B 290 13.99 13.09 -13.01
CA GLN B 290 14.92 12.30 -13.86
C GLN B 290 15.19 13.05 -15.17
N GLU B 291 16.45 13.10 -15.60
CA GLU B 291 16.92 13.65 -16.91
C GLU B 291 17.74 12.53 -17.57
N GLY B 292 17.06 11.67 -18.32
CA GLY B 292 17.64 10.42 -18.80
C GLY B 292 18.17 9.62 -17.63
N THR B 293 19.49 9.40 -17.55
CA THR B 293 20.14 8.59 -16.48
C THR B 293 20.57 9.47 -15.30
N LYS B 294 20.43 10.79 -15.41
CA LYS B 294 20.77 11.74 -14.33
C LYS B 294 19.52 12.00 -13.48
N ILE B 295 19.72 12.30 -12.20
CA ILE B 295 18.65 12.69 -11.24
C ILE B 295 18.99 14.08 -10.70
N HIS B 296 18.07 15.03 -10.85
CA HIS B 296 18.15 16.40 -10.28
C HIS B 296 17.36 16.42 -8.97
N PHE B 297 18.00 16.84 -7.88
CA PHE B 297 17.44 16.93 -6.51
C PHE B 297 17.71 18.33 -5.99
N VAL B 298 16.69 19.20 -6.05
CA VAL B 298 16.80 20.63 -5.63
C VAL B 298 16.38 20.71 -4.16
N THR B 299 17.33 21.05 -3.28
CA THR B 299 17.11 21.17 -1.82
C THR B 299 17.67 22.52 -1.36
N CYS B 300 17.35 22.88 -0.11
CA CYS B 300 17.81 24.12 0.54
C CYS B 300 19.05 23.79 1.38
N GLU B 301 20.22 24.22 0.86
CA GLU B 301 21.54 23.77 1.34
C GLU B 301 22.29 24.95 1.94
N ALA B 302 22.72 24.78 3.18
CA ALA B 302 23.56 25.71 3.96
C ALA B 302 24.93 25.06 4.14
N LYS B 303 25.95 25.88 4.34
CA LYS B 303 27.34 25.42 4.62
C LYS B 303 27.35 24.52 5.86
N ASN B 304 26.53 24.85 6.88
CA ASN B 304 26.63 24.22 8.23
C ASN B 304 25.23 24.04 8.83
N ASN B 305 25.17 23.62 10.10
CA ASN B 305 23.90 23.38 10.85
C ASN B 305 23.01 24.62 10.78
N MET B 306 21.69 24.40 10.69
CA MET B 306 20.67 25.46 10.66
C MET B 306 19.93 25.55 12.00
N PHE B 307 20.14 24.60 12.92
CA PHE B 307 19.34 24.47 14.17
C PHE B 307 20.19 24.73 15.41
N PRO B 308 20.09 25.92 16.03
CA PRO B 308 20.74 26.20 17.30
C PRO B 308 20.46 25.15 18.38
N PHE B 309 19.20 24.69 18.44
CA PHE B 309 18.63 23.77 19.46
C PHE B 309 19.16 22.34 19.25
N PHE B 310 19.73 22.02 18.09
CA PHE B 310 20.36 20.70 17.80
C PHE B 310 21.86 20.90 17.57
N PRO B 311 22.65 21.24 18.60
CA PRO B 311 23.97 21.83 18.41
C PRO B 311 25.09 20.92 17.86
N ASP B 312 26.24 21.54 17.56
CA ASP B 312 27.46 20.87 17.06
C ASP B 312 27.93 19.84 18.10
N VAL B 313 28.01 18.56 17.71
CA VAL B 313 28.40 17.42 18.59
C VAL B 313 29.79 17.64 19.17
N HIS B 314 30.59 18.53 18.60
CA HIS B 314 31.93 18.94 19.11
C HIS B 314 31.83 20.28 19.87
N GLY B 315 30.62 20.68 20.25
CA GLY B 315 30.36 21.80 21.19
C GLY B 315 30.63 23.18 20.60
N ALA B 316 30.90 23.30 19.30
CA ALA B 316 31.12 24.59 18.59
C ALA B 316 29.86 25.46 18.68
N PRO B 317 30.00 26.77 18.97
CA PRO B 317 28.83 27.65 19.13
C PRO B 317 28.17 27.89 17.78
N PHE B 318 26.85 28.14 17.76
CA PHE B 318 26.05 28.26 16.51
C PHE B 318 26.66 29.35 15.62
N ASN B 319 26.72 29.08 14.32
CA ASN B 319 27.32 29.99 13.31
C ASN B 319 26.23 30.48 12.36
N GLY B 320 25.53 31.56 12.74
CA GLY B 320 24.40 32.16 12.00
C GLY B 320 24.66 32.29 10.50
N MET B 321 25.79 32.87 10.09
CA MET B 321 26.10 33.13 8.65
C MET B 321 26.02 31.81 7.89
N GLU B 322 26.62 30.75 8.45
CA GLU B 322 26.83 29.44 7.78
C GLU B 322 25.51 28.67 7.68
N ALA B 323 24.42 29.18 8.26
CA ALA B 323 23.09 28.54 8.30
C ALA B 323 22.17 29.12 7.21
N MET B 324 22.58 30.20 6.53
CA MET B 324 21.82 30.77 5.38
C MET B 324 21.78 29.69 4.30
N SER B 325 20.57 29.29 3.87
CA SER B 325 20.34 28.21 2.88
C SER B 325 20.02 28.82 1.52
N HIS B 326 20.44 28.17 0.42
CA HIS B 326 20.13 28.55 -0.98
C HIS B 326 19.64 27.35 -1.77
N PRO B 327 18.62 27.53 -2.64
CA PRO B 327 18.15 26.45 -3.51
C PRO B 327 19.32 25.92 -4.34
N THR B 328 19.56 24.61 -4.29
CA THR B 328 20.76 23.97 -4.86
C THR B 328 20.39 22.67 -5.56
N ASP B 329 20.81 22.51 -6.82
CA ASP B 329 20.56 21.30 -7.64
C ASP B 329 21.66 20.25 -7.36
N TRP B 330 21.28 19.13 -6.76
CA TRP B 330 22.16 17.95 -6.52
C TRP B 330 21.99 17.02 -7.72
N VAL B 331 23.03 16.84 -8.54
CA VAL B 331 22.92 16.01 -9.77
C VAL B 331 23.73 14.73 -9.57
N VAL B 332 23.11 13.60 -9.91
CA VAL B 332 23.74 12.25 -9.83
C VAL B 332 23.36 11.47 -11.09
N ASP B 333 24.33 10.76 -11.68
CA ASP B 333 24.07 9.84 -12.82
C ASP B 333 23.97 8.39 -12.34
N MET B 334 22.79 7.77 -12.52
CA MET B 334 22.48 6.35 -12.21
C MET B 334 23.32 5.41 -13.08
N ALA B 335 23.76 5.91 -14.24
CA ALA B 335 24.57 5.20 -15.26
C ALA B 335 26.05 5.31 -14.92
N SER B 336 26.47 6.14 -13.98
CA SER B 336 27.87 6.11 -13.48
C SER B 336 28.05 4.87 -12.57
N ASN B 337 29.31 4.58 -12.22
CA ASN B 337 29.71 3.69 -11.09
C ASN B 337 30.54 4.56 -10.14
N GLY B 338 30.53 4.21 -8.85
CA GLY B 338 31.16 5.06 -7.83
C GLY B 338 30.16 6.05 -7.28
N GLU B 339 30.48 6.65 -6.13
CA GLU B 339 29.54 7.39 -5.27
C GLU B 339 29.54 8.89 -5.57
N ASP B 340 30.53 9.42 -6.27
CA ASP B 340 30.66 10.88 -6.55
C ASP B 340 29.37 11.42 -7.18
N PHE B 341 28.96 12.63 -6.77
CA PHE B 341 27.86 13.39 -7.40
C PHE B 341 28.32 13.89 -8.77
N ALA B 342 27.45 13.83 -9.76
CA ALA B 342 27.66 14.43 -11.09
C ALA B 342 28.00 15.92 -10.94
N GLY B 343 27.40 16.58 -9.95
CA GLY B 343 27.64 18.01 -9.66
C GLY B 343 26.66 18.57 -8.64
N ILE B 344 27.00 19.76 -8.13
CA ILE B 344 26.20 20.61 -7.21
C ILE B 344 26.12 21.99 -7.84
N VAL B 345 24.89 22.47 -8.10
CA VAL B 345 24.64 23.78 -8.73
C VAL B 345 23.73 24.63 -7.82
N LYS B 346 24.22 25.81 -7.44
CA LYS B 346 23.52 26.85 -6.66
C LYS B 346 22.62 27.64 -7.64
N LEU B 347 21.31 27.62 -7.41
CA LEU B 347 20.29 28.12 -8.37
C LEU B 347 19.95 29.59 -8.08
N SER B 348 20.42 30.14 -6.96
CA SER B 348 20.05 31.50 -6.48
C SER B 348 20.92 31.89 -5.28
N ASP B 349 21.29 33.18 -5.22
CA ASP B 349 22.03 33.82 -4.11
C ASP B 349 21.05 34.12 -2.97
N THR B 350 19.76 34.26 -3.28
CA THR B 350 18.68 34.47 -2.28
C THR B 350 18.77 33.40 -1.18
N ALA B 351 18.78 33.82 0.08
CA ALA B 351 18.76 32.88 1.24
C ALA B 351 17.31 32.52 1.54
N ALA B 352 16.91 31.28 1.30
CA ALA B 352 15.50 30.87 1.29
C ALA B 352 15.32 29.43 1.80
N GLU B 353 14.09 29.16 2.24
CA GLU B 353 13.65 27.85 2.77
C GLU B 353 12.14 27.72 2.57
N PHE B 354 11.53 26.72 3.20
CA PHE B 354 10.07 26.45 3.06
C PHE B 354 9.74 26.49 1.58
N PRO B 355 10.45 25.71 0.73
CA PRO B 355 10.27 25.79 -0.72
C PRO B 355 8.94 25.15 -1.13
N ARG B 356 8.28 25.63 -2.18
CA ARG B 356 7.02 25.02 -2.67
C ARG B 356 7.00 24.99 -4.20
N ILE B 357 6.29 24.01 -4.75
CA ILE B 357 5.99 23.92 -6.20
C ILE B 357 4.49 23.79 -6.37
N ASP B 358 4.05 23.86 -7.61
CA ASP B 358 2.72 23.33 -8.01
C ASP B 358 2.74 21.80 -7.86
N ASP B 359 2.09 21.28 -6.81
CA ASP B 359 1.91 19.84 -6.47
C ASP B 359 1.76 18.94 -7.70
N ARG B 360 1.03 19.40 -8.71
CA ARG B 360 0.56 18.57 -9.84
C ARG B 360 1.76 18.11 -10.69
N PHE B 361 2.95 18.68 -10.46
CA PHE B 361 4.15 18.46 -11.29
C PHE B 361 5.27 17.90 -10.42
N THR B 362 4.91 17.32 -9.27
CA THR B 362 5.87 16.62 -8.38
C THR B 362 6.54 15.51 -9.20
N GLY B 363 7.88 15.50 -9.29
CA GLY B 363 8.64 14.46 -10.02
C GLY B 363 9.04 14.86 -11.44
N GLN B 364 8.31 15.78 -12.07
CA GLN B 364 8.67 16.43 -13.36
C GLN B 364 9.55 17.66 -13.07
N LYS B 365 10.33 18.13 -14.06
CA LYS B 365 11.08 19.40 -13.94
C LYS B 365 10.06 20.53 -13.85
N THR B 366 10.02 21.24 -12.72
CA THR B 366 9.09 22.38 -12.48
C THR B 366 9.81 23.66 -12.88
N ARG B 367 9.04 24.57 -13.46
CA ARG B 367 9.54 25.89 -13.94
C ARG B 367 9.60 26.84 -12.76
N HIS B 368 8.67 26.69 -11.83
CA HIS B 368 8.39 27.65 -10.74
C HIS B 368 8.72 27.04 -9.39
N GLY B 369 9.13 27.90 -8.47
CA GLY B 369 9.22 27.62 -7.03
C GLY B 369 8.95 28.87 -6.23
N TRP B 370 8.34 28.70 -5.05
CA TRP B 370 8.12 29.76 -4.04
C TRP B 370 8.88 29.36 -2.77
N PHE B 371 9.32 30.36 -2.02
CA PHE B 371 10.11 30.20 -0.80
C PHE B 371 9.76 31.30 0.20
N LEU B 372 10.11 31.08 1.47
CA LEU B 372 10.32 32.16 2.46
C LEU B 372 11.79 32.58 2.34
N GLU B 373 12.05 33.89 2.26
CA GLU B 373 13.38 34.51 2.10
C GLU B 373 13.72 35.32 3.34
N MET B 374 14.96 35.22 3.82
CA MET B 374 15.51 36.09 4.88
C MET B 374 16.45 37.08 4.21
N ASP B 375 15.99 38.33 4.03
CA ASP B 375 16.73 39.40 3.31
C ASP B 375 17.37 40.33 4.36
N MET B 376 18.66 40.12 4.63
CA MET B 376 19.43 40.79 5.71
C MET B 376 19.46 42.30 5.44
N LYS B 377 19.22 42.73 4.20
CA LYS B 377 19.41 44.14 3.77
C LYS B 377 18.16 44.97 4.07
N ARG B 378 17.07 44.35 4.53
CA ARG B 378 15.79 45.05 4.85
C ARG B 378 15.86 45.66 6.24
N PRO B 379 15.26 46.86 6.46
CA PRO B 379 15.11 47.39 7.82
C PRO B 379 14.21 46.50 8.69
N VAL B 380 14.60 46.27 9.95
CA VAL B 380 13.82 45.49 10.94
C VAL B 380 13.66 46.36 12.20
N GLU B 381 12.43 46.69 12.58
CA GLU B 381 12.16 47.64 13.70
C GLU B 381 11.69 46.91 14.96
N LEU B 382 12.17 45.68 15.21
CA LEU B 382 11.82 44.90 16.42
C LEU B 382 13.06 44.14 16.91
N LEU B 391 14.66 35.36 10.96
CA LEU B 391 13.40 36.11 10.66
C LEU B 391 13.08 36.02 9.16
N MET B 392 11.90 35.49 8.80
CA MET B 392 11.47 35.35 7.39
C MET B 392 10.60 36.54 7.02
N ASN B 393 11.13 37.48 6.22
CA ASN B 393 10.49 38.80 5.99
C ASN B 393 10.10 38.98 4.51
N CYS B 394 10.15 37.92 3.70
CA CYS B 394 9.90 38.04 2.24
C CYS B 394 9.34 36.74 1.65
N LEU B 395 8.32 36.89 0.80
CA LEU B 395 7.89 35.84 -0.15
C LEU B 395 8.82 35.91 -1.36
N PHE B 396 9.28 34.75 -1.82
CA PHE B 396 10.28 34.63 -2.92
C PHE B 396 9.73 33.70 -3.99
N HIS B 397 9.67 34.18 -5.24
CA HIS B 397 9.28 33.38 -6.44
C HIS B 397 10.44 33.36 -7.43
N LYS B 398 10.76 32.20 -7.98
CA LYS B 398 11.78 32.05 -9.04
C LYS B 398 11.17 31.36 -10.26
N ASP B 399 11.17 32.06 -11.39
CA ASP B 399 10.95 31.45 -12.73
C ASP B 399 12.27 30.80 -13.13
N PHE B 400 12.37 29.47 -13.10
CA PHE B 400 13.63 28.73 -13.34
C PHE B 400 14.00 28.81 -14.84
N GLU B 401 13.00 28.86 -15.73
CA GLU B 401 13.16 29.04 -17.20
C GLU B 401 13.81 30.39 -17.48
N THR B 402 13.21 31.49 -17.03
CA THR B 402 13.65 32.87 -17.39
C THR B 402 14.70 33.36 -16.41
N GLY B 403 14.84 32.68 -15.26
CA GLY B 403 15.76 33.06 -14.17
C GLY B 403 15.20 34.22 -13.36
N ARG B 404 14.09 34.81 -13.77
CA ARG B 404 13.50 36.01 -13.11
C ARG B 404 13.15 35.67 -11.66
N GLU B 405 13.65 36.49 -10.72
CA GLU B 405 13.39 36.38 -9.26
C GLU B 405 12.48 37.53 -8.80
N GLN B 406 11.28 37.21 -8.29
CA GLN B 406 10.35 38.20 -7.68
C GLN B 406 10.46 38.10 -6.15
N HIS B 407 10.65 39.23 -5.49
CA HIS B 407 10.64 39.32 -4.01
C HIS B 407 9.43 40.14 -3.60
N TRP B 408 8.80 39.79 -2.49
CA TRP B 408 7.81 40.65 -1.79
C TRP B 408 8.19 40.75 -0.32
N TRP B 409 8.22 41.98 0.21
CA TRP B 409 8.57 42.30 1.62
C TRP B 409 7.31 42.64 2.41
N CYS B 410 7.14 42.03 3.59
CA CYS B 410 5.97 42.25 4.49
C CYS B 410 6.19 43.49 5.36
N GLY B 411 7.27 44.23 5.15
CA GLY B 411 7.59 45.41 5.96
C GLY B 411 8.32 45.04 7.25
N PRO B 412 8.69 46.05 8.07
CA PRO B 412 9.71 45.86 9.09
C PRO B 412 9.23 45.33 10.44
N VAL B 413 7.92 45.21 10.63
CA VAL B 413 7.30 44.84 11.94
C VAL B 413 6.42 43.59 11.75
N SER B 414 6.66 42.87 10.65
CA SER B 414 5.91 41.65 10.30
C SER B 414 6.90 40.55 9.89
N SER B 415 6.43 39.30 9.88
CA SER B 415 7.17 38.10 9.43
C SER B 415 6.16 37.15 8.75
N LEU B 416 6.62 36.22 7.91
CA LEU B 416 5.69 35.39 7.08
C LEU B 416 5.85 33.91 7.42
N GLN B 417 4.79 33.14 7.20
CA GLN B 417 4.75 31.67 7.36
C GLN B 417 4.85 30.99 5.99
N GLU B 418 4.90 29.66 5.98
CA GLU B 418 5.10 28.87 4.73
C GLU B 418 4.05 29.30 3.71
N PRO B 419 4.47 29.57 2.45
CA PRO B 419 3.52 29.80 1.36
C PRO B 419 2.92 28.48 0.87
N CYS B 420 1.74 28.57 0.26
CA CYS B 420 0.93 27.43 -0.23
C CYS B 420 0.37 27.80 -1.61
N PHE B 421 0.70 27.00 -2.61
CA PHE B 421 0.26 27.25 -4.01
C PHE B 421 -1.16 26.71 -4.20
N VAL B 422 -1.99 27.48 -4.88
CA VAL B 422 -3.39 27.08 -5.22
C VAL B 422 -3.59 27.25 -6.72
N PRO B 423 -3.93 26.18 -7.46
CA PRO B 423 -4.17 26.29 -8.90
C PRO B 423 -5.41 27.13 -9.25
N ARG B 424 -5.32 27.90 -10.34
CA ARG B 424 -6.42 28.76 -10.84
CA ARG B 424 -6.43 28.76 -10.83
C ARG B 424 -7.55 27.88 -11.39
N ALA B 425 -7.19 26.77 -12.02
CA ALA B 425 -8.12 25.79 -12.64
C ALA B 425 -7.46 24.42 -12.62
N LYS B 426 -8.21 23.32 -12.42
CA LYS B 426 -7.61 21.98 -12.15
C LYS B 426 -6.68 21.58 -13.30
N ASP B 427 -6.92 22.12 -14.50
CA ASP B 427 -6.18 21.80 -15.75
C ASP B 427 -5.32 22.98 -16.23
N ALA B 428 -5.10 23.98 -15.39
CA ALA B 428 -4.34 25.21 -15.73
C ALA B 428 -2.84 24.90 -15.71
N PRO B 429 -2.05 25.61 -16.55
CA PRO B 429 -0.60 25.57 -16.51
C PRO B 429 0.05 25.56 -15.11
N GLU B 430 1.21 24.91 -15.02
CA GLU B 430 2.05 24.94 -13.81
C GLU B 430 2.25 26.39 -13.39
N GLY B 431 1.94 26.71 -12.13
CA GLY B 431 2.21 28.01 -11.49
C GLY B 431 1.15 29.06 -11.80
N ASP B 432 0.17 28.70 -12.63
CA ASP B 432 -1.01 29.56 -12.92
C ASP B 432 -1.96 29.47 -11.72
N GLY B 433 -1.89 30.42 -10.79
CA GLY B 433 -2.78 30.39 -9.61
C GLY B 433 -2.39 31.41 -8.55
N TRP B 434 -2.59 31.08 -7.29
CA TRP B 434 -2.39 32.01 -6.15
C TRP B 434 -1.48 31.37 -5.10
N ILE B 435 -0.87 32.23 -4.30
CA ILE B 435 -0.11 31.84 -3.08
C ILE B 435 -0.90 32.36 -1.88
N VAL B 436 -1.33 31.47 -0.99
CA VAL B 436 -1.98 31.84 0.31
C VAL B 436 -0.95 31.60 1.42
N GLN B 437 -0.82 32.55 2.35
CA GLN B 437 0.11 32.39 3.49
C GLN B 437 -0.36 33.26 4.65
N VAL B 438 -0.05 32.83 5.86
CA VAL B 438 -0.32 33.61 7.10
C VAL B 438 0.83 34.58 7.29
N CYS B 439 0.52 35.82 7.68
CA CYS B 439 1.48 36.90 7.99
C CYS B 439 1.38 37.26 9.48
N ASN B 440 2.53 37.37 10.13
CA ASN B 440 2.67 37.66 11.57
C ASN B 440 2.84 39.16 11.80
N ARG B 441 1.74 39.88 12.05
CA ARG B 441 1.78 41.31 12.44
C ARG B 441 2.27 41.36 13.89
N LEU B 442 3.58 41.56 14.08
CA LEU B 442 4.24 41.33 15.39
C LEU B 442 3.98 42.53 16.29
N GLU B 443 4.34 43.75 15.86
CA GLU B 443 4.14 44.99 16.65
C GLU B 443 2.66 45.10 17.05
N GLU B 444 1.76 44.78 16.12
CA GLU B 444 0.29 44.94 16.26
C GLU B 444 -0.37 43.72 16.92
N GLN B 445 0.38 42.65 17.20
CA GLN B 445 -0.08 41.46 17.99
C GLN B 445 -1.25 40.74 17.29
N ARG B 446 -1.29 40.67 15.95
CA ARG B 446 -2.39 40.01 15.20
C ARG B 446 -1.86 39.22 13.99
N SER B 447 -2.75 38.50 13.30
CA SER B 447 -2.42 37.62 12.16
C SER B 447 -3.31 37.95 10.95
N ASP B 448 -2.70 38.02 9.77
CA ASP B 448 -3.37 38.24 8.46
C ASP B 448 -3.21 36.98 7.60
N LEU B 449 -4.20 36.72 6.73
CA LEU B 449 -4.08 35.77 5.61
C LEU B 449 -3.84 36.54 4.31
N LEU B 450 -2.70 36.33 3.67
CA LEU B 450 -2.35 37.00 2.38
C LEU B 450 -2.76 36.09 1.21
N ILE B 451 -3.31 36.67 0.15
CA ILE B 451 -3.57 36.00 -1.16
C ILE B 451 -2.89 36.81 -2.25
N PHE B 452 -1.92 36.22 -2.96
CA PHE B 452 -1.19 36.86 -4.10
C PHE B 452 -1.57 36.19 -5.42
N ASP B 453 -1.31 36.87 -6.54
CA ASP B 453 -1.16 36.24 -7.87
C ASP B 453 0.17 35.48 -7.84
N ALA B 454 0.12 34.15 -7.97
CA ALA B 454 1.31 33.27 -7.85
C ALA B 454 2.44 33.75 -8.77
N LEU B 455 2.14 34.25 -9.98
CA LEU B 455 3.22 34.65 -10.92
C LEU B 455 3.51 36.15 -10.81
N ASP B 456 2.77 36.90 -9.99
CA ASP B 456 3.01 38.35 -9.76
C ASP B 456 2.97 38.65 -8.25
N ILE B 457 3.85 38.03 -7.48
CA ILE B 457 3.82 38.21 -6.00
C ILE B 457 4.26 39.63 -5.65
N GLU B 458 5.05 40.30 -6.51
CA GLU B 458 5.74 41.55 -6.09
C GLU B 458 4.78 42.73 -6.21
N LYS B 459 3.65 42.59 -6.91
CA LYS B 459 2.61 43.64 -6.94
C LYS B 459 1.92 43.71 -5.57
N GLY B 460 2.19 42.75 -4.69
CA GLY B 460 1.62 42.64 -3.35
C GLY B 460 0.33 41.84 -3.39
N PRO B 461 -0.21 41.43 -2.22
CA PRO B 461 -1.37 40.55 -2.17
C PRO B 461 -2.62 41.19 -2.76
N VAL B 462 -3.42 40.42 -3.49
CA VAL B 462 -4.72 40.87 -4.04
C VAL B 462 -5.74 40.93 -2.88
N ALA B 463 -5.56 40.13 -1.84
CA ALA B 463 -6.41 40.15 -0.63
C ALA B 463 -5.51 40.11 0.62
N THR B 464 -5.69 41.07 1.53
CA THR B 464 -5.18 41.04 2.93
C THR B 464 -6.38 40.78 3.83
N VAL B 465 -6.45 39.59 4.41
CA VAL B 465 -7.60 39.10 5.21
C VAL B 465 -7.20 39.12 6.69
N ASN B 466 -7.85 39.98 7.49
CA ASN B 466 -7.60 40.13 8.95
C ASN B 466 -8.18 38.88 9.63
N ILE B 467 -7.35 38.18 10.41
CA ILE B 467 -7.76 36.98 11.19
C ILE B 467 -7.89 37.45 12.63
N PRO B 468 -9.12 37.37 13.21
CA PRO B 468 -9.40 38.04 14.48
C PRO B 468 -8.72 37.32 15.66
N ILE B 469 -8.48 36.02 15.51
CA ILE B 469 -7.65 35.21 16.46
C ILE B 469 -6.18 35.39 16.10
N ARG B 470 -5.34 35.69 17.08
CA ARG B 470 -3.86 35.65 16.91
C ARG B 470 -3.44 34.18 16.75
N LEU B 471 -2.82 33.85 15.62
CA LEU B 471 -2.18 32.54 15.35
C LEU B 471 -0.72 32.63 15.78
N ARG B 472 -0.09 31.50 16.10
CA ARG B 472 1.33 31.50 16.56
C ARG B 472 2.20 31.11 15.35
N PHE B 473 3.52 31.11 15.54
CA PHE B 473 4.51 30.45 14.66
C PHE B 473 3.90 29.12 14.22
N GLY B 474 3.50 29.00 12.96
CA GLY B 474 3.00 27.75 12.34
C GLY B 474 4.12 27.07 11.60
N LEU B 475 3.87 25.84 11.12
CA LEU B 475 4.86 25.04 10.34
C LEU B 475 4.35 24.78 8.93
N HIS B 476 3.84 23.60 8.62
CA HIS B 476 3.48 23.25 7.22
C HIS B 476 1.97 23.31 7.05
N GLY B 477 1.50 23.70 5.86
CA GLY B 477 0.07 23.68 5.51
C GLY B 477 -0.13 23.42 4.03
N ASN B 478 -1.25 22.80 3.65
CA ASN B 478 -1.52 22.45 2.23
C ASN B 478 -2.94 22.87 1.87
N TRP B 479 -3.20 23.01 0.56
CA TRP B 479 -4.53 23.33 -0.02
C TRP B 479 -5.26 22.06 -0.46
N ALA B 480 -6.59 22.08 -0.47
CA ALA B 480 -7.45 21.05 -1.12
C ALA B 480 -8.70 21.73 -1.67
N ASN B 481 -9.17 21.28 -2.84
CA ASN B 481 -10.43 21.78 -3.45
C ASN B 481 -11.59 21.21 -2.64
N ALA B 482 -12.69 21.94 -2.59
CA ALA B 482 -13.92 21.59 -1.85
C ALA B 482 -14.29 20.12 -2.07
N ASP B 483 -14.02 19.52 -3.23
CA ASP B 483 -14.50 18.14 -3.56
C ASP B 483 -13.68 17.08 -2.82
N GLU B 484 -12.47 17.40 -2.33
CA GLU B 484 -11.57 16.44 -1.62
C GLU B 484 -11.92 16.36 -0.12
N ILE B 485 -12.72 17.29 0.37
CA ILE B 485 -13.02 17.51 1.81
C ILE B 485 -14.55 17.48 2.05
N GLY B 486 -15.37 17.35 0.99
CA GLY B 486 -16.83 17.13 1.09
C GLY B 486 -17.59 18.41 1.41
N LEU B 487 -17.38 19.45 0.59
CA LEU B 487 -18.01 20.80 0.72
C LEU B 487 -18.43 21.35 -0.66
N ALA B 488 -18.56 20.53 -1.70
CA ALA B 488 -18.79 20.97 -3.11
C ALA B 488 -19.85 22.09 -3.18
N GLN C 3 -40.94 22.86 -21.32
CA GLN C 3 -41.31 21.81 -22.33
C GLN C 3 -40.30 21.85 -23.47
N PHE C 4 -40.33 20.84 -24.35
CA PHE C 4 -39.40 20.67 -25.50
C PHE C 4 -40.01 21.34 -26.74
N PRO C 5 -39.20 21.77 -27.72
CA PRO C 5 -39.75 22.23 -28.99
C PRO C 5 -40.70 21.18 -29.60
N ASN C 6 -41.69 21.66 -30.36
CA ASN C 6 -42.75 20.83 -30.99
C ASN C 6 -42.41 20.67 -32.48
N THR C 7 -41.29 20.01 -32.77
CA THR C 7 -40.76 19.69 -34.13
C THR C 7 -40.80 18.17 -34.32
N PRO C 8 -40.50 17.61 -35.53
CA PRO C 8 -40.35 16.15 -35.69
C PRO C 8 -39.20 15.53 -34.89
N SER C 9 -38.21 16.33 -34.44
CA SER C 9 -36.95 15.85 -33.81
C SER C 9 -37.13 15.56 -32.31
N PHE C 10 -38.30 15.84 -31.72
CA PHE C 10 -38.57 15.75 -30.27
C PHE C 10 -39.95 15.15 -29.98
N THR C 11 -40.54 14.37 -30.91
CA THR C 11 -41.94 13.85 -30.80
C THR C 11 -42.15 12.54 -31.56
N GLY C 12 -43.18 11.78 -31.16
CA GLY C 12 -43.55 10.47 -31.75
C GLY C 12 -42.62 9.38 -31.25
N PHE C 13 -41.96 8.67 -32.17
CA PHE C 13 -40.88 7.69 -31.88
C PHE C 13 -39.80 8.39 -31.04
N ASN C 14 -39.45 9.64 -31.39
CA ASN C 14 -38.29 10.38 -30.81
C ASN C 14 -38.73 11.31 -29.67
N THR C 15 -39.81 11.00 -28.97
CA THR C 15 -40.18 11.66 -27.69
C THR C 15 -39.04 11.49 -26.69
N PRO C 16 -38.57 12.54 -26.00
CA PRO C 16 -37.54 12.37 -24.96
C PRO C 16 -37.98 11.26 -23.98
N SER C 17 -37.02 10.54 -23.38
CA SER C 17 -37.27 9.43 -22.43
C SER C 17 -36.67 9.77 -21.05
N ARG C 18 -35.36 9.91 -20.99
CA ARG C 18 -34.62 10.41 -19.80
C ARG C 18 -34.87 9.51 -18.59
N ILE C 19 -35.37 8.29 -18.84
CA ILE C 19 -35.62 7.28 -17.78
C ILE C 19 -34.33 6.50 -17.55
N GLU C 20 -33.75 6.61 -16.36
CA GLU C 20 -32.81 5.59 -15.82
C GLU C 20 -33.70 4.49 -15.26
N ALA C 21 -33.30 3.22 -15.29
CA ALA C 21 -34.13 2.10 -14.78
C ALA C 21 -33.34 0.80 -14.61
N ASP C 22 -33.99 -0.18 -13.96
CA ASP C 22 -33.50 -1.55 -13.69
C ASP C 22 -34.70 -2.50 -13.67
N ILE C 23 -34.70 -3.51 -14.55
CA ILE C 23 -35.66 -4.65 -14.52
C ILE C 23 -34.87 -5.94 -14.70
N ALA C 24 -35.32 -7.05 -14.12
CA ALA C 24 -34.70 -8.38 -14.22
C ALA C 24 -35.65 -9.32 -14.98
N ASP C 25 -35.11 -10.22 -15.80
CA ASP C 25 -35.86 -11.28 -16.54
C ASP C 25 -37.00 -10.64 -17.34
N LEU C 26 -36.68 -9.94 -18.44
CA LEU C 26 -37.74 -9.34 -19.31
C LEU C 26 -38.55 -10.46 -19.98
N ALA C 27 -39.86 -10.24 -20.12
CA ALA C 27 -40.84 -11.17 -20.75
C ALA C 27 -40.47 -11.38 -22.22
N HIS C 28 -40.68 -12.58 -22.76
CA HIS C 28 -40.19 -12.93 -24.12
C HIS C 28 -40.99 -14.08 -24.73
N GLU C 29 -41.37 -13.96 -26.01
CA GLU C 29 -41.69 -15.13 -26.88
C GLU C 29 -40.41 -15.93 -27.10
N GLY C 30 -40.56 -17.22 -27.43
CA GLY C 30 -39.46 -18.13 -27.82
C GLY C 30 -38.46 -18.38 -26.70
N THR C 31 -37.24 -18.76 -27.06
CA THR C 31 -36.21 -19.20 -26.08
C THR C 31 -34.97 -18.31 -26.20
N ILE C 32 -34.53 -17.76 -25.07
CA ILE C 32 -33.22 -17.06 -24.97
C ILE C 32 -32.13 -18.13 -24.94
N PRO C 33 -31.23 -18.16 -25.95
CA PRO C 33 -30.19 -19.18 -25.98
C PRO C 33 -29.36 -19.21 -24.67
N GLN C 34 -29.24 -20.40 -24.09
CA GLN C 34 -28.56 -20.66 -22.80
C GLN C 34 -27.09 -20.25 -22.91
N GLY C 35 -26.51 -20.45 -24.09
CA GLY C 35 -25.10 -20.13 -24.40
C GLY C 35 -24.75 -18.70 -24.04
N LEU C 36 -25.66 -17.75 -24.31
CA LEU C 36 -25.42 -16.30 -24.08
C LEU C 36 -25.08 -16.06 -22.61
N ASN C 37 -23.98 -15.34 -22.35
CA ASN C 37 -23.54 -14.93 -20.99
C ASN C 37 -22.61 -13.73 -21.14
N GLY C 38 -23.19 -12.54 -21.02
CA GLY C 38 -22.51 -11.25 -21.24
C GLY C 38 -23.52 -10.12 -21.31
N ALA C 39 -23.18 -8.98 -21.90
CA ALA C 39 -24.04 -7.79 -21.90
C ALA C 39 -23.92 -7.01 -23.22
N PHE C 40 -25.06 -6.81 -23.88
CA PHE C 40 -25.20 -5.96 -25.08
C PHE C 40 -25.42 -4.51 -24.62
N TYR C 41 -24.47 -3.63 -24.91
CA TYR C 41 -24.55 -2.21 -24.54
C TYR C 41 -24.85 -1.38 -25.78
N ARG C 42 -25.95 -0.66 -25.80
CA ARG C 42 -26.25 0.27 -26.92
C ARG C 42 -26.45 1.67 -26.33
N VAL C 43 -26.36 2.68 -27.17
CA VAL C 43 -26.48 4.09 -26.74
C VAL C 43 -27.58 4.74 -27.57
N GLN C 44 -28.36 5.61 -26.92
CA GLN C 44 -29.35 6.50 -27.57
C GLN C 44 -28.99 7.93 -27.19
N PRO C 45 -28.96 8.88 -28.15
CA PRO C 45 -29.10 10.30 -27.81
C PRO C 45 -30.43 10.46 -27.06
N ASP C 46 -30.43 11.22 -25.98
CA ASP C 46 -31.62 11.53 -25.17
C ASP C 46 -31.36 12.87 -24.48
N PRO C 47 -31.96 13.98 -24.94
CA PRO C 47 -31.64 15.30 -24.41
C PRO C 47 -32.13 15.46 -22.96
N GLN C 48 -31.22 15.89 -22.07
CA GLN C 48 -31.48 16.09 -20.62
C GLN C 48 -32.38 17.32 -20.43
N PHE C 49 -32.20 18.34 -21.27
CA PHE C 49 -32.98 19.61 -21.28
C PHE C 49 -33.43 19.91 -22.70
N PRO C 50 -34.43 20.80 -22.89
CA PRO C 50 -34.78 21.26 -24.22
C PRO C 50 -33.59 21.96 -24.86
N PRO C 51 -33.43 21.83 -26.19
CA PRO C 51 -32.31 22.41 -26.93
C PRO C 51 -32.26 23.94 -26.75
N ARG C 52 -31.06 24.49 -26.58
CA ARG C 52 -30.91 25.96 -26.52
C ARG C 52 -30.88 26.43 -27.98
N ASP C 56 -32.68 21.55 -32.53
CA ASP C 56 -31.46 20.73 -32.77
C ASP C 56 -31.83 19.45 -33.53
N ILE C 57 -30.82 18.70 -33.96
CA ILE C 57 -31.03 17.35 -34.54
C ILE C 57 -31.12 16.36 -33.38
N ALA C 58 -31.83 15.25 -33.59
CA ALA C 58 -31.95 14.10 -32.66
C ALA C 58 -30.56 13.52 -32.38
N PHE C 59 -29.70 13.46 -33.39
CA PHE C 59 -28.30 12.97 -33.30
C PHE C 59 -27.56 13.74 -32.18
N ASN C 60 -27.95 14.99 -31.90
CA ASN C 60 -27.25 15.86 -30.91
C ASN C 60 -27.97 15.85 -29.54
N GLY C 61 -28.66 14.76 -29.23
CA GLY C 61 -29.10 14.45 -27.86
C GLY C 61 -27.92 14.06 -26.98
N ASP C 62 -28.13 14.04 -25.67
CA ASP C 62 -27.19 13.56 -24.63
C ASP C 62 -27.15 12.04 -24.62
N GLY C 63 -26.04 11.45 -24.18
CA GLY C 63 -25.81 10.00 -24.23
C GLY C 63 -26.48 9.29 -23.07
N MET C 64 -27.37 8.34 -23.38
CA MET C 64 -28.02 7.45 -22.40
C MET C 64 -27.71 6.00 -22.79
N ILE C 65 -27.02 5.26 -21.94
CA ILE C 65 -26.50 3.88 -22.21
C ILE C 65 -27.51 2.83 -21.74
N THR C 66 -28.06 2.07 -22.67
CA THR C 66 -28.88 0.88 -22.34
C THR C 66 -27.97 -0.34 -22.28
N ARG C 67 -28.25 -1.29 -21.39
CA ARG C 67 -27.47 -2.55 -21.25
C ARG C 67 -28.43 -3.73 -21.05
N PHE C 68 -28.30 -4.73 -21.92
CA PHE C 68 -29.07 -6.01 -21.88
C PHE C 68 -28.13 -7.14 -21.47
N HIS C 69 -27.71 -7.18 -20.20
CA HIS C 69 -26.98 -8.32 -19.57
C HIS C 69 -27.82 -9.60 -19.68
N ILE C 70 -27.40 -10.52 -20.54
CA ILE C 70 -28.07 -11.82 -20.80
C ILE C 70 -27.27 -12.92 -20.10
N HIS C 71 -27.94 -13.87 -19.47
CA HIS C 71 -27.33 -14.97 -18.69
C HIS C 71 -28.40 -16.01 -18.35
N ASP C 72 -28.02 -17.28 -18.21
CA ASP C 72 -28.88 -18.35 -17.64
C ASP C 72 -30.26 -18.31 -18.33
N GLY C 73 -30.30 -17.90 -19.60
CA GLY C 73 -31.54 -17.83 -20.40
C GLY C 73 -32.51 -16.74 -19.92
N GLN C 74 -32.01 -15.55 -19.57
CA GLN C 74 -32.87 -14.39 -19.18
C GLN C 74 -32.14 -13.08 -19.47
N VAL C 75 -32.86 -12.01 -19.80
CA VAL C 75 -32.28 -10.66 -20.08
C VAL C 75 -32.67 -9.69 -18.94
N ASP C 76 -31.67 -8.98 -18.40
CA ASP C 76 -31.80 -7.92 -17.38
C ASP C 76 -31.61 -6.55 -18.04
N PHE C 77 -32.49 -5.59 -17.71
CA PHE C 77 -32.45 -4.23 -18.26
C PHE C 77 -31.74 -3.31 -17.27
N ARG C 78 -30.98 -2.38 -17.82
CA ARG C 78 -30.31 -1.31 -17.05
C ARG C 78 -29.97 -0.18 -18.01
N GLN C 79 -30.30 1.06 -17.65
CA GLN C 79 -30.10 2.24 -18.51
C GLN C 79 -29.55 3.34 -17.63
N ARG C 80 -28.47 4.01 -18.05
CA ARG C 80 -27.80 5.05 -17.22
C ARG C 80 -27.35 6.19 -18.12
N TRP C 81 -27.53 7.42 -17.66
CA TRP C 81 -26.85 8.61 -18.23
C TRP C 81 -25.35 8.36 -18.27
N ALA C 82 -24.74 8.68 -19.42
CA ALA C 82 -23.30 8.96 -19.58
C ALA C 82 -23.05 10.37 -19.03
N LYS C 83 -22.32 10.44 -17.91
CA LYS C 83 -22.15 11.68 -17.09
C LYS C 83 -21.01 12.54 -17.67
N THR C 84 -21.25 13.10 -18.84
CA THR C 84 -20.34 14.04 -19.54
C THR C 84 -20.26 15.32 -18.73
N ASP C 85 -19.15 16.03 -18.80
CA ASP C 85 -19.04 17.39 -18.23
C ASP C 85 -20.25 18.20 -18.71
N LYS C 86 -20.63 18.07 -19.98
CA LYS C 86 -21.81 18.80 -20.53
C LYS C 86 -23.05 18.51 -19.66
N TRP C 87 -23.30 17.24 -19.37
CA TRP C 87 -24.45 16.74 -18.58
C TRP C 87 -24.39 17.31 -17.15
N LYS C 88 -23.21 17.27 -16.52
CA LYS C 88 -22.95 17.79 -15.15
C LYS C 88 -23.26 19.29 -15.11
N LEU C 89 -22.54 20.09 -15.88
CA LEU C 89 -22.69 21.57 -15.93
C LEU C 89 -24.16 21.93 -16.17
N GLU C 90 -24.80 21.27 -17.14
CA GLU C 90 -26.23 21.51 -17.51
C GLU C 90 -27.13 21.09 -16.36
N ASN C 91 -26.78 20.01 -15.64
CA ASN C 91 -27.56 19.51 -14.48
C ASN C 91 -27.48 20.54 -13.36
N ALA C 92 -26.27 20.79 -12.85
CA ALA C 92 -25.97 21.76 -11.77
C ALA C 92 -26.69 23.08 -12.07
N ALA C 93 -26.76 23.49 -13.35
CA ALA C 93 -27.27 24.82 -13.79
C ALA C 93 -28.76 24.77 -14.11
N GLY C 94 -29.30 23.61 -14.49
CA GLY C 94 -30.73 23.37 -14.71
C GLY C 94 -31.23 23.90 -16.05
N LYS C 95 -30.38 24.04 -17.07
CA LYS C 95 -30.82 24.49 -18.42
C LYS C 95 -29.77 24.17 -19.48
N ALA C 96 -30.13 24.40 -20.74
CA ALA C 96 -29.27 24.21 -21.93
C ALA C 96 -28.20 25.31 -21.99
N LEU C 97 -26.93 24.92 -21.96
CA LEU C 97 -25.76 25.85 -22.10
C LEU C 97 -25.13 25.67 -23.48
N PHE C 98 -24.81 24.43 -23.87
CA PHE C 98 -24.16 24.12 -25.17
C PHE C 98 -25.20 24.20 -26.28
N GLY C 99 -24.76 24.52 -27.50
CA GLY C 99 -25.62 24.80 -28.67
C GLY C 99 -25.57 23.69 -29.71
N ALA C 100 -25.45 24.05 -31.00
CA ALA C 100 -25.59 23.16 -32.17
C ALA C 100 -24.44 22.15 -32.26
N TYR C 101 -24.67 20.99 -32.92
CA TYR C 101 -23.68 19.91 -33.21
C TYR C 101 -22.37 20.54 -33.68
N ARG C 102 -21.30 20.33 -32.92
CA ARG C 102 -19.91 20.73 -33.24
C ARG C 102 -19.89 22.19 -33.73
N ASN C 103 -20.32 23.14 -32.90
CA ASN C 103 -20.32 24.58 -33.24
C ASN C 103 -20.19 25.39 -31.96
N PRO C 104 -18.98 25.47 -31.38
CA PRO C 104 -18.74 26.27 -30.17
C PRO C 104 -19.32 27.69 -30.16
N LEU C 105 -19.44 28.35 -31.32
CA LEU C 105 -19.85 29.77 -31.47
C LEU C 105 -21.23 29.99 -30.84
N THR C 106 -22.13 29.00 -30.91
CA THR C 106 -23.53 29.10 -30.44
C THR C 106 -23.66 28.72 -28.95
N ASP C 107 -22.54 28.51 -28.26
CA ASP C 107 -22.52 28.17 -26.81
C ASP C 107 -22.63 29.44 -25.98
N ASP C 108 -23.09 29.26 -24.74
CA ASP C 108 -23.12 30.28 -23.65
C ASP C 108 -21.67 30.50 -23.19
N GLU C 109 -21.30 31.77 -22.99
CA GLU C 109 -19.96 32.19 -22.51
C GLU C 109 -19.57 31.39 -21.25
N ALA C 110 -20.54 30.85 -20.51
CA ALA C 110 -20.32 30.16 -19.21
C ALA C 110 -19.48 28.89 -19.41
N VAL C 111 -19.56 28.25 -20.58
CA VAL C 111 -19.07 26.84 -20.77
C VAL C 111 -17.95 26.76 -21.80
N LYS C 112 -17.52 27.92 -22.33
CA LYS C 112 -16.47 28.04 -23.39
C LYS C 112 -15.24 27.22 -22.99
N GLY C 113 -14.75 26.40 -23.90
CA GLY C 113 -13.49 25.65 -23.75
C GLY C 113 -13.65 24.34 -22.99
N GLU C 114 -14.82 24.08 -22.44
CA GLU C 114 -15.12 22.79 -21.75
C GLU C 114 -15.43 21.74 -22.85
N ILE C 115 -15.31 20.45 -22.51
CA ILE C 115 -15.51 19.31 -23.43
C ILE C 115 -17.01 19.16 -23.73
N ARG C 116 -17.39 19.30 -25.00
CA ARG C 116 -18.81 19.39 -25.43
C ARG C 116 -19.43 17.99 -25.63
N SER C 117 -18.65 16.91 -25.52
CA SER C 117 -19.09 15.53 -25.86
C SER C 117 -20.44 15.24 -25.19
N THR C 118 -21.36 14.63 -25.95
CA THR C 118 -22.64 14.04 -25.46
C THR C 118 -22.48 12.52 -25.31
N ALA C 119 -21.29 12.00 -25.62
CA ALA C 119 -20.89 10.58 -25.52
C ALA C 119 -22.04 9.67 -25.98
N ASN C 120 -22.68 10.02 -27.10
CA ASN C 120 -23.99 9.46 -27.51
C ASN C 120 -23.89 8.65 -28.81
N THR C 121 -22.70 8.36 -29.34
CA THR C 121 -22.54 7.73 -30.68
C THR C 121 -22.28 6.24 -30.55
N ASN C 122 -21.33 5.84 -29.71
CA ASN C 122 -21.12 4.40 -29.43
C ASN C 122 -20.80 4.18 -27.96
N ALA C 123 -21.23 3.03 -27.46
CA ALA C 123 -20.90 2.40 -26.17
C ALA C 123 -20.08 1.14 -26.42
N PHE C 124 -18.83 1.16 -25.95
CA PHE C 124 -17.81 0.14 -26.25
C PHE C 124 -17.17 -0.32 -24.94
N VAL C 125 -17.08 -1.64 -24.75
CA VAL C 125 -16.39 -2.28 -23.59
C VAL C 125 -15.00 -2.72 -24.06
N PHE C 126 -13.96 -2.36 -23.32
CA PHE C 126 -12.56 -2.76 -23.61
C PHE C 126 -11.69 -2.56 -22.37
N GLY C 127 -10.82 -3.53 -22.08
CA GLY C 127 -9.98 -3.54 -20.87
C GLY C 127 -10.75 -3.17 -19.60
N GLY C 128 -11.91 -3.82 -19.38
CA GLY C 128 -12.67 -3.75 -18.12
C GLY C 128 -13.35 -2.41 -17.88
N LYS C 129 -13.37 -1.51 -18.88
CA LYS C 129 -14.03 -0.17 -18.81
C LYS C 129 -15.08 -0.09 -19.93
N LEU C 130 -16.09 0.75 -19.73
CA LEU C 130 -17.11 1.07 -20.77
C LEU C 130 -16.76 2.43 -21.39
N TRP C 131 -16.69 2.48 -22.72
CA TRP C 131 -16.26 3.69 -23.48
C TRP C 131 -17.48 4.29 -24.18
N ALA C 132 -17.89 5.49 -23.78
CA ALA C 132 -18.99 6.27 -24.38
C ALA C 132 -18.36 7.42 -25.17
N MET C 133 -18.53 7.43 -26.49
CA MET C 133 -17.57 8.11 -27.40
C MET C 133 -18.31 9.10 -28.30
N LYS C 134 -17.65 10.22 -28.57
CA LYS C 134 -18.07 11.32 -29.47
C LYS C 134 -16.78 11.85 -30.12
N GLU C 135 -16.65 11.70 -31.44
CA GLU C 135 -15.34 11.73 -32.16
C GLU C 135 -14.73 13.14 -32.14
N ASP C 136 -15.47 14.12 -31.62
CA ASP C 136 -15.07 15.54 -31.43
C ASP C 136 -14.30 15.70 -30.10
N SER C 137 -14.29 14.67 -29.25
CA SER C 137 -13.92 14.76 -27.82
C SER C 137 -13.37 13.43 -27.33
N PRO C 138 -12.63 13.40 -26.21
CA PRO C 138 -12.10 12.15 -25.67
C PRO C 138 -13.25 11.21 -25.37
N ALA C 139 -12.94 9.92 -25.31
CA ALA C 139 -13.88 8.90 -24.81
C ALA C 139 -14.29 9.29 -23.39
N LEU C 140 -15.54 9.03 -23.01
CA LEU C 140 -15.97 8.95 -21.61
C LEU C 140 -15.86 7.50 -21.14
N VAL C 141 -15.30 7.26 -19.96
CA VAL C 141 -15.10 5.90 -19.40
C VAL C 141 -16.04 5.70 -18.21
N MET C 142 -16.63 4.51 -18.09
CA MET C 142 -17.67 4.17 -17.09
C MET C 142 -17.44 2.74 -16.60
N ASP C 143 -18.06 2.36 -15.48
CA ASP C 143 -17.96 0.98 -14.94
C ASP C 143 -18.88 0.11 -15.77
N PRO C 144 -18.39 -1.00 -16.37
CA PRO C 144 -19.26 -1.90 -17.11
C PRO C 144 -20.40 -2.48 -16.28
N ALA C 145 -20.13 -2.79 -15.01
CA ALA C 145 -21.05 -3.51 -14.10
C ALA C 145 -22.06 -2.53 -13.48
N THR C 146 -21.57 -1.48 -12.83
CA THR C 146 -22.38 -0.47 -12.11
C THR C 146 -22.93 0.55 -13.12
N MET C 147 -22.19 0.80 -14.21
CA MET C 147 -22.51 1.80 -15.26
C MET C 147 -22.51 3.21 -14.66
N GLU C 148 -21.80 3.40 -13.55
CA GLU C 148 -21.43 4.74 -13.07
C GLU C 148 -20.33 5.31 -13.97
N THR C 149 -20.32 6.63 -14.12
CA THR C 149 -19.34 7.41 -14.93
C THR C 149 -18.06 7.67 -14.11
N PHE C 150 -16.90 7.42 -14.70
CA PHE C 150 -15.57 7.75 -14.11
C PHE C 150 -15.18 9.16 -14.52
N GLY C 151 -15.39 9.51 -15.80
CA GLY C 151 -14.98 10.79 -16.39
C GLY C 151 -14.37 10.59 -17.76
N PHE C 152 -13.79 11.63 -18.36
CA PHE C 152 -13.15 11.55 -19.68
C PHE C 152 -11.80 10.85 -19.56
N GLU C 153 -11.40 10.16 -20.65
CA GLU C 153 -10.20 9.31 -20.69
C GLU C 153 -9.12 9.99 -21.53
N LYS C 154 -8.13 10.60 -20.88
CA LYS C 154 -6.96 11.22 -21.54
C LYS C 154 -5.68 10.46 -21.16
N PHE C 155 -5.84 9.26 -20.61
CA PHE C 155 -4.73 8.32 -20.28
C PHE C 155 -3.68 9.09 -19.45
N GLY C 156 -4.15 9.87 -18.47
CA GLY C 156 -3.30 10.70 -17.61
C GLY C 156 -2.42 11.65 -18.40
N GLY C 157 -3.03 12.53 -19.20
CA GLY C 157 -2.34 13.65 -19.89
C GLY C 157 -1.42 13.20 -21.01
N LYS C 158 -1.21 11.89 -21.21
CA LYS C 158 -0.39 11.34 -22.33
C LYS C 158 -1.05 11.80 -23.64
N MET C 159 -2.34 11.48 -23.81
CA MET C 159 -3.11 11.83 -25.04
C MET C 159 -2.96 13.33 -25.31
N THR C 160 -2.48 13.70 -26.50
CA THR C 160 -2.10 15.09 -26.89
C THR C 160 -3.14 15.67 -27.86
N GLY C 161 -3.81 14.82 -28.64
CA GLY C 161 -4.97 15.16 -29.46
C GLY C 161 -6.12 15.61 -28.59
N GLN C 162 -6.97 16.49 -29.11
CA GLN C 162 -8.19 16.97 -28.41
C GLN C 162 -9.37 15.99 -28.64
N THR C 163 -9.16 14.92 -29.41
CA THR C 163 -10.24 14.08 -29.96
C THR C 163 -9.86 12.61 -29.92
N PHE C 164 -10.89 11.77 -30.07
CA PHE C 164 -10.86 10.29 -30.05
C PHE C 164 -12.07 9.76 -30.80
N THR C 165 -11.86 8.83 -31.72
CA THR C 165 -12.89 8.28 -32.63
C THR C 165 -14.03 7.65 -31.82
N ALA C 166 -15.24 7.61 -32.38
CA ALA C 166 -16.39 6.84 -31.88
C ALA C 166 -16.46 5.47 -32.58
N HIS C 167 -15.52 5.16 -33.49
CA HIS C 167 -15.51 3.88 -34.23
C HIS C 167 -14.16 3.17 -34.03
N PRO C 168 -13.75 2.91 -32.77
CA PRO C 168 -12.48 2.22 -32.54
C PRO C 168 -12.58 0.78 -33.02
N LYS C 169 -11.45 0.10 -33.21
CA LYS C 169 -11.37 -1.32 -33.65
C LYS C 169 -10.36 -2.05 -32.79
N VAL C 170 -10.43 -3.38 -32.73
CA VAL C 170 -9.55 -4.18 -31.82
C VAL C 170 -8.76 -5.17 -32.66
N ASP C 171 -7.45 -4.94 -32.75
CA ASP C 171 -6.47 -5.85 -33.39
C ASP C 171 -6.55 -7.20 -32.70
N PRO C 172 -7.01 -8.27 -33.38
CA PRO C 172 -7.11 -9.59 -32.77
C PRO C 172 -5.73 -10.16 -32.36
N LYS C 173 -4.66 -9.72 -33.03
CA LYS C 173 -3.28 -10.24 -32.80
C LYS C 173 -2.75 -9.67 -31.49
N THR C 174 -2.56 -8.34 -31.40
CA THR C 174 -2.05 -7.68 -30.17
C THR C 174 -3.13 -7.72 -29.07
N GLY C 175 -4.40 -7.64 -29.45
CA GLY C 175 -5.53 -7.46 -28.50
C GLY C 175 -5.70 -6.00 -28.16
N ASN C 176 -4.94 -5.13 -28.84
CA ASN C 176 -4.94 -3.67 -28.61
C ASN C 176 -6.16 -3.07 -29.29
N MET C 177 -6.69 -2.00 -28.71
CA MET C 177 -7.69 -1.13 -29.38
C MET C 177 -6.94 -0.22 -30.36
N VAL C 178 -7.45 -0.06 -31.59
CA VAL C 178 -6.90 0.88 -32.60
C VAL C 178 -7.86 2.06 -32.69
N ALA C 179 -7.34 3.28 -32.69
CA ALA C 179 -8.15 4.52 -32.69
C ALA C 179 -7.43 5.62 -33.46
N ILE C 180 -8.21 6.46 -34.14
CA ILE C 180 -7.77 7.78 -34.67
C ILE C 180 -8.45 8.85 -33.83
N GLY C 181 -8.07 10.10 -34.03
CA GLY C 181 -8.78 11.29 -33.55
C GLY C 181 -8.50 12.47 -34.45
N TYR C 182 -9.53 13.00 -35.11
CA TYR C 182 -9.37 14.08 -36.13
C TYR C 182 -9.71 15.43 -35.51
N ALA C 183 -9.35 16.53 -36.18
CA ALA C 183 -9.36 17.89 -35.61
C ALA C 183 -8.64 17.85 -34.26
N ALA C 184 -7.50 17.17 -34.21
CA ALA C 184 -6.76 16.82 -32.97
C ALA C 184 -6.05 18.05 -32.41
N SER C 185 -5.90 19.12 -33.20
CA SER C 185 -5.18 20.36 -32.82
C SER C 185 -6.13 21.56 -32.83
N GLY C 186 -7.44 21.31 -32.85
CA GLY C 186 -8.48 22.36 -32.85
C GLY C 186 -9.61 22.04 -33.80
N LEU C 187 -10.65 22.87 -33.80
CA LEU C 187 -11.81 22.67 -34.70
C LEU C 187 -11.37 22.98 -36.11
N CYS C 188 -11.71 22.09 -37.05
CA CYS C 188 -11.54 22.27 -38.52
C CYS C 188 -10.04 22.29 -38.90
N THR C 189 -9.17 21.66 -38.10
CA THR C 189 -7.72 21.54 -38.38
C THR C 189 -7.48 20.33 -39.29
N ASP C 190 -6.28 20.25 -39.89
CA ASP C 190 -5.92 19.16 -40.84
C ASP C 190 -5.14 18.07 -40.09
N ASP C 191 -5.08 18.14 -38.76
CA ASP C 191 -4.29 17.17 -37.94
C ASP C 191 -5.17 16.00 -37.54
N VAL C 192 -4.54 14.81 -37.42
CA VAL C 192 -5.15 13.54 -36.95
C VAL C 192 -4.11 12.72 -36.18
N THR C 193 -4.52 12.11 -35.06
CA THR C 193 -3.64 11.21 -34.26
C THR C 193 -4.07 9.77 -34.51
N TYR C 194 -3.10 8.90 -34.79
CA TYR C 194 -3.27 7.42 -34.82
C TYR C 194 -2.80 6.88 -33.46
N MET C 195 -3.71 6.24 -32.72
CA MET C 195 -3.44 5.83 -31.32
C MET C 195 -3.68 4.33 -31.18
N GLU C 196 -2.88 3.67 -30.32
CA GLU C 196 -3.08 2.26 -29.92
C GLU C 196 -3.04 2.18 -28.39
N VAL C 197 -3.95 1.40 -27.83
CA VAL C 197 -4.13 1.19 -26.37
C VAL C 197 -3.94 -0.29 -26.08
N SER C 198 -3.13 -0.61 -25.08
CA SER C 198 -2.90 -1.97 -24.52
C SER C 198 -4.18 -2.47 -23.88
N PRO C 199 -4.36 -3.80 -23.74
CA PRO C 199 -5.51 -4.34 -23.01
C PRO C 199 -5.47 -3.99 -21.51
N GLU C 200 -4.42 -3.32 -21.03
CA GLU C 200 -4.33 -2.75 -19.65
C GLU C 200 -5.01 -1.39 -19.61
N GLY C 201 -5.13 -0.71 -20.76
CA GLY C 201 -5.79 0.61 -20.87
C GLY C 201 -4.78 1.74 -20.97
N GLU C 202 -3.48 1.42 -20.92
CA GLU C 202 -2.37 2.41 -21.05
C GLU C 202 -2.13 2.67 -22.54
N LEU C 203 -2.04 3.96 -22.93
CA LEU C 203 -1.73 4.39 -24.30
C LEU C 203 -0.29 4.00 -24.62
N VAL C 204 -0.09 3.22 -25.69
CA VAL C 204 1.28 2.75 -26.08
C VAL C 204 1.80 3.66 -27.21
N ARG C 205 0.94 4.04 -28.16
CA ARG C 205 1.36 4.82 -29.35
C ARG C 205 0.36 5.94 -29.67
N GLU C 206 0.86 7.17 -29.81
CA GLU C 206 0.14 8.33 -30.37
C GLU C 206 1.03 8.92 -31.47
N VAL C 207 0.55 8.96 -32.72
CA VAL C 207 1.32 9.50 -33.88
C VAL C 207 0.47 10.55 -34.59
N TRP C 208 1.03 11.76 -34.74
CA TRP C 208 0.38 12.90 -35.40
C TRP C 208 0.64 12.82 -36.90
N PHE C 209 -0.31 13.25 -37.71
CA PHE C 209 -0.14 13.37 -39.18
C PHE C 209 -1.22 14.27 -39.75
N LYS C 210 -1.04 14.69 -40.99
CA LYS C 210 -1.97 15.60 -41.70
C LYS C 210 -2.69 14.78 -42.77
N VAL C 211 -3.83 15.29 -43.26
CA VAL C 211 -4.64 14.63 -44.32
C VAL C 211 -4.96 15.69 -45.38
N PRO C 212 -5.21 15.29 -46.65
CA PRO C 212 -5.47 16.22 -47.75
C PRO C 212 -6.29 17.47 -47.39
N TYR C 213 -7.33 17.30 -46.58
CA TYR C 213 -8.26 18.39 -46.18
C TYR C 213 -9.08 17.94 -44.97
N TYR C 214 -9.64 18.91 -44.24
CA TYR C 214 -10.55 18.67 -43.09
C TYR C 214 -11.89 18.13 -43.61
N CYS C 215 -12.35 17.04 -43.00
CA CYS C 215 -13.62 16.36 -43.34
C CYS C 215 -14.00 15.42 -42.19
N MET C 216 -15.24 14.96 -42.17
CA MET C 216 -15.73 13.97 -41.17
C MET C 216 -15.08 12.61 -41.41
N MET C 217 -14.03 12.28 -40.65
CA MET C 217 -13.41 10.94 -40.61
C MET C 217 -14.03 10.12 -39.47
N HIS C 218 -15.27 9.67 -39.68
CA HIS C 218 -16.13 9.03 -38.66
C HIS C 218 -15.71 7.57 -38.50
N ASP C 219 -14.93 7.01 -39.42
CA ASP C 219 -14.65 5.54 -39.45
C ASP C 219 -13.38 5.25 -40.25
N PHE C 220 -12.88 4.03 -40.11
CA PHE C 220 -11.61 3.58 -40.72
C PHE C 220 -11.56 2.06 -40.71
N GLY C 221 -10.56 1.49 -41.40
CA GLY C 221 -10.23 0.05 -41.34
C GLY C 221 -8.86 -0.17 -40.74
N ILE C 222 -8.58 -1.37 -40.24
CA ILE C 222 -7.19 -1.83 -39.95
C ILE C 222 -6.97 -3.19 -40.62
N THR C 223 -5.72 -3.47 -40.96
CA THR C 223 -5.25 -4.75 -41.51
C THR C 223 -4.22 -5.28 -40.54
N GLU C 224 -3.56 -6.39 -40.88
CA GLU C 224 -2.52 -7.00 -40.04
C GLU C 224 -1.35 -6.01 -39.85
N ASP C 225 -1.15 -5.04 -40.75
CA ASP C 225 0.06 -4.18 -40.76
C ASP C 225 -0.28 -2.70 -40.90
N TYR C 226 -1.53 -2.33 -41.20
CA TYR C 226 -1.87 -0.92 -41.56
C TYR C 226 -3.14 -0.43 -40.88
N LEU C 227 -3.29 0.90 -40.91
CA LEU C 227 -4.52 1.67 -40.63
C LEU C 227 -4.96 2.32 -41.94
N VAL C 228 -6.13 1.93 -42.44
CA VAL C 228 -6.71 2.38 -43.73
C VAL C 228 -7.78 3.42 -43.42
N LEU C 229 -7.61 4.66 -43.86
CA LEU C 229 -8.52 5.80 -43.53
C LEU C 229 -9.03 6.44 -44.83
N HIS C 230 -10.32 6.32 -45.14
CA HIS C 230 -10.98 7.02 -46.26
C HIS C 230 -11.23 8.50 -45.94
N ILE C 231 -11.04 9.38 -46.92
CA ILE C 231 -11.20 10.86 -46.79
C ILE C 231 -12.36 11.27 -47.70
N VAL C 232 -13.59 11.21 -47.20
CA VAL C 232 -14.79 11.52 -48.03
C VAL C 232 -15.15 12.99 -47.84
N PRO C 233 -15.38 13.74 -48.94
CA PRO C 233 -15.57 15.20 -48.84
C PRO C 233 -16.82 15.78 -48.16
N SER C 234 -17.23 15.24 -47.01
CA SER C 234 -18.13 15.97 -46.07
C SER C 234 -17.26 16.95 -45.28
N ILE C 235 -17.17 18.20 -45.76
CA ILE C 235 -16.13 19.20 -45.34
C ILE C 235 -16.71 20.25 -44.38
N GLY C 236 -15.83 20.95 -43.66
CA GLY C 236 -16.17 22.02 -42.71
C GLY C 236 -15.01 22.98 -42.53
N SER C 237 -15.24 24.12 -41.88
CA SER C 237 -14.26 25.24 -41.72
C SER C 237 -14.87 26.31 -40.83
N TRP C 238 -14.02 27.13 -40.21
CA TRP C 238 -14.43 28.29 -39.37
C TRP C 238 -15.51 29.12 -40.08
N GLU C 239 -15.28 29.40 -41.38
CA GLU C 239 -16.23 30.08 -42.31
C GLU C 239 -17.64 29.55 -42.02
N ARG C 240 -17.81 28.23 -42.16
CA ARG C 240 -19.10 27.49 -42.10
C ARG C 240 -19.86 27.93 -40.84
N LEU C 241 -19.15 27.94 -39.71
CA LEU C 241 -19.75 28.19 -38.37
C LEU C 241 -20.08 29.68 -38.28
N GLU C 242 -19.11 30.54 -38.60
CA GLU C 242 -19.26 32.02 -38.56
C GLU C 242 -20.56 32.44 -39.26
N GLN C 243 -21.03 31.68 -40.24
CA GLN C 243 -22.28 31.93 -41.01
C GLN C 243 -23.42 31.06 -40.46
N GLY C 244 -23.17 30.29 -39.40
CA GLY C 244 -24.17 29.38 -38.80
C GLY C 244 -24.73 28.39 -39.79
N LYS C 245 -23.88 27.78 -40.62
CA LYS C 245 -24.25 26.61 -41.45
C LYS C 245 -24.04 25.37 -40.58
N PRO C 246 -24.68 24.23 -40.90
CA PRO C 246 -24.32 22.95 -40.29
C PRO C 246 -22.82 22.71 -40.45
N HIS C 247 -22.18 22.10 -39.47
CA HIS C 247 -20.70 22.02 -39.31
C HIS C 247 -20.04 21.40 -40.55
N PHE C 248 -20.71 20.42 -41.16
CA PHE C 248 -20.26 19.70 -42.38
C PHE C 248 -21.27 19.94 -43.50
N GLY C 249 -20.79 20.15 -44.72
CA GLY C 249 -21.57 20.03 -45.97
C GLY C 249 -20.83 19.14 -46.96
N PHE C 250 -21.53 18.66 -47.99
CA PHE C 250 -20.91 17.77 -49.01
C PHE C 250 -20.54 18.56 -50.26
N ASP C 251 -19.33 18.31 -50.77
CA ASP C 251 -18.77 18.89 -52.01
C ASP C 251 -18.57 17.76 -53.03
N THR C 252 -19.45 17.70 -54.04
CA THR C 252 -19.51 16.65 -55.07
C THR C 252 -18.35 16.81 -56.06
N THR C 253 -17.62 17.94 -55.98
CA THR C 253 -16.61 18.37 -56.98
C THR C 253 -15.21 18.19 -56.40
N MET C 254 -15.06 17.44 -55.31
CA MET C 254 -13.74 17.12 -54.73
C MET C 254 -13.51 15.62 -54.87
N PRO C 255 -12.23 15.18 -54.88
CA PRO C 255 -11.91 13.76 -54.93
C PRO C 255 -12.10 13.08 -53.57
N VAL C 256 -12.14 11.74 -53.60
CA VAL C 256 -12.11 10.87 -52.39
C VAL C 256 -10.72 10.21 -52.35
N HIS C 257 -10.07 10.17 -51.19
CA HIS C 257 -8.74 9.54 -51.01
C HIS C 257 -8.88 8.32 -50.11
N LEU C 258 -7.83 7.50 -50.06
CA LEU C 258 -7.67 6.40 -49.08
C LEU C 258 -6.21 6.40 -48.61
N GLY C 259 -5.98 6.73 -47.34
CA GLY C 259 -4.64 6.84 -46.73
C GLY C 259 -4.24 5.55 -46.05
N ILE C 260 -3.02 5.08 -46.28
CA ILE C 260 -2.50 3.84 -45.66
C ILE C 260 -1.36 4.23 -44.72
N ILE C 261 -1.59 4.03 -43.41
CA ILE C 261 -0.65 4.37 -42.31
C ILE C 261 -0.09 3.07 -41.76
N PRO C 262 1.24 2.85 -41.76
CA PRO C 262 1.82 1.67 -41.12
C PRO C 262 1.59 1.70 -39.60
N ARG C 263 1.25 0.56 -39.00
CA ARG C 263 1.03 0.44 -37.53
C ARG C 263 2.34 0.03 -36.84
N ARG C 264 3.33 0.93 -36.81
CA ARG C 264 4.61 0.71 -36.08
C ARG C 264 5.04 2.04 -35.46
N ASP C 265 6.08 2.00 -34.62
CA ASP C 265 6.57 3.16 -33.84
C ASP C 265 7.24 4.16 -34.78
N GLY C 266 7.07 5.46 -34.48
CA GLY C 266 7.92 6.55 -35.01
C GLY C 266 7.50 7.04 -36.38
N VAL C 267 6.42 6.52 -36.98
CA VAL C 267 5.99 6.79 -38.38
C VAL C 267 5.99 8.31 -38.64
N ARG C 268 6.37 8.71 -39.85
CA ARG C 268 6.41 10.14 -40.29
C ARG C 268 5.40 10.34 -41.43
N GLN C 269 5.12 11.61 -41.76
CA GLN C 269 4.19 12.01 -42.86
C GLN C 269 4.47 11.17 -44.11
N GLU C 270 5.72 11.25 -44.58
CA GLU C 270 6.22 10.62 -45.83
C GLU C 270 5.77 9.16 -45.96
N ASP C 271 5.71 8.43 -44.83
CA ASP C 271 5.49 6.96 -44.83
C ASP C 271 4.02 6.61 -45.07
N ILE C 272 3.17 7.62 -45.23
CA ILE C 272 1.73 7.43 -45.51
C ILE C 272 1.52 7.44 -47.03
N ARG C 273 0.91 6.38 -47.56
CA ARG C 273 0.51 6.30 -48.98
C ARG C 273 -0.84 7.02 -49.13
N TRP C 274 -1.05 7.63 -50.29
CA TRP C 274 -2.31 8.33 -50.65
C TRP C 274 -2.76 7.92 -52.06
N PHE C 275 -3.82 7.12 -52.13
CA PHE C 275 -4.58 6.80 -53.36
C PHE C 275 -5.72 7.81 -53.51
N THR C 276 -6.19 8.02 -54.74
CA THR C 276 -7.31 8.95 -55.06
C THR C 276 -8.29 8.26 -56.01
N ARG C 277 -9.59 8.55 -55.86
CA ARG C 277 -10.66 8.05 -56.75
C ARG C 277 -11.65 9.18 -57.02
N ASP C 278 -12.71 8.92 -57.78
CA ASP C 278 -13.70 9.95 -58.20
C ASP C 278 -14.71 10.13 -57.07
N ASN C 279 -15.32 11.33 -56.97
CA ASN C 279 -16.24 11.73 -55.89
C ASN C 279 -17.34 10.68 -55.70
N CYS C 280 -17.60 10.33 -54.44
CA CYS C 280 -18.63 9.38 -53.98
C CYS C 280 -18.74 9.55 -52.47
N PHE C 281 -19.83 9.09 -51.86
CA PHE C 281 -19.99 9.07 -50.38
C PHE C 281 -19.83 7.62 -49.88
N ALA C 282 -18.82 7.41 -49.02
CA ALA C 282 -18.63 6.19 -48.23
C ALA C 282 -18.68 6.57 -46.74
N PHE C 283 -19.31 5.74 -45.91
CA PHE C 283 -19.52 6.03 -44.48
C PHE C 283 -18.93 4.93 -43.61
N HIS C 284 -19.68 3.86 -43.36
CA HIS C 284 -19.29 2.84 -42.35
C HIS C 284 -18.43 1.77 -43.01
N VAL C 285 -17.36 1.39 -42.32
CA VAL C 285 -16.35 0.41 -42.79
C VAL C 285 -16.72 -0.98 -42.25
N LEU C 286 -17.05 -1.90 -43.14
CA LEU C 286 -17.35 -3.31 -42.76
C LEU C 286 -16.05 -3.96 -42.26
N ASN C 287 -14.99 -3.97 -43.08
CA ASN C 287 -13.73 -4.69 -42.77
C ASN C 287 -12.69 -4.43 -43.87
N ALA C 288 -11.40 -4.58 -43.53
CA ALA C 288 -10.26 -4.39 -44.46
C ALA C 288 -9.22 -5.49 -44.22
N TRP C 289 -8.62 -6.02 -45.30
CA TRP C 289 -7.64 -7.13 -45.22
C TRP C 289 -6.59 -6.96 -46.31
N GLN C 290 -5.37 -7.44 -46.06
CA GLN C 290 -4.22 -7.43 -47.01
C GLN C 290 -4.25 -8.73 -47.82
N GLU C 291 -4.08 -8.64 -49.15
CA GLU C 291 -4.03 -9.77 -50.12
C GLU C 291 -2.71 -9.67 -50.88
N GLY C 292 -1.65 -10.26 -50.31
CA GLY C 292 -0.27 -9.92 -50.65
C GLY C 292 -0.07 -8.41 -50.56
N THR C 293 0.21 -7.76 -51.70
CA THR C 293 0.53 -6.31 -51.77
C THR C 293 -0.73 -5.49 -52.07
N LYS C 294 -1.88 -6.15 -52.29
CA LYS C 294 -3.18 -5.45 -52.51
C LYS C 294 -3.89 -5.31 -51.15
N ILE C 295 -4.67 -4.25 -50.96
CA ILE C 295 -5.51 -4.00 -49.76
C ILE C 295 -6.97 -3.94 -50.19
N HIS C 296 -7.81 -4.76 -49.56
CA HIS C 296 -9.29 -4.74 -49.69
C HIS C 296 -9.86 -3.90 -48.55
N PHE C 297 -10.68 -2.91 -48.88
CA PHE C 297 -11.35 -1.98 -47.93
C PHE C 297 -12.84 -1.92 -48.28
N VAL C 298 -13.66 -2.71 -47.59
CA VAL C 298 -15.13 -2.80 -47.83
C VAL C 298 -15.81 -1.70 -47.02
N THR C 299 -16.62 -0.86 -47.67
CA THR C 299 -17.37 0.26 -47.06
C THR C 299 -18.71 0.39 -47.77
N CYS C 300 -19.64 1.13 -47.18
CA CYS C 300 -21.01 1.30 -47.72
C CYS C 300 -21.05 2.57 -48.57
N GLU C 301 -20.89 2.41 -49.89
CA GLU C 301 -20.69 3.48 -50.89
C GLU C 301 -22.04 3.87 -51.49
N ALA C 302 -22.24 5.17 -51.67
CA ALA C 302 -23.40 5.78 -52.34
C ALA C 302 -22.92 6.86 -53.31
N LYS C 303 -23.70 7.16 -54.34
CA LYS C 303 -23.30 8.12 -55.40
C LYS C 303 -23.06 9.51 -54.77
N ASN C 304 -23.87 9.89 -53.78
CA ASN C 304 -23.90 11.28 -53.25
C ASN C 304 -24.05 11.23 -51.72
N ASN C 305 -24.15 12.41 -51.11
CA ASN C 305 -24.30 12.60 -49.64
C ASN C 305 -25.46 11.77 -49.11
N MET C 306 -25.32 11.23 -47.89
CA MET C 306 -26.38 10.46 -47.19
C MET C 306 -27.05 11.33 -46.11
N PHE C 307 -26.53 12.53 -45.82
CA PHE C 307 -26.97 13.35 -44.66
C PHE C 307 -27.62 14.64 -45.15
N PRO C 308 -28.98 14.71 -45.17
CA PRO C 308 -29.67 15.97 -45.52
C PRO C 308 -29.21 17.14 -44.64
N PHE C 309 -29.13 16.89 -43.32
CA PHE C 309 -28.81 17.88 -42.26
C PHE C 309 -27.41 18.47 -42.47
N PHE C 310 -26.49 17.72 -43.07
CA PHE C 310 -25.16 18.22 -43.51
C PHE C 310 -25.22 18.44 -45.01
N PRO C 311 -25.77 19.59 -45.48
CA PRO C 311 -26.18 19.73 -46.88
C PRO C 311 -25.04 19.94 -47.90
N ASP C 312 -25.43 20.06 -49.17
CA ASP C 312 -24.54 20.32 -50.35
C ASP C 312 -23.98 21.74 -50.25
N VAL C 313 -22.66 21.90 -50.34
CA VAL C 313 -21.95 23.22 -50.19
C VAL C 313 -22.19 24.11 -51.42
N HIS C 314 -22.94 23.64 -52.42
CA HIS C 314 -23.34 24.42 -53.63
C HIS C 314 -24.87 24.46 -53.73
N GLY C 315 -25.56 24.28 -52.60
CA GLY C 315 -27.00 24.54 -52.42
C GLY C 315 -27.89 23.55 -53.15
N ALA C 316 -27.41 22.35 -53.46
CA ALA C 316 -28.20 21.28 -54.11
C ALA C 316 -29.21 20.72 -53.10
N PRO C 317 -30.51 20.60 -53.45
CA PRO C 317 -31.51 19.99 -52.57
C PRO C 317 -31.24 18.48 -52.44
N PHE C 318 -31.60 17.88 -51.30
CA PHE C 318 -31.18 16.49 -50.96
C PHE C 318 -31.66 15.54 -52.05
N ASN C 319 -30.80 14.59 -52.43
CA ASN C 319 -31.09 13.55 -53.44
C ASN C 319 -31.23 12.19 -52.74
N GLY C 320 -32.45 11.83 -52.34
CA GLY C 320 -32.78 10.56 -51.67
C GLY C 320 -32.20 9.38 -52.43
N MET C 321 -32.55 9.24 -53.71
CA MET C 321 -32.15 8.09 -54.58
C MET C 321 -30.63 7.96 -54.55
N GLU C 322 -29.89 9.08 -54.70
CA GLU C 322 -28.41 9.06 -54.86
C GLU C 322 -27.72 8.79 -53.53
N ALA C 323 -28.48 8.78 -52.43
CA ALA C 323 -28.00 8.56 -51.04
C ALA C 323 -27.93 7.06 -50.74
N MET C 324 -28.67 6.21 -51.47
CA MET C 324 -28.70 4.74 -51.27
C MET C 324 -27.26 4.21 -51.31
N SER C 325 -26.87 3.49 -50.26
CA SER C 325 -25.52 2.92 -50.07
C SER C 325 -25.55 1.41 -50.29
N HIS C 326 -24.47 0.85 -50.86
CA HIS C 326 -24.24 -0.60 -51.06
C HIS C 326 -22.81 -0.95 -50.64
N PRO C 327 -22.57 -2.14 -50.02
CA PRO C 327 -21.21 -2.53 -49.62
C PRO C 327 -20.33 -2.75 -50.86
N THR C 328 -19.21 -2.03 -50.93
CA THR C 328 -18.37 -1.88 -52.14
C THR C 328 -16.90 -2.05 -51.78
N ASP C 329 -16.20 -2.94 -52.49
CA ASP C 329 -14.78 -3.31 -52.23
C ASP C 329 -13.84 -2.32 -52.91
N TRP C 330 -13.09 -1.58 -52.09
CA TRP C 330 -12.06 -0.60 -52.52
C TRP C 330 -10.73 -1.33 -52.55
N VAL C 331 -10.15 -1.49 -53.74
CA VAL C 331 -8.91 -2.29 -53.91
C VAL C 331 -7.79 -1.32 -54.28
N VAL C 332 -6.67 -1.45 -53.57
CA VAL C 332 -5.45 -0.64 -53.79
C VAL C 332 -4.25 -1.57 -53.68
N ASP C 333 -3.24 -1.41 -54.54
CA ASP C 333 -1.95 -2.13 -54.45
C ASP C 333 -0.93 -1.18 -53.85
N MET C 334 -0.26 -1.58 -52.76
CA MET C 334 0.80 -0.76 -52.12
C MET C 334 2.07 -0.81 -52.96
N ALA C 335 2.20 -1.81 -53.86
CA ALA C 335 3.37 -2.06 -54.70
C ALA C 335 3.31 -1.22 -56.00
N SER C 336 2.16 -0.63 -56.31
CA SER C 336 1.99 0.21 -57.53
C SER C 336 2.59 1.59 -57.31
N ASN C 337 2.66 2.38 -58.39
CA ASN C 337 2.94 3.84 -58.42
C ASN C 337 1.72 4.51 -59.08
N GLY C 338 1.66 5.84 -59.10
CA GLY C 338 0.41 6.58 -59.40
C GLY C 338 -0.47 6.63 -58.17
N GLU C 339 -1.65 7.24 -58.29
CA GLU C 339 -2.61 7.37 -57.16
C GLU C 339 -3.87 6.55 -57.46
N ASP C 340 -3.89 5.85 -58.59
CA ASP C 340 -5.09 5.15 -59.11
C ASP C 340 -5.45 4.01 -58.16
N PHE C 341 -6.74 3.68 -58.09
CA PHE C 341 -7.26 2.47 -57.38
C PHE C 341 -7.02 1.22 -58.24
N ALA C 342 -6.46 0.18 -57.63
CA ALA C 342 -6.35 -1.17 -58.23
C ALA C 342 -7.72 -1.64 -58.71
N GLY C 343 -8.79 -1.30 -57.99
CA GLY C 343 -10.17 -1.57 -58.46
C GLY C 343 -11.24 -1.28 -57.44
N ILE C 344 -12.48 -1.04 -57.92
CA ILE C 344 -13.69 -0.75 -57.11
C ILE C 344 -14.79 -1.74 -57.53
N VAL C 345 -15.25 -2.56 -56.59
CA VAL C 345 -16.21 -3.69 -56.85
C VAL C 345 -17.43 -3.55 -55.93
N LYS C 346 -18.63 -3.45 -56.50
CA LYS C 346 -19.94 -3.51 -55.81
C LYS C 346 -20.24 -4.97 -55.43
N LEU C 347 -20.47 -5.27 -54.14
CA LEU C 347 -20.54 -6.67 -53.63
C LEU C 347 -22.01 -7.13 -53.52
N SER C 348 -22.98 -6.24 -53.62
CA SER C 348 -24.42 -6.56 -53.40
C SER C 348 -25.32 -5.41 -53.87
N ASP C 349 -26.52 -5.75 -54.33
CA ASP C 349 -27.51 -4.79 -54.93
C ASP C 349 -28.34 -4.23 -53.77
N THR C 350 -28.54 -5.06 -52.73
CA THR C 350 -29.11 -4.72 -51.40
C THR C 350 -28.58 -3.36 -50.94
N ALA C 351 -29.49 -2.39 -50.76
CA ALA C 351 -29.19 -1.07 -50.17
C ALA C 351 -29.03 -1.24 -48.65
N ALA C 352 -27.85 -1.04 -48.10
CA ALA C 352 -27.50 -1.53 -46.74
C ALA C 352 -26.45 -0.61 -46.09
N GLU C 353 -26.47 -0.57 -44.76
CA GLU C 353 -25.54 0.21 -43.92
C GLU C 353 -25.42 -0.48 -42.55
N PHE C 354 -24.86 0.20 -41.56
CA PHE C 354 -24.60 -0.37 -40.21
C PHE C 354 -24.03 -1.77 -40.39
N PRO C 355 -22.87 -1.89 -41.07
CA PRO C 355 -22.24 -3.18 -41.33
C PRO C 355 -21.61 -3.78 -40.07
N ARG C 356 -21.68 -5.09 -39.90
CA ARG C 356 -21.16 -5.78 -38.68
C ARG C 356 -20.44 -7.08 -39.04
N ILE C 357 -19.30 -7.32 -38.40
CA ILE C 357 -18.50 -8.57 -38.58
C ILE C 357 -18.33 -9.21 -37.21
N ASP C 358 -18.06 -10.51 -37.20
CA ASP C 358 -17.53 -11.21 -36.02
C ASP C 358 -16.20 -10.54 -35.62
N ASP C 359 -16.21 -9.76 -34.53
CA ASP C 359 -15.05 -9.02 -33.94
C ASP C 359 -13.70 -9.70 -34.18
N ARG C 360 -13.64 -10.97 -33.81
CA ARG C 360 -12.36 -11.71 -33.60
C ARG C 360 -11.56 -11.81 -34.92
N PHE C 361 -12.22 -11.57 -36.05
CA PHE C 361 -11.64 -11.70 -37.40
C PHE C 361 -11.46 -10.34 -38.08
N THR C 362 -11.19 -9.31 -37.28
CA THR C 362 -10.79 -7.96 -37.75
C THR C 362 -9.39 -8.04 -38.38
N GLY C 363 -9.13 -7.22 -39.41
CA GLY C 363 -7.84 -7.15 -40.14
C GLY C 363 -7.50 -8.44 -40.86
N GLN C 364 -8.52 -9.22 -41.23
CA GLN C 364 -8.50 -10.53 -41.91
C GLN C 364 -9.77 -10.67 -42.76
N LYS C 365 -9.72 -11.43 -43.86
CA LYS C 365 -10.87 -11.64 -44.77
C LYS C 365 -12.00 -12.33 -43.99
N THR C 366 -13.19 -11.74 -43.98
CA THR C 366 -14.37 -12.30 -43.27
C THR C 366 -15.35 -12.88 -44.30
N ARG C 367 -15.79 -14.09 -44.01
CA ARG C 367 -16.72 -14.89 -44.83
C ARG C 367 -18.14 -14.33 -44.66
N HIS C 368 -18.45 -13.73 -43.51
CA HIS C 368 -19.81 -13.26 -43.14
C HIS C 368 -19.79 -11.76 -42.87
N GLY C 369 -20.90 -11.08 -43.15
CA GLY C 369 -21.15 -9.69 -42.72
C GLY C 369 -22.63 -9.35 -42.71
N TRP C 370 -23.12 -8.71 -41.63
CA TRP C 370 -24.54 -8.34 -41.40
C TRP C 370 -24.69 -6.81 -41.45
N PHE C 371 -25.87 -6.36 -41.88
CA PHE C 371 -26.21 -4.94 -42.11
C PHE C 371 -27.68 -4.69 -41.78
N LEU C 372 -28.01 -3.42 -41.59
CA LEU C 372 -29.38 -2.89 -41.72
C LEU C 372 -29.64 -2.63 -43.19
N GLU C 373 -30.87 -2.83 -43.65
CA GLU C 373 -31.21 -2.74 -45.10
C GLU C 373 -32.52 -1.97 -45.27
N MET C 374 -32.47 -0.85 -45.97
CA MET C 374 -33.65 -0.16 -46.53
C MET C 374 -34.12 -0.97 -47.74
N ASP C 375 -35.20 -1.74 -47.61
CA ASP C 375 -35.84 -2.50 -48.73
C ASP C 375 -37.07 -1.72 -49.19
N MET C 376 -36.93 -0.89 -50.22
CA MET C 376 -37.92 0.14 -50.60
C MET C 376 -39.16 -0.54 -51.22
N LYS C 377 -39.08 -1.84 -51.51
CA LYS C 377 -40.18 -2.60 -52.20
C LYS C 377 -41.24 -3.03 -51.19
N ARG C 378 -40.89 -3.02 -49.89
CA ARG C 378 -41.74 -3.52 -48.78
C ARG C 378 -42.88 -2.55 -48.48
N PRO C 379 -44.02 -3.03 -47.92
CA PRO C 379 -45.03 -2.14 -47.36
C PRO C 379 -44.47 -1.32 -46.18
N VAL C 380 -44.92 -0.07 -46.08
CA VAL C 380 -44.77 0.80 -44.86
C VAL C 380 -46.14 1.41 -44.57
N GLU C 381 -46.72 1.10 -43.40
CA GLU C 381 -48.12 1.46 -43.04
C GLU C 381 -48.10 2.50 -41.92
N LEU C 382 -47.66 3.72 -42.26
CA LEU C 382 -47.72 4.89 -41.35
C LEU C 382 -48.03 6.16 -42.16
N LEU C 391 -35.65 4.51 -43.95
CA LEU C 391 -36.16 3.57 -42.92
C LEU C 391 -35.41 2.24 -43.06
N MET C 392 -34.72 1.78 -42.00
CA MET C 392 -34.12 0.41 -41.96
C MET C 392 -35.18 -0.58 -41.46
N ASN C 393 -35.72 -1.39 -42.37
CA ASN C 393 -36.83 -2.33 -42.07
C ASN C 393 -36.38 -3.77 -42.31
N CYS C 394 -35.08 -4.04 -42.42
CA CYS C 394 -34.57 -5.40 -42.71
C CYS C 394 -33.21 -5.61 -42.07
N LEU C 395 -33.05 -6.76 -41.41
CA LEU C 395 -31.74 -7.35 -41.07
C LEU C 395 -31.26 -8.11 -42.31
N PHE C 396 -29.98 -7.96 -42.64
CA PHE C 396 -29.40 -8.43 -43.92
C PHE C 396 -28.09 -9.16 -43.67
N HIS C 397 -28.03 -10.42 -44.09
CA HIS C 397 -26.84 -11.31 -44.03
C HIS C 397 -26.30 -11.57 -45.43
N LYS C 398 -24.97 -11.56 -45.57
CA LYS C 398 -24.28 -11.91 -46.84
C LYS C 398 -23.11 -12.83 -46.52
N ASP C 399 -23.26 -14.12 -46.85
CA ASP C 399 -22.14 -15.10 -46.89
C ASP C 399 -21.36 -14.85 -48.18
N PHE C 400 -20.14 -14.32 -48.07
CA PHE C 400 -19.33 -13.94 -49.26
C PHE C 400 -18.81 -15.20 -49.99
N GLU C 401 -18.49 -16.26 -49.24
CA GLU C 401 -17.94 -17.54 -49.76
C GLU C 401 -18.95 -18.21 -50.68
N THR C 402 -20.26 -18.14 -50.40
CA THR C 402 -21.29 -18.77 -51.28
C THR C 402 -22.08 -17.68 -52.02
N GLY C 403 -21.86 -16.40 -51.69
CA GLY C 403 -22.66 -15.26 -52.21
C GLY C 403 -24.12 -15.33 -51.75
N ARG C 404 -24.39 -16.16 -50.74
CA ARG C 404 -25.75 -16.40 -50.18
C ARG C 404 -26.21 -15.16 -49.40
N GLU C 405 -27.39 -14.66 -49.75
CA GLU C 405 -28.02 -13.46 -49.13
C GLU C 405 -29.28 -13.88 -48.36
N GLN C 406 -29.30 -13.68 -47.04
CA GLN C 406 -30.51 -13.88 -46.18
C GLN C 406 -31.07 -12.52 -45.74
N HIS C 407 -32.40 -12.37 -45.75
CA HIS C 407 -33.10 -11.12 -45.37
C HIS C 407 -34.18 -11.41 -44.33
N TRP C 408 -34.33 -10.55 -43.32
CA TRP C 408 -35.49 -10.57 -42.39
C TRP C 408 -36.13 -9.19 -42.30
N TRP C 409 -37.45 -9.16 -42.47
CA TRP C 409 -38.33 -7.97 -42.44
C TRP C 409 -39.03 -7.90 -41.07
N CYS C 410 -39.10 -6.71 -40.49
CA CYS C 410 -39.77 -6.45 -39.19
C CYS C 410 -41.23 -6.03 -39.42
N GLY C 411 -41.71 -6.07 -40.65
CA GLY C 411 -43.12 -5.78 -40.96
C GLY C 411 -43.34 -4.29 -41.18
N PRO C 412 -44.58 -3.89 -41.52
CA PRO C 412 -44.84 -2.56 -42.08
C PRO C 412 -44.95 -1.42 -41.07
N VAL C 413 -44.85 -1.71 -39.78
CA VAL C 413 -45.16 -0.74 -38.69
C VAL C 413 -44.01 -0.73 -37.68
N SER C 414 -42.87 -1.35 -38.01
CA SER C 414 -41.67 -1.38 -37.15
C SER C 414 -40.46 -0.88 -37.94
N SER C 415 -39.29 -0.88 -37.29
CA SER C 415 -38.00 -0.34 -37.80
C SER C 415 -36.89 -1.03 -37.00
N LEU C 416 -35.64 -1.05 -37.47
CA LEU C 416 -34.55 -1.83 -36.83
C LEU C 416 -33.35 -0.96 -36.49
N GLN C 417 -32.59 -1.37 -35.47
CA GLN C 417 -31.37 -0.68 -34.97
C GLN C 417 -30.18 -1.60 -35.22
N GLU C 418 -28.96 -1.05 -35.14
CA GLU C 418 -27.71 -1.74 -35.50
C GLU C 418 -27.70 -3.14 -34.91
N PRO C 419 -27.49 -4.19 -35.75
CA PRO C 419 -27.31 -5.55 -35.25
C PRO C 419 -25.94 -5.71 -34.59
N CYS C 420 -25.80 -6.73 -33.75
CA CYS C 420 -24.59 -7.03 -32.94
C CYS C 420 -24.37 -8.55 -32.96
N PHE C 421 -23.17 -8.97 -33.38
CA PHE C 421 -22.83 -10.41 -33.48
C PHE C 421 -22.30 -10.87 -32.12
N VAL C 422 -22.77 -12.03 -31.66
CA VAL C 422 -22.28 -12.67 -30.40
C VAL C 422 -21.84 -14.10 -30.70
N PRO C 423 -20.57 -14.46 -30.41
CA PRO C 423 -20.06 -15.81 -30.61
C PRO C 423 -20.78 -16.86 -29.77
N ARG C 424 -21.00 -18.07 -30.33
CA ARG C 424 -21.59 -19.21 -29.58
CA ARG C 424 -21.56 -19.26 -29.63
C ARG C 424 -20.66 -19.61 -28.43
N ALA C 425 -19.36 -19.41 -28.60
CA ALA C 425 -18.32 -19.55 -27.55
C ALA C 425 -17.02 -18.99 -28.11
N LYS C 426 -16.02 -18.80 -27.24
CA LYS C 426 -14.75 -18.10 -27.55
C LYS C 426 -13.95 -18.86 -28.63
N ASP C 427 -14.35 -20.07 -29.01
CA ASP C 427 -13.63 -20.93 -30.00
C ASP C 427 -14.57 -21.35 -31.15
N ALA C 428 -15.73 -20.71 -31.31
CA ALA C 428 -16.71 -21.03 -32.37
C ALA C 428 -16.24 -20.47 -33.71
N PRO C 429 -16.60 -21.11 -34.85
CA PRO C 429 -16.24 -20.58 -36.17
C PRO C 429 -16.70 -19.13 -36.38
N GLU C 430 -16.02 -18.37 -37.25
CA GLU C 430 -16.50 -17.04 -37.69
C GLU C 430 -17.99 -17.13 -38.04
N GLY C 431 -18.85 -16.36 -37.36
CA GLY C 431 -20.27 -16.20 -37.74
C GLY C 431 -21.15 -17.29 -37.15
N ASP C 432 -20.60 -18.25 -36.43
CA ASP C 432 -21.38 -19.15 -35.53
C ASP C 432 -21.73 -18.40 -34.25
N GLY C 433 -23.01 -18.27 -33.92
CA GLY C 433 -23.51 -17.46 -32.79
C GLY C 433 -24.81 -16.75 -33.17
N TRP C 434 -25.10 -15.60 -32.53
CA TRP C 434 -26.41 -14.93 -32.71
C TRP C 434 -26.21 -13.45 -33.03
N ILE C 435 -27.24 -12.86 -33.64
CA ILE C 435 -27.39 -11.40 -33.82
C ILE C 435 -28.46 -10.89 -32.85
N VAL C 436 -28.08 -9.96 -31.97
CA VAL C 436 -29.01 -9.22 -31.06
C VAL C 436 -29.18 -7.80 -31.61
N GLN C 437 -30.40 -7.29 -31.63
CA GLN C 437 -30.68 -5.92 -32.15
C GLN C 437 -32.02 -5.45 -31.61
N VAL C 438 -32.15 -4.14 -31.44
CA VAL C 438 -33.39 -3.50 -30.93
C VAL C 438 -34.32 -3.24 -32.13
N CYS C 439 -35.59 -3.56 -31.96
CA CYS C 439 -36.69 -3.37 -32.94
C CYS C 439 -37.68 -2.31 -32.44
N ASN C 440 -38.13 -1.43 -33.35
CA ASN C 440 -38.93 -0.21 -33.05
C ASN C 440 -40.39 -0.43 -33.44
N ARG C 441 -41.22 -0.89 -32.50
CA ARG C 441 -42.67 -1.10 -32.71
C ARG C 441 -43.30 0.29 -32.71
N LEU C 442 -43.43 0.92 -33.88
CA LEU C 442 -43.79 2.36 -33.99
C LEU C 442 -45.27 2.52 -33.68
N GLU C 443 -46.14 1.71 -34.28
CA GLU C 443 -47.60 1.74 -34.04
C GLU C 443 -47.87 1.56 -32.53
N GLU C 444 -47.10 0.72 -31.86
CA GLU C 444 -47.36 0.32 -30.45
C GLU C 444 -46.52 1.18 -29.50
N GLN C 445 -45.66 2.05 -30.03
CA GLN C 445 -44.74 2.93 -29.25
C GLN C 445 -44.03 2.14 -28.14
N ARG C 446 -43.49 0.98 -28.50
CA ARG C 446 -42.68 0.12 -27.59
C ARG C 446 -41.48 -0.45 -28.37
N SER C 447 -40.59 -1.12 -27.65
CA SER C 447 -39.31 -1.65 -28.17
C SER C 447 -39.20 -3.15 -27.84
N ASP C 448 -38.68 -3.94 -28.78
CA ASP C 448 -38.26 -5.34 -28.55
C ASP C 448 -36.74 -5.44 -28.73
N LEU C 449 -36.12 -6.38 -28.02
CA LEU C 449 -34.76 -6.90 -28.34
C LEU C 449 -34.96 -8.23 -29.07
N LEU C 450 -34.52 -8.32 -30.32
CA LEU C 450 -34.64 -9.58 -31.10
C LEU C 450 -33.32 -10.35 -31.00
N ILE C 451 -33.40 -11.67 -30.86
CA ILE C 451 -32.23 -12.60 -30.88
C ILE C 451 -32.43 -13.62 -32.00
N PHE C 452 -31.54 -13.62 -33.00
CA PHE C 452 -31.60 -14.54 -34.17
C PHE C 452 -30.49 -15.59 -34.08
N ASP C 453 -30.67 -16.70 -34.82
CA ASP C 453 -29.55 -17.56 -35.26
C ASP C 453 -28.80 -16.78 -36.34
N ALA C 454 -27.54 -16.39 -36.08
CA ALA C 454 -26.76 -15.47 -36.94
C ALA C 454 -26.77 -15.96 -38.39
N LEU C 455 -26.34 -17.20 -38.63
CA LEU C 455 -26.27 -17.73 -40.01
C LEU C 455 -27.67 -17.91 -40.59
N ASP C 456 -28.66 -18.26 -39.75
CA ASP C 456 -30.08 -18.43 -40.19
C ASP C 456 -30.95 -17.34 -39.54
N ILE C 457 -31.13 -16.23 -40.26
CA ILE C 457 -31.85 -15.03 -39.74
C ILE C 457 -33.20 -14.86 -40.44
N GLU C 458 -33.40 -15.46 -41.62
CA GLU C 458 -34.64 -15.26 -42.40
C GLU C 458 -35.76 -16.16 -41.86
N LYS C 459 -35.44 -17.12 -40.98
CA LYS C 459 -36.44 -17.98 -40.31
C LYS C 459 -37.14 -17.19 -39.20
N GLY C 460 -36.76 -15.93 -39.00
CA GLY C 460 -37.28 -15.09 -37.91
C GLY C 460 -36.42 -15.21 -36.67
N PRO C 461 -36.54 -14.27 -35.70
CA PRO C 461 -35.73 -14.33 -34.48
C PRO C 461 -36.19 -15.49 -33.60
N VAL C 462 -35.24 -16.10 -32.90
CA VAL C 462 -35.48 -17.26 -31.99
C VAL C 462 -36.28 -16.77 -30.78
N ALA C 463 -35.89 -15.60 -30.25
CA ALA C 463 -36.55 -14.92 -29.11
C ALA C 463 -36.85 -13.47 -29.48
N THR C 464 -38.11 -13.04 -29.28
CA THR C 464 -38.58 -11.63 -29.41
C THR C 464 -38.84 -11.11 -27.99
N VAL C 465 -37.95 -10.30 -27.41
CA VAL C 465 -38.03 -9.89 -25.97
C VAL C 465 -38.67 -8.49 -25.86
N ASN C 466 -39.80 -8.41 -25.17
CA ASN C 466 -40.55 -7.15 -24.91
C ASN C 466 -39.73 -6.31 -23.92
N ILE C 467 -39.43 -5.07 -24.31
CA ILE C 467 -38.70 -4.07 -23.47
C ILE C 467 -39.76 -3.12 -22.94
N PRO C 468 -39.97 -3.06 -21.61
CA PRO C 468 -41.12 -2.35 -21.06
C PRO C 468 -40.90 -0.84 -21.05
N ILE C 469 -39.66 -0.37 -21.27
CA ILE C 469 -39.33 1.06 -21.47
C ILE C 469 -39.05 1.34 -22.95
N ARG C 470 -39.78 2.29 -23.53
CA ARG C 470 -39.56 2.77 -24.91
C ARG C 470 -38.12 3.27 -25.04
N LEU C 471 -37.39 2.72 -26.01
CA LEU C 471 -36.05 3.18 -26.42
C LEU C 471 -36.22 4.22 -27.53
N ARG C 472 -35.25 5.12 -27.67
CA ARG C 472 -35.21 6.12 -28.77
C ARG C 472 -34.39 5.53 -29.92
N PHE C 473 -34.46 6.17 -31.10
CA PHE C 473 -33.50 5.96 -32.22
C PHE C 473 -32.10 5.88 -31.58
N GLY C 474 -31.50 4.68 -31.62
CA GLY C 474 -30.16 4.41 -31.07
C GLY C 474 -29.13 4.55 -32.17
N LEU C 475 -27.85 4.50 -31.81
CA LEU C 475 -26.72 4.45 -32.77
C LEU C 475 -25.97 3.11 -32.64
N HIS C 476 -24.79 3.10 -32.03
CA HIS C 476 -23.86 1.95 -32.14
C HIS C 476 -23.91 1.15 -30.85
N GLY C 477 -23.80 -0.17 -30.96
CA GLY C 477 -23.87 -1.09 -29.82
C GLY C 477 -22.87 -2.23 -29.98
N ASN C 478 -22.32 -2.70 -28.86
CA ASN C 478 -21.29 -3.76 -28.87
C ASN C 478 -21.60 -4.75 -27.75
N TRP C 479 -21.01 -5.94 -27.81
CA TRP C 479 -21.20 -7.04 -26.82
C TRP C 479 -19.87 -7.30 -26.10
N ALA C 480 -19.94 -7.72 -24.84
CA ALA C 480 -18.85 -8.31 -24.05
C ALA C 480 -19.39 -9.52 -23.29
N ASN C 481 -18.55 -10.43 -22.81
CA ASN C 481 -18.96 -11.60 -22.00
C ASN C 481 -18.92 -11.21 -20.52
N ALA C 482 -19.58 -12.01 -19.69
CA ALA C 482 -19.62 -11.87 -18.23
C ALA C 482 -18.19 -11.70 -17.68
N ASP C 483 -17.19 -12.35 -18.29
CA ASP C 483 -15.80 -12.37 -17.78
C ASP C 483 -15.02 -11.15 -18.28
N GLU C 484 -15.63 -10.26 -19.07
CA GLU C 484 -15.00 -9.00 -19.57
C GLU C 484 -15.45 -7.79 -18.73
N ILE C 485 -16.56 -7.92 -17.99
CA ILE C 485 -17.21 -6.80 -17.22
C ILE C 485 -17.24 -7.11 -15.72
N GLY C 486 -17.00 -8.37 -15.33
CA GLY C 486 -16.77 -8.80 -13.93
C GLY C 486 -18.00 -9.46 -13.33
N LEU C 487 -18.82 -10.17 -14.11
CA LEU C 487 -20.16 -10.69 -13.69
C LEU C 487 -20.22 -12.22 -13.88
N ALA C 488 -19.07 -12.90 -13.83
CA ALA C 488 -18.94 -14.35 -14.20
C ALA C 488 -19.68 -15.21 -13.16
FE FE D . 14.59 -21.44 29.24
O1 OXY E . 13.49 -20.26 29.38
O2 OXY E . 12.99 -20.62 30.41
FE FE F . 9.32 20.38 7.53
O1 OXY G . 9.71 21.61 8.66
O2 OXY G . 9.02 21.08 9.50
FE FE H . -21.20 5.36 -36.86
O1 OXY I . -22.72 6.21 -37.07
O2 OXY I . -22.59 6.89 -36.09
#